data_7Y9Y
#
_entry.id   7Y9Y
#
_cell.length_a   1.00
_cell.length_b   1.00
_cell.length_c   1.00
_cell.angle_alpha   90.00
_cell.angle_beta   90.00
_cell.angle_gamma   90.00
#
_symmetry.space_group_name_H-M   'P 1'
#
loop_
_entity.id
_entity.type
_entity.pdbx_description
1 polymer 'RNA (38-MER)'
2 polymer 'RNA (27-MER)'
3 polymer 'CRISPR-associated RAMP family protein'
4 polymer 'CHAT domain-containing protein'
5 non-polymer 'ZINC ION'
#
loop_
_entity_poly.entity_id
_entity_poly.type
_entity_poly.pdbx_seq_one_letter_code
_entity_poly.pdbx_strand_id
1 'polyribonucleotide' UUGAUGUCACGGAACCUUUGUUGUCUUCGACAUGGGUA R
2 'polyribonucleotide' GGAUUACCCAUGUCGAAGACAACAAAG D
3 'polypeptide(L)'
;MTTTMKISIEFLEPFRMTKWQESTRRNKNNKEFVRGQAFARWHRNKKDNTKGRPYITGTLLRSAVIRSAENLLTLSDGKI
SEKTCCPGKFDTEDKDRLLQLRQRSTLRWTDKNPCPDNAETYCPFCELLGRSGNDGKKAEKKDWRFRIHFGNLSLPGKPD
FDGPKAIGSQRVLNRVDFKSGKAHDFFKAYEVDHTRFPRFEGEITIDNKVSAEARKLLCDSLKFTDRLCGALCVIRFDEY
TPAADSGKQTENVQAEPNANLAEKTAEQIISILDDNKKTEYTRLLADAIRSLRRSSKLVAGLPKDHDGKDDHYLWDIGKK
KKDENSVTIRQILTTSADTKELKNAGKWREFCEKLGEALYLKSKDMSGGLKITRRILGDAEFHGKPDRLEKSRSVSIGSV
LKETVVCGELVAKTPFFFGAIDEDAKQTALQVLLTPDNKYRLPRSAVRGILRRDLQTYFDSPCNAELGGRPCMCKTCRIM
RGITVMDARSEYNAPPEIRHRTRINPFTGTVAEGALFNMEVAPEGIVFPFQLRYRGSEDGLPDALKTVLKWWAEGQAFMS
GAASTGKGRFRMENAKYETLDLSDENQRNDYLKNWGWRDEKGLEELKKRLNSGLPEPGNYRDPKWHEINVSIEMASPFIN
GDPIRAAVDKRGTAVVTFVKYKAEGEEAKPVCAYKAESFRGVIRSAVARIHMEDGVPLTELTHSDCECLLCQIFGSEYEA
GKIRFEDLVFESDPEPVTFDHVAIDRFTGGAADKKKFDDSPLPGSPARPLMLKGSFWIRRDVLEDEEYCKALGKALADVN
NGLYPLGGKSAIGYGQVKSLGIKGDDKRISRLMNPAFDETDVAVPEKPKTDAEVRIEAEKVYYPHYFVEPHKKVEREEKP
CGHQKFHEGRLTGKIRCKLITKTPLIVPDTSNDDFFRPADKEARKEKDEYHKSYAFFRLHKQIMIPGSELRGMVSSVYET
VTNSCFRIFDETKRLSWRMDADHQNVLQDFLPGRVTADGKHIQKFSETARVPFYDKTQKHFDILDEQEIAGEKPVRMWVK
RFIKRLSLVDPAKHPQKKQDNKWKRRKEGIATFIEQKNGSYYFNVVTNNGCTSFHLWHKPDNFDQEKLEGIQNGEKLDCW
VRDSRYQKAFQEIPENDPDGWECKEGYLHVVGPSKVEFSDKKGDVINNFQGTLPSVPNDWKTIRTNDFKNRKRKNEPVFC
CEDDKGNYYTMAKYCETFFFDLKENEEYEIPEKARIKYKELLRVYNNNPQAVPESVFQSRVARENVEKLKSGDLVYFKHN
EKYVEDIVPVRISRTVDDRMIGKRMSADLRPCHGDWVEDGDLSALNAYPEKRLLLRHPKGLCPACRLFGTGSYKGRVRFG
FASLENDPEWLIPGKNPGDPFHGGPVMLSLLERPRPTWSIPGSDNKFKVPGRKFYVHHHAWKTIKDGNHPTTGKAIEQSP
NNRTVEALAGGNSFSFEIAFENLKEWELGLLIHSLQLEKGLAHKLGMAKSMGFGSVEIDVESVRLRKDWKQWRNGNSEIP
NWLGKGFAKLKEWFRDELDFIENLKKLLWFPEGDQAPRVCYPMLRKKDDPNGNSGYEELKDGEFKKEDRQKKLTTPWTPW
ASSGLVPRGSHHHHHHH
;
A
4 'polypeptide(L)'
;MSNPIRDIQDRLKTAKFDNKDDMMNLASSLYKYEKQLMDSSEATLCQQGLSNRPNSFSQLSQFRDSDIQSKAGGQTGKFW
QNEYEACKNFQTHKERRETLEQIIRFLQNGAEEKDADDLLLKTLARAYFHRGLLYRPKGFSVPARKVEAMKKAIAYCEII
LDKNEEESEALRIWLYAAMELRRCGEEYPENFAEKLFYLANDGFISELYDIRLFLEYTEREEDNNFLDMILQENQDRERL
FELCLYKARACFHLNQLNDVRIYGESAIDNAPGAFADPFWDELVEFIRMLRNKKSELWKEIAIKAWDKCREKEMKVGNNI
YLSWYWARQRELYDLAFMAQDGIEKKTRIADSLKSRTTLRIQELNELRKDAHRKQNRRLEDKLDRIIEQENEARDGAYLR
RNPPCFTGGKREEIPFARLPQNWIAVHFYLNELESHEGGKGGHALIYDPQKAEKDQWQDKSFDYKELHRKFLEWQENYIL
NEEGSADFLVTLCREIEKAMPFLFKSEVIPEDRPVLWIPHGFLHRLPLHAAMKSGNNSNIEIFWERHASRYLPAWHLFDP
APYSREESSTLLKNFEEYDFQNLENGEIEVYAPSSPKKVKEAIRENPAILLLLCHGEADMTNPFRSCLKLKNKDMTIFDL
LTVEDVRLSGSRILLGACESDMVPPLEFSVDEHLSVSGAFLSHKAGEIVAGLWTVDSEKVDECYSYLVEEKDFLRNLQEW
QMAETENFRSENDSSLFYKIAPFRIIGFPAE
;
B
#
loop_
_chem_comp.id
_chem_comp.type
_chem_comp.name
_chem_comp.formula
A RNA linking ADENOSINE-5'-MONOPHOSPHATE 'C10 H14 N5 O7 P'
C RNA linking CYTIDINE-5'-MONOPHOSPHATE 'C9 H14 N3 O8 P'
G RNA linking GUANOSINE-5'-MONOPHOSPHATE 'C10 H14 N5 O8 P'
U RNA linking URIDINE-5'-MONOPHOSPHATE 'C9 H13 N2 O9 P'
ZN non-polymer 'ZINC ION' 'Zn 2'
#
# COMPACT_ATOMS: atom_id res chain seq x y z
N MET C 1 -55.23 46.22 -32.27
CA MET C 1 -55.66 45.17 -31.35
C MET C 1 -55.07 43.83 -31.75
N THR C 2 -54.67 43.04 -30.75
CA THR C 2 -54.04 41.75 -31.00
C THR C 2 -54.39 40.79 -29.89
N THR C 3 -54.27 39.50 -30.19
CA THR C 3 -54.53 38.42 -29.24
C THR C 3 -53.23 37.74 -28.89
N THR C 4 -53.03 37.46 -27.60
CA THR C 4 -51.84 36.80 -27.11
C THR C 4 -52.16 35.36 -26.74
N MET C 5 -51.37 34.42 -27.24
CA MET C 5 -51.48 33.02 -26.87
C MET C 5 -50.24 32.62 -26.09
N LYS C 6 -50.44 31.98 -24.94
CA LYS C 6 -49.31 31.63 -24.09
C LYS C 6 -48.76 30.26 -24.47
N ILE C 7 -47.44 30.18 -24.59
CA ILE C 7 -46.76 28.98 -25.07
C ILE C 7 -45.87 28.44 -23.96
N SER C 8 -45.86 27.12 -23.82
CA SER C 8 -45.08 26.43 -22.81
C SER C 8 -44.27 25.34 -23.48
N ILE C 9 -42.96 25.30 -23.20
CA ILE C 9 -42.06 24.28 -23.72
C ILE C 9 -41.70 23.36 -22.56
N GLU C 10 -41.98 22.07 -22.72
CA GLU C 10 -41.59 21.04 -21.76
C GLU C 10 -40.51 20.19 -22.40
N PHE C 11 -39.35 20.12 -21.76
CA PHE C 11 -38.22 19.38 -22.29
C PHE C 11 -38.23 17.94 -21.79
N LEU C 12 -38.03 17.01 -22.72
CA LEU C 12 -37.95 15.59 -22.40
C LEU C 12 -36.53 15.07 -22.34
N GLU C 13 -35.54 15.94 -22.48
CA GLU C 13 -34.13 15.58 -22.50
C GLU C 13 -33.33 16.70 -21.85
N PRO C 14 -32.10 16.42 -21.42
CA PRO C 14 -31.19 17.50 -21.03
C PRO C 14 -30.86 18.36 -22.24
N PHE C 15 -31.19 19.65 -22.14
CA PHE C 15 -30.96 20.57 -23.26
C PHE C 15 -29.61 21.24 -23.12
N ARG C 16 -29.23 21.96 -24.16
CA ARG C 16 -27.89 22.54 -24.26
C ARG C 16 -27.95 24.06 -24.17
N MET C 17 -26.93 24.62 -23.53
CA MET C 17 -26.83 26.04 -23.27
C MET C 17 -25.42 26.51 -23.59
N THR C 18 -25.31 27.77 -23.98
CA THR C 18 -24.03 28.39 -24.29
C THR C 18 -23.47 29.11 -23.07
N LYS C 19 -22.36 29.81 -23.25
CA LYS C 19 -21.78 30.63 -22.20
C LYS C 19 -22.03 32.09 -22.53
N TRP C 20 -22.23 32.89 -21.48
CA TRP C 20 -22.43 34.32 -21.66
C TRP C 20 -21.19 34.94 -22.30
N GLN C 21 -21.42 35.83 -23.26
CA GLN C 21 -20.34 36.49 -23.99
C GLN C 21 -20.53 38.00 -23.92
N GLU C 22 -19.42 38.72 -24.05
CA GLU C 22 -19.44 40.18 -23.95
C GLU C 22 -20.29 40.78 -25.05
N SER C 23 -20.87 41.94 -24.76
CA SER C 23 -21.79 42.57 -25.69
C SER C 23 -21.14 42.92 -27.02
N THR C 24 -19.81 43.04 -27.05
CA THR C 24 -19.10 43.25 -28.30
C THR C 24 -18.84 41.93 -29.04
N ARG C 25 -18.76 40.83 -28.29
CA ARG C 25 -18.55 39.51 -28.89
C ARG C 25 -19.78 38.98 -29.61
N ARG C 26 -20.92 39.66 -29.48
CA ARG C 26 -22.18 39.20 -30.06
C ARG C 26 -22.27 39.63 -31.52
N ASN C 27 -21.34 39.12 -32.33
CA ASN C 27 -21.23 39.50 -33.72
C ASN C 27 -21.04 38.26 -34.60
N LYS C 28 -21.04 38.49 -35.91
CA LYS C 28 -20.90 37.39 -36.87
C LYS C 28 -19.51 36.77 -36.83
N ASN C 29 -18.49 37.54 -36.48
CA ASN C 29 -17.12 37.05 -36.56
C ASN C 29 -16.80 36.07 -35.43
N ASN C 30 -17.51 36.18 -34.31
CA ASN C 30 -17.23 35.31 -33.17
C ASN C 30 -17.66 33.89 -33.50
N LYS C 31 -16.68 32.98 -33.55
CA LYS C 31 -16.98 31.58 -33.87
C LYS C 31 -17.81 30.92 -32.77
N GLU C 32 -17.49 31.20 -31.52
CA GLU C 32 -18.21 30.56 -30.42
C GLU C 32 -19.63 31.09 -30.31
N PHE C 33 -19.83 32.37 -30.60
CA PHE C 33 -21.18 32.94 -30.55
C PHE C 33 -22.07 32.35 -31.63
N VAL C 34 -21.53 32.15 -32.84
CA VAL C 34 -22.35 31.64 -33.93
C VAL C 34 -22.51 30.13 -33.84
N ARG C 35 -21.56 29.44 -33.20
CA ARG C 35 -21.71 28.00 -33.00
C ARG C 35 -22.85 27.70 -32.04
N GLY C 36 -23.13 28.60 -31.10
CA GLY C 36 -24.16 28.37 -30.10
C GLY C 36 -25.43 29.15 -30.32
N GLN C 37 -25.85 29.31 -31.58
CA GLN C 37 -27.08 30.01 -31.89
C GLN C 37 -28.29 29.10 -31.96
N ALA C 38 -28.13 27.80 -31.71
CA ALA C 38 -29.23 26.86 -31.64
C ALA C 38 -29.41 26.31 -30.23
N PHE C 39 -28.84 26.97 -29.23
CA PHE C 39 -28.85 26.52 -27.85
C PHE C 39 -29.59 27.54 -27.00
N ALA C 40 -29.82 27.16 -25.74
CA ALA C 40 -30.35 28.11 -24.78
C ALA C 40 -29.28 29.14 -24.42
N ARG C 41 -29.73 30.25 -23.83
CA ARG C 41 -28.84 31.36 -23.51
C ARG C 41 -28.89 31.64 -22.02
N TRP C 42 -27.79 32.16 -21.51
CA TRP C 42 -27.68 32.58 -20.11
C TRP C 42 -27.75 34.10 -20.01
N HIS C 43 -28.57 34.58 -19.08
CA HIS C 43 -28.80 35.99 -18.85
C HIS C 43 -28.15 36.39 -17.54
N ARG C 44 -27.27 37.38 -17.59
CA ARG C 44 -26.61 37.91 -16.41
C ARG C 44 -27.37 39.14 -15.91
N ASN C 45 -27.77 39.11 -14.64
CA ASN C 45 -28.42 40.28 -14.06
C ASN C 45 -27.51 41.50 -14.11
N LYS C 46 -26.24 41.33 -13.74
CA LYS C 46 -25.22 42.35 -13.85
C LYS C 46 -24.04 41.79 -14.64
N LYS C 47 -23.37 42.67 -15.38
CA LYS C 47 -22.39 42.21 -16.35
C LYS C 47 -21.22 41.48 -15.70
N ASP C 48 -20.74 41.97 -14.56
CA ASP C 48 -19.54 41.44 -13.95
C ASP C 48 -19.81 40.37 -12.89
N ASN C 49 -21.07 39.99 -12.69
CA ASN C 49 -21.42 38.94 -11.74
C ASN C 49 -22.16 37.83 -12.48
N THR C 50 -21.76 36.58 -12.20
CA THR C 50 -22.31 35.43 -12.92
C THR C 50 -23.76 35.14 -12.57
N LYS C 51 -24.33 35.81 -11.55
CA LYS C 51 -25.71 35.58 -11.20
C LYS C 51 -26.63 35.86 -12.40
N GLY C 52 -27.56 34.96 -12.63
CA GLY C 52 -28.43 35.08 -13.79
C GLY C 52 -29.39 33.92 -13.87
N ARG C 53 -29.90 33.70 -15.08
CA ARG C 53 -30.96 32.71 -15.30
C ARG C 53 -30.99 32.33 -16.77
N PRO C 54 -31.52 31.15 -17.11
CA PRO C 54 -31.59 30.76 -18.52
C PRO C 54 -32.79 31.37 -19.23
N TYR C 55 -32.69 31.42 -20.56
CA TYR C 55 -33.81 31.81 -21.40
C TYR C 55 -33.58 31.29 -22.81
N ILE C 56 -34.66 31.24 -23.58
CA ILE C 56 -34.63 30.86 -24.98
C ILE C 56 -35.24 31.99 -25.79
N THR C 57 -34.53 32.42 -26.84
CA THR C 57 -35.00 33.54 -27.64
C THR C 57 -36.21 33.14 -28.47
N GLY C 58 -36.99 34.15 -28.87
CA GLY C 58 -38.10 33.93 -29.77
C GLY C 58 -37.69 33.72 -31.22
N THR C 59 -36.49 34.16 -31.59
CA THR C 59 -35.98 33.92 -32.94
C THR C 59 -35.76 32.44 -33.20
N LEU C 60 -35.23 31.72 -32.20
CA LEU C 60 -35.02 30.29 -32.37
C LEU C 60 -36.34 29.55 -32.55
N LEU C 61 -37.33 29.88 -31.71
CA LEU C 61 -38.64 29.25 -31.84
C LEU C 61 -39.29 29.61 -33.17
N ARG C 62 -39.13 30.85 -33.61
CA ARG C 62 -39.67 31.23 -34.91
C ARG C 62 -39.04 30.45 -36.04
N SER C 63 -37.72 30.26 -35.98
CA SER C 63 -37.03 29.48 -37.03
C SER C 63 -37.52 28.03 -37.04
N ALA C 64 -37.67 27.44 -35.86
CA ALA C 64 -38.18 26.08 -35.78
C ALA C 64 -39.60 25.99 -36.32
N VAL C 65 -40.43 26.99 -36.01
CA VAL C 65 -41.81 27.01 -36.50
C VAL C 65 -41.83 27.15 -38.02
N ILE C 66 -40.94 27.97 -38.58
CA ILE C 66 -40.87 28.13 -40.03
C ILE C 66 -40.46 26.82 -40.70
N ARG C 67 -39.48 26.13 -40.13
CA ARG C 67 -39.07 24.84 -40.70
C ARG C 67 -40.21 23.83 -40.65
N SER C 68 -40.91 23.76 -39.51
CA SER C 68 -42.03 22.84 -39.39
C SER C 68 -43.16 23.20 -40.36
N ALA C 69 -43.38 24.51 -40.58
CA ALA C 69 -44.40 24.93 -41.53
C ALA C 69 -44.02 24.56 -42.96
N GLU C 70 -42.73 24.69 -43.30
CA GLU C 70 -42.28 24.24 -44.61
C GLU C 70 -42.56 22.75 -44.79
N ASN C 71 -42.23 21.95 -43.77
CA ASN C 71 -42.50 20.51 -43.86
C ASN C 71 -43.99 20.24 -44.03
N LEU C 72 -44.82 20.88 -43.21
CA LEU C 72 -46.26 20.63 -43.24
C LEU C 72 -46.87 21.03 -44.58
N LEU C 73 -46.45 22.18 -45.13
CA LEU C 73 -46.93 22.58 -46.44
C LEU C 73 -46.44 21.65 -47.54
N THR C 74 -45.23 21.12 -47.42
CA THR C 74 -44.75 20.14 -48.40
C THR C 74 -45.59 18.86 -48.34
N LEU C 75 -46.06 18.48 -47.15
CA LEU C 75 -46.89 17.29 -47.02
C LEU C 75 -48.33 17.51 -47.47
N SER C 76 -48.78 18.76 -47.60
CA SER C 76 -50.16 19.05 -47.97
C SER C 76 -50.26 19.75 -49.32
N ASP C 77 -49.24 19.68 -50.16
CA ASP C 77 -49.21 20.33 -51.48
C ASP C 77 -49.39 21.84 -51.36
N GLY C 78 -48.92 22.43 -50.27
CA GLY C 78 -48.96 23.87 -50.10
C GLY C 78 -50.32 24.46 -49.81
N LYS C 79 -51.31 23.64 -49.47
CA LYS C 79 -52.67 24.10 -49.24
C LYS C 79 -52.98 24.00 -47.76
N ILE C 80 -53.13 25.15 -47.11
CA ILE C 80 -53.62 25.23 -45.75
C ILE C 80 -55.07 25.74 -45.82
N SER C 81 -56.00 24.89 -45.39
CA SER C 81 -57.44 25.15 -45.56
C SER C 81 -57.68 25.34 -47.06
N GLU C 82 -58.46 26.35 -47.47
CA GLU C 82 -58.70 26.55 -48.89
C GLU C 82 -57.51 27.22 -49.57
N LYS C 83 -56.82 28.11 -48.88
CA LYS C 83 -55.78 28.92 -49.49
C LYS C 83 -54.54 28.08 -49.83
N THR C 84 -53.82 28.55 -50.84
CA THR C 84 -52.55 27.97 -51.27
C THR C 84 -51.41 28.92 -50.89
N CYS C 85 -50.21 28.37 -50.82
CA CYS C 85 -49.04 29.12 -50.36
C CYS C 85 -47.98 29.16 -51.43
N CYS C 86 -47.34 30.32 -51.59
CA CYS C 86 -46.19 30.45 -52.46
C CYS C 86 -44.96 29.85 -51.79
N PRO C 87 -43.87 29.64 -52.53
CA PRO C 87 -42.66 29.07 -51.91
C PRO C 87 -42.02 29.97 -50.86
N GLY C 88 -42.44 31.22 -50.74
CA GLY C 88 -41.83 32.15 -49.81
C GLY C 88 -40.58 32.79 -50.36
N LYS C 89 -40.08 33.79 -49.63
CA LYS C 89 -38.92 34.55 -50.05
C LYS C 89 -37.82 34.39 -49.01
N PHE C 90 -36.63 33.99 -49.46
CA PHE C 90 -35.47 33.81 -48.59
C PHE C 90 -34.23 34.46 -49.19
N ASP C 91 -34.41 35.56 -49.90
CA ASP C 91 -33.31 36.29 -50.54
C ASP C 91 -33.34 37.73 -50.04
N THR C 92 -32.30 38.13 -49.29
CA THR C 92 -32.14 39.49 -48.83
C THR C 92 -30.94 40.10 -49.54
N GLU C 93 -31.05 41.38 -49.91
CA GLU C 93 -29.98 41.99 -50.70
C GLU C 93 -28.79 42.36 -49.84
N ASP C 94 -29.04 42.86 -48.62
CA ASP C 94 -27.97 43.26 -47.71
C ASP C 94 -27.74 42.15 -46.69
N LYS C 95 -26.95 41.16 -47.12
CA LYS C 95 -26.77 39.94 -46.34
C LYS C 95 -26.01 40.20 -45.05
N ASP C 96 -25.22 41.27 -45.00
CA ASP C 96 -24.22 41.45 -43.95
C ASP C 96 -24.87 41.64 -42.57
N ARG C 97 -26.04 42.26 -42.52
CA ARG C 97 -26.69 42.48 -41.22
C ARG C 97 -27.14 41.16 -40.61
N LEU C 98 -27.47 40.18 -41.44
CA LEU C 98 -27.95 38.90 -40.94
C LEU C 98 -26.83 38.15 -40.23
N LEU C 99 -27.10 37.74 -39.00
CA LEU C 99 -26.11 36.99 -38.24
C LEU C 99 -25.83 35.63 -38.88
N GLN C 100 -26.87 34.98 -39.40
CA GLN C 100 -26.76 33.65 -39.98
C GLN C 100 -27.51 33.61 -41.30
N LEU C 101 -27.04 32.76 -42.20
CA LEU C 101 -27.68 32.52 -43.48
C LEU C 101 -28.04 31.04 -43.59
N ARG C 102 -29.04 30.76 -44.41
CA ARG C 102 -29.53 29.40 -44.56
C ARG C 102 -28.57 28.60 -45.44
N GLN C 103 -27.93 27.59 -44.86
CA GLN C 103 -27.07 26.68 -45.61
C GLN C 103 -27.82 25.44 -46.08
N ARG C 104 -29.07 25.26 -45.67
CA ARG C 104 -29.86 24.12 -46.05
C ARG C 104 -30.81 24.49 -47.18
N SER C 105 -31.22 23.48 -47.94
CA SER C 105 -32.17 23.69 -49.02
C SER C 105 -33.54 24.04 -48.45
N THR C 106 -34.31 24.80 -49.23
CA THR C 106 -35.66 25.18 -48.87
C THR C 106 -36.63 24.22 -49.54
N LEU C 107 -37.52 23.63 -48.74
CA LEU C 107 -38.49 22.68 -49.26
C LEU C 107 -39.41 23.36 -50.28
N ARG C 108 -39.61 22.69 -51.41
CA ARG C 108 -40.44 23.20 -52.50
C ARG C 108 -41.71 22.38 -52.61
N TRP C 109 -42.85 23.07 -52.71
CA TRP C 109 -44.13 22.41 -52.95
C TRP C 109 -44.76 22.87 -54.26
N THR C 110 -44.79 24.17 -54.51
CA THR C 110 -45.41 24.75 -55.68
C THR C 110 -44.42 25.61 -56.44
N ASP C 111 -44.65 25.76 -57.74
CA ASP C 111 -43.67 26.39 -58.61
C ASP C 111 -43.97 27.85 -58.95
N LYS C 112 -45.09 28.41 -58.50
CA LYS C 112 -45.35 29.79 -58.88
C LYS C 112 -44.43 30.72 -58.10
N ASN C 113 -44.32 31.95 -58.60
CA ASN C 113 -43.42 32.93 -58.01
C ASN C 113 -43.91 33.36 -56.63
N PRO C 114 -43.01 33.86 -55.78
CA PRO C 114 -43.44 34.34 -54.46
C PRO C 114 -44.40 35.50 -54.56
N CYS C 115 -45.02 35.80 -53.43
CA CYS C 115 -45.97 36.91 -53.35
C CYS C 115 -45.27 38.22 -53.69
N PRO C 116 -45.98 39.15 -54.32
CA PRO C 116 -45.35 40.44 -54.67
C PRO C 116 -44.85 41.16 -53.44
N ASP C 117 -43.73 41.89 -53.61
CA ASP C 117 -43.07 42.54 -52.49
C ASP C 117 -44.01 43.53 -51.79
N ASN C 118 -44.97 44.09 -52.51
CA ASN C 118 -46.01 44.94 -51.92
C ASN C 118 -47.34 44.50 -52.52
N ALA C 119 -48.10 43.70 -51.76
CA ALA C 119 -49.38 43.18 -52.22
C ALA C 119 -50.43 43.39 -51.14
N GLU C 120 -51.66 43.62 -51.57
CA GLU C 120 -52.76 43.77 -50.63
C GLU C 120 -53.01 42.47 -49.87
N THR C 121 -52.98 41.34 -50.57
CA THR C 121 -53.22 40.04 -49.97
C THR C 121 -51.94 39.20 -50.02
N TYR C 122 -51.62 38.56 -48.89
CA TYR C 122 -50.46 37.72 -48.77
C TYR C 122 -50.90 36.30 -48.41
N CYS C 123 -50.15 35.33 -48.92
CA CYS C 123 -50.44 33.93 -48.59
C CYS C 123 -50.13 33.66 -47.13
N PRO C 124 -50.76 32.65 -46.54
CA PRO C 124 -50.54 32.38 -45.10
C PRO C 124 -49.09 32.13 -44.73
N PHE C 125 -48.30 31.52 -45.62
CA PHE C 125 -46.90 31.28 -45.32
C PHE C 125 -46.13 32.58 -45.19
N CYS C 126 -46.52 33.59 -45.98
CA CYS C 126 -45.88 34.90 -45.85
C CYS C 126 -46.30 35.61 -44.59
N GLU C 127 -47.57 35.46 -44.18
CA GLU C 127 -48.00 36.03 -42.91
C GLU C 127 -47.26 35.41 -41.75
N LEU C 128 -47.05 34.09 -41.79
CA LEU C 128 -46.24 33.44 -40.77
C LEU C 128 -44.78 33.90 -40.85
N LEU C 129 -44.27 34.12 -42.06
CA LEU C 129 -42.93 34.67 -42.21
C LEU C 129 -42.84 36.08 -41.64
N GLY C 130 -43.86 36.89 -41.86
CA GLY C 130 -43.85 38.28 -41.45
C GLY C 130 -43.76 39.28 -42.59
N ARG C 131 -43.91 38.84 -43.84
CA ARG C 131 -43.82 39.76 -44.97
C ARG C 131 -44.93 40.80 -44.94
N SER C 132 -46.14 40.39 -44.57
CA SER C 132 -47.27 41.31 -44.50
C SER C 132 -47.19 42.18 -43.25
N PHE C 146 -45.53 44.11 -36.53
CA PHE C 146 -45.38 42.70 -36.18
C PHE C 146 -46.71 41.96 -36.24
N ARG C 147 -46.98 41.31 -37.38
CA ARG C 147 -48.20 40.53 -37.50
C ARG C 147 -48.20 39.33 -36.56
N ILE C 148 -47.09 38.59 -36.52
CA ILE C 148 -46.88 37.51 -35.57
C ILE C 148 -45.55 37.79 -34.87
N HIS C 149 -45.59 37.89 -33.54
CA HIS C 149 -44.40 38.19 -32.75
C HIS C 149 -44.17 37.05 -31.76
N PHE C 150 -43.04 36.36 -31.92
CA PHE C 150 -42.61 35.38 -30.94
C PHE C 150 -41.80 36.09 -29.85
N GLY C 151 -42.20 35.88 -28.60
CA GLY C 151 -41.46 36.39 -27.47
C GLY C 151 -40.47 35.37 -26.93
N ASN C 152 -39.65 35.82 -26.00
CA ASN C 152 -38.67 34.95 -25.37
C ASN C 152 -39.34 34.05 -24.34
N LEU C 153 -38.76 32.88 -24.15
CA LEU C 153 -39.28 31.89 -23.21
C LEU C 153 -38.37 31.85 -21.99
N SER C 154 -38.97 31.96 -20.81
CA SER C 154 -38.24 32.06 -19.55
C SER C 154 -38.86 31.12 -18.53
N LEU C 155 -38.12 30.87 -17.46
CA LEU C 155 -38.60 29.99 -16.41
C LEU C 155 -39.76 30.64 -15.66
N PRO C 156 -40.72 29.83 -15.20
CA PRO C 156 -41.86 30.39 -14.45
C PRO C 156 -41.41 31.07 -13.17
N GLY C 157 -41.76 32.34 -13.04
CA GLY C 157 -41.37 33.14 -11.90
C GLY C 157 -40.03 33.83 -12.04
N LYS C 158 -39.26 33.54 -13.09
CA LYS C 158 -37.97 34.15 -13.35
C LYS C 158 -37.02 34.15 -12.14
N PRO C 159 -36.67 32.98 -11.62
CA PRO C 159 -35.73 32.93 -10.49
C PRO C 159 -34.32 33.28 -10.94
N ASP C 160 -33.41 33.32 -9.97
CA ASP C 160 -32.01 33.64 -10.20
C ASP C 160 -31.12 32.59 -9.56
N PHE C 161 -29.96 32.38 -10.17
CA PHE C 161 -29.00 31.38 -9.73
C PHE C 161 -27.60 31.99 -9.73
N ASP C 162 -26.72 31.38 -8.94
CA ASP C 162 -25.38 31.94 -8.76
C ASP C 162 -24.61 31.99 -10.07
N GLY C 163 -24.76 30.97 -10.90
CA GLY C 163 -24.11 30.93 -12.19
C GLY C 163 -24.63 29.81 -13.05
N PRO C 164 -24.08 29.66 -14.25
CA PRO C 164 -24.50 28.54 -15.11
C PRO C 164 -24.20 27.18 -14.52
N LYS C 165 -23.25 27.09 -13.58
CA LYS C 165 -22.94 25.82 -12.94
C LYS C 165 -23.95 25.45 -11.87
N ALA C 166 -24.80 26.39 -11.45
CA ALA C 166 -25.84 26.05 -10.49
C ALA C 166 -27.00 25.33 -11.14
N ILE C 167 -27.12 25.42 -12.46
CA ILE C 167 -28.21 24.77 -13.19
C ILE C 167 -27.74 23.63 -14.07
N GLY C 168 -26.46 23.58 -14.42
CA GLY C 168 -25.97 22.54 -15.31
C GLY C 168 -24.46 22.43 -15.22
N SER C 169 -23.91 21.59 -16.08
CA SER C 169 -22.47 21.36 -16.14
C SER C 169 -22.02 21.38 -17.59
N GLN C 170 -20.74 21.70 -17.78
CA GLN C 170 -20.14 21.77 -19.11
C GLN C 170 -19.50 20.44 -19.45
N ARG C 171 -19.76 19.95 -20.65
CA ARG C 171 -19.24 18.67 -21.11
C ARG C 171 -18.47 18.86 -22.41
N VAL C 172 -17.44 18.03 -22.60
CA VAL C 172 -16.63 18.04 -23.80
C VAL C 172 -17.23 17.05 -24.78
N LEU C 173 -17.44 17.49 -26.02
CA LEU C 173 -17.96 16.65 -27.09
C LEU C 173 -16.97 16.68 -28.24
N ASN C 174 -16.34 15.53 -28.52
CA ASN C 174 -15.24 15.47 -29.47
C ASN C 174 -15.71 14.95 -30.81
N ARG C 175 -14.80 15.01 -31.78
CA ARG C 175 -15.02 14.45 -33.11
C ARG C 175 -13.87 13.52 -33.44
N VAL C 176 -14.18 12.27 -33.75
CA VAL C 176 -13.18 11.24 -33.97
C VAL C 176 -12.97 11.02 -35.46
N ASP C 177 -11.84 10.43 -35.79
CA ASP C 177 -11.54 10.02 -37.16
C ASP C 177 -12.02 8.59 -37.37
N PHE C 178 -12.72 8.36 -38.48
CA PHE C 178 -13.28 7.04 -38.74
C PHE C 178 -12.20 6.00 -38.94
N LYS C 179 -11.13 6.33 -39.66
CA LYS C 179 -10.10 5.35 -39.96
C LYS C 179 -9.23 5.06 -38.73
N SER C 180 -8.68 6.11 -38.11
CA SER C 180 -7.80 5.90 -36.97
C SER C 180 -8.58 5.46 -35.74
N GLY C 181 -9.81 5.93 -35.58
CA GLY C 181 -10.57 5.67 -34.38
C GLY C 181 -10.22 6.58 -33.22
N LYS C 182 -9.57 7.70 -33.48
CA LYS C 182 -9.10 8.62 -32.45
C LYS C 182 -9.64 10.02 -32.74
N ALA C 183 -9.97 10.75 -31.68
CA ALA C 183 -10.48 12.10 -31.83
C ALA C 183 -9.39 13.04 -32.30
N HIS C 184 -9.80 14.10 -33.01
CA HIS C 184 -8.88 15.12 -33.48
C HIS C 184 -9.28 16.53 -33.10
N ASP C 185 -10.47 16.74 -32.56
CA ASP C 185 -10.88 18.04 -32.04
C ASP C 185 -12.08 17.82 -31.14
N PHE C 186 -12.50 18.89 -30.46
CA PHE C 186 -13.63 18.81 -29.54
C PHE C 186 -14.20 20.21 -29.32
N PHE C 187 -15.43 20.25 -28.80
CA PHE C 187 -16.07 21.49 -28.38
C PHE C 187 -16.83 21.22 -27.09
N LYS C 188 -17.30 22.29 -26.46
CA LYS C 188 -17.96 22.21 -25.16
C LYS C 188 -19.30 22.94 -25.19
N ALA C 189 -20.21 22.51 -24.32
CA ALA C 189 -21.48 23.19 -24.10
C ALA C 189 -21.99 22.80 -22.72
N TYR C 190 -22.87 23.64 -22.17
CA TYR C 190 -23.49 23.33 -20.89
C TYR C 190 -24.70 22.44 -21.12
N GLU C 191 -24.87 21.44 -20.28
CA GLU C 191 -26.02 20.55 -20.37
C GLU C 191 -26.87 20.73 -19.12
N VAL C 192 -28.14 21.07 -19.32
CA VAL C 192 -29.07 21.36 -18.25
C VAL C 192 -30.13 20.27 -18.22
N ASP C 193 -30.34 19.69 -17.05
CA ASP C 193 -31.26 18.59 -16.89
C ASP C 193 -32.71 19.05 -16.98
N HIS C 194 -33.54 18.24 -17.63
CA HIS C 194 -34.97 18.51 -17.72
C HIS C 194 -35.72 18.12 -16.47
N THR C 195 -35.11 17.31 -15.60
CA THR C 195 -35.75 16.96 -14.34
C THR C 195 -35.80 18.15 -13.40
N ARG C 196 -34.79 19.02 -13.45
CA ARG C 196 -34.75 20.19 -12.60
C ARG C 196 -35.40 21.41 -13.23
N PHE C 197 -35.29 21.56 -14.55
CA PHE C 197 -35.81 22.73 -15.27
C PHE C 197 -36.59 22.26 -16.49
N PRO C 198 -37.78 21.72 -16.29
CA PRO C 198 -38.52 21.11 -17.41
C PRO C 198 -39.25 22.10 -18.30
N ARG C 199 -39.68 23.23 -17.75
CA ARG C 199 -40.64 24.10 -18.42
C ARG C 199 -40.09 25.49 -18.64
N PHE C 200 -40.39 26.04 -19.82
CA PHE C 200 -40.18 27.45 -20.14
C PHE C 200 -41.49 28.02 -20.65
N GLU C 201 -41.71 29.31 -20.39
CA GLU C 201 -42.97 29.96 -20.75
C GLU C 201 -42.71 31.24 -21.52
N GLY C 202 -43.60 31.51 -22.47
CA GLY C 202 -43.52 32.71 -23.28
C GLY C 202 -44.87 33.00 -23.89
N GLU C 203 -44.90 33.97 -24.81
CA GLU C 203 -46.14 34.34 -25.46
C GLU C 203 -45.91 34.62 -26.93
N ILE C 204 -46.92 34.33 -27.74
CA ILE C 204 -46.96 34.70 -29.15
C ILE C 204 -48.09 35.69 -29.35
N THR C 205 -47.78 36.82 -29.97
CA THR C 205 -48.76 37.88 -30.17
C THR C 205 -49.17 37.90 -31.65
N ILE C 206 -50.46 37.75 -31.90
CA ILE C 206 -50.99 37.65 -33.26
C ILE C 206 -51.97 38.80 -33.48
N ASP C 207 -51.76 39.55 -34.56
CA ASP C 207 -52.65 40.67 -34.87
C ASP C 207 -54.01 40.16 -35.32
N ASN C 208 -55.03 41.01 -35.12
CA ASN C 208 -56.39 40.62 -35.48
C ASN C 208 -56.57 40.46 -36.98
N LYS C 209 -55.80 41.21 -37.77
CA LYS C 209 -55.92 41.14 -39.22
C LYS C 209 -55.34 39.86 -39.80
N VAL C 210 -54.60 39.09 -38.98
CA VAL C 210 -54.03 37.83 -39.46
C VAL C 210 -55.15 36.85 -39.81
N SER C 211 -54.98 36.18 -40.95
CA SER C 211 -55.97 35.21 -41.41
C SER C 211 -56.02 34.00 -40.48
N ALA C 212 -57.18 33.35 -40.45
CA ALA C 212 -57.33 32.15 -39.64
C ALA C 212 -56.48 31.01 -40.18
N GLU C 213 -56.22 31.00 -41.49
CA GLU C 213 -55.35 29.99 -42.07
C GLU C 213 -53.92 30.12 -41.53
N ALA C 214 -53.43 31.35 -41.37
CA ALA C 214 -52.12 31.55 -40.77
C ALA C 214 -52.09 31.08 -39.33
N ARG C 215 -53.18 31.30 -38.59
CA ARG C 215 -53.27 30.80 -37.21
C ARG C 215 -53.22 29.28 -37.17
N LYS C 216 -53.96 28.62 -38.07
CA LYS C 216 -53.94 27.16 -38.13
C LYS C 216 -52.55 26.65 -38.49
N LEU C 217 -51.89 27.31 -39.44
CA LEU C 217 -50.53 26.92 -39.80
C LEU C 217 -49.57 27.09 -38.62
N LEU C 218 -49.72 28.18 -37.87
CA LEU C 218 -48.87 28.40 -36.70
C LEU C 218 -49.09 27.31 -35.65
N CYS C 219 -50.36 26.96 -35.38
CA CYS C 219 -50.63 25.93 -34.39
C CYS C 219 -50.09 24.57 -34.84
N ASP C 220 -50.25 24.25 -36.12
CA ASP C 220 -49.71 22.99 -36.63
C ASP C 220 -48.19 22.97 -36.55
N SER C 221 -47.54 24.10 -36.85
CA SER C 221 -46.09 24.16 -36.76
C SER C 221 -45.62 24.08 -35.31
N LEU C 222 -46.43 24.58 -34.38
CA LEU C 222 -46.10 24.47 -32.97
C LEU C 222 -46.22 23.03 -32.48
N LYS C 223 -47.25 22.32 -32.94
CA LYS C 223 -47.40 20.92 -32.57
C LYS C 223 -46.44 20.00 -33.32
N PHE C 224 -45.91 20.44 -34.46
CA PHE C 224 -44.97 19.65 -35.25
C PHE C 224 -43.52 19.88 -34.87
N THR C 225 -43.24 20.86 -34.02
CA THR C 225 -41.89 21.19 -33.60
C THR C 225 -41.50 20.27 -32.46
N ASP C 226 -40.60 19.32 -32.73
CA ASP C 226 -40.27 18.29 -31.76
C ASP C 226 -38.92 18.48 -31.09
N ARG C 227 -38.02 19.28 -31.65
CA ARG C 227 -36.69 19.47 -31.07
C ARG C 227 -36.41 20.96 -30.93
N LEU C 228 -35.82 21.32 -29.80
CA LEU C 228 -35.35 22.69 -29.56
C LEU C 228 -34.20 22.63 -28.56
N CYS C 229 -33.17 23.44 -28.81
CA CYS C 229 -32.00 23.58 -27.94
C CYS C 229 -31.24 22.28 -27.77
N GLY C 230 -31.40 21.32 -28.66
CA GLY C 230 -30.72 20.05 -28.57
C GLY C 230 -31.45 18.97 -27.82
N ALA C 231 -32.77 19.08 -27.68
CA ALA C 231 -33.53 18.14 -26.88
C ALA C 231 -34.94 18.01 -27.46
N LEU C 232 -35.56 16.87 -27.19
CA LEU C 232 -36.97 16.68 -27.54
C LEU C 232 -37.85 17.54 -26.64
N CYS C 233 -38.82 18.22 -27.25
CA CYS C 233 -39.67 19.15 -26.54
C CYS C 233 -41.12 18.95 -26.93
N VAL C 234 -42.02 19.34 -26.04
CA VAL C 234 -43.45 19.39 -26.29
C VAL C 234 -43.87 20.83 -26.11
N ILE C 235 -44.43 21.44 -27.14
CA ILE C 235 -44.85 22.83 -27.09
C ILE C 235 -46.38 22.88 -27.02
N ARG C 236 -46.88 23.55 -25.99
CA ARG C 236 -48.31 23.66 -25.73
C ARG C 236 -48.72 25.12 -25.79
N PHE C 237 -49.97 25.37 -26.20
CA PHE C 237 -50.47 26.73 -26.29
C PHE C 237 -51.88 26.80 -25.72
N ASP C 238 -52.10 27.77 -24.85
CA ASP C 238 -53.41 27.97 -24.23
C ASP C 238 -54.00 29.32 -24.61
N ASN C 260 -21.15 21.48 5.89
CA ASN C 260 -19.82 21.82 6.38
C ASN C 260 -19.27 20.73 7.29
N LEU C 261 -20.07 19.69 7.50
CA LEU C 261 -19.64 18.58 8.36
C LEU C 261 -18.41 17.87 7.78
N ALA C 262 -18.37 17.73 6.46
CA ALA C 262 -17.25 17.03 5.83
C ALA C 262 -15.93 17.75 6.07
N GLU C 263 -15.93 19.08 5.98
CA GLU C 263 -14.70 19.83 6.20
C GLU C 263 -14.25 19.73 7.66
N LYS C 264 -15.18 19.81 8.61
CA LYS C 264 -14.83 19.67 10.01
C LYS C 264 -14.25 18.29 10.30
N THR C 265 -14.90 17.24 9.77
CA THR C 265 -14.40 15.89 9.96
C THR C 265 -13.03 15.71 9.34
N ALA C 266 -12.83 16.26 8.14
CA ALA C 266 -11.53 16.15 7.48
C ALA C 266 -10.45 16.85 8.28
N GLU C 267 -10.74 18.05 8.78
CA GLU C 267 -9.74 18.78 9.57
C GLU C 267 -9.42 18.04 10.86
N GLN C 268 -10.44 17.45 11.50
CA GLN C 268 -10.20 16.68 12.72
C GLN C 268 -9.31 15.48 12.43
N ILE C 269 -9.59 14.75 11.35
CA ILE C 269 -8.79 13.59 10.99
C ILE C 269 -7.37 14.01 10.65
N ILE C 270 -7.21 15.10 9.91
CA ILE C 270 -5.87 15.58 9.57
C ILE C 270 -5.09 15.96 10.82
N SER C 271 -5.75 16.66 11.75
CA SER C 271 -5.08 17.05 12.99
C SER C 271 -4.64 15.84 13.77
N ILE C 272 -5.49 14.82 13.85
CA ILE C 272 -5.11 13.58 14.54
C ILE C 272 -3.94 12.91 13.82
N LEU C 273 -3.92 12.98 12.49
CA LEU C 273 -2.82 12.39 11.74
C LEU C 273 -1.50 13.11 12.03
N ASP C 274 -1.52 14.44 12.08
CA ASP C 274 -0.26 15.17 12.31
C ASP C 274 0.20 15.05 13.75
N ASP C 275 -0.73 15.09 14.72
CA ASP C 275 -0.33 14.99 16.12
C ASP C 275 0.29 13.64 16.46
N ASN C 276 -0.08 12.58 15.73
CA ASN C 276 0.46 11.25 15.97
C ASN C 276 1.56 10.86 15.00
N LYS C 277 1.98 11.79 14.13
CA LYS C 277 3.06 11.55 13.17
C LYS C 277 2.74 10.36 12.26
N LYS C 278 1.56 10.42 11.64
CA LYS C 278 1.09 9.38 10.74
C LYS C 278 0.60 9.96 9.43
N THR C 279 1.35 10.91 8.87
CA THR C 279 0.91 11.58 7.65
C THR C 279 0.97 10.65 6.44
N GLU C 280 1.91 9.69 6.45
CA GLU C 280 2.12 8.85 5.27
C GLU C 280 0.87 8.07 4.88
N TYR C 281 -0.04 7.86 5.82
CA TYR C 281 -1.24 7.08 5.58
C TYR C 281 -2.37 7.89 4.94
N THR C 282 -2.18 9.19 4.76
CA THR C 282 -3.28 10.05 4.31
C THR C 282 -3.88 9.55 2.99
N ARG C 283 -3.04 9.27 2.00
CA ARG C 283 -3.57 8.81 0.72
C ARG C 283 -4.20 7.43 0.83
N LEU C 284 -3.77 6.61 1.79
CA LEU C 284 -4.48 5.37 2.03
C LEU C 284 -5.80 5.62 2.74
N LEU C 285 -5.84 6.64 3.60
CA LEU C 285 -7.08 6.98 4.28
C LEU C 285 -8.03 7.75 3.37
N ALA C 286 -7.49 8.53 2.44
CA ALA C 286 -8.35 9.26 1.51
C ALA C 286 -9.17 8.31 0.65
N ASP C 287 -8.51 7.30 0.09
CA ASP C 287 -9.19 6.39 -0.83
C ASP C 287 -10.12 5.44 -0.09
N ALA C 288 -9.66 4.87 1.03
CA ALA C 288 -10.46 3.89 1.76
C ALA C 288 -11.77 4.50 2.23
N ILE C 289 -11.71 5.71 2.79
CA ILE C 289 -12.93 6.40 3.20
C ILE C 289 -13.82 6.67 2.00
N ARG C 290 -13.21 6.98 0.84
CA ARG C 290 -14.01 7.11 -0.37
C ARG C 290 -14.69 5.79 -0.71
N SER C 291 -14.00 4.67 -0.50
CA SER C 291 -14.61 3.37 -0.73
C SER C 291 -15.81 3.14 0.18
N LEU C 292 -15.91 3.92 1.26
CA LEU C 292 -17.04 3.82 2.17
C LEU C 292 -18.30 4.50 1.63
N ARG C 293 -18.23 5.16 0.47
CA ARG C 293 -19.40 5.87 -0.04
C ARG C 293 -20.50 4.90 -0.46
N ARG C 294 -20.19 3.61 -0.58
CA ARG C 294 -21.20 2.64 -0.99
C ARG C 294 -22.27 2.45 0.09
N SER C 295 -21.84 2.36 1.35
CA SER C 295 -22.78 2.11 2.44
C SER C 295 -22.21 2.68 3.74
N SER C 296 -23.11 3.13 4.61
CA SER C 296 -22.70 3.58 5.93
C SER C 296 -22.47 2.41 6.87
N LYS C 297 -23.01 1.23 6.53
CA LYS C 297 -22.83 0.06 7.39
C LYS C 297 -21.38 -0.41 7.37
N LEU C 298 -20.63 -0.05 6.33
CA LEU C 298 -19.24 -0.49 6.21
C LEU C 298 -18.36 0.02 7.33
N VAL C 299 -18.76 1.08 8.03
CA VAL C 299 -17.98 1.59 9.14
C VAL C 299 -17.91 0.58 10.27
N ALA C 300 -19.03 -0.09 10.56
CA ALA C 300 -19.04 -1.11 11.60
C ALA C 300 -18.23 -2.35 11.22
N GLY C 301 -17.96 -2.55 9.94
CA GLY C 301 -17.20 -3.69 9.49
C GLY C 301 -15.76 -3.38 9.18
N LEU C 302 -15.27 -2.24 9.66
CA LEU C 302 -13.89 -1.87 9.44
C LEU C 302 -12.97 -2.85 10.17
N PRO C 303 -11.80 -3.15 9.58
CA PRO C 303 -10.93 -4.17 10.18
C PRO C 303 -10.40 -3.75 11.54
N LYS C 304 -10.23 -4.73 12.41
CA LYS C 304 -9.54 -4.56 13.68
C LYS C 304 -8.12 -5.12 13.57
N ASP C 305 -7.35 -4.92 14.64
CA ASP C 305 -6.01 -5.47 14.66
C ASP C 305 -6.03 -6.97 14.92
N HIS C 306 -4.87 -7.60 14.76
CA HIS C 306 -4.69 -8.97 15.21
C HIS C 306 -4.87 -9.04 16.73
N ASP C 307 -5.49 -10.12 17.20
CA ASP C 307 -6.00 -10.31 18.55
C ASP C 307 -7.34 -9.59 18.72
N GLY C 308 -7.84 -8.97 17.64
CA GLY C 308 -9.18 -8.43 17.61
C GLY C 308 -9.42 -7.16 18.38
N LYS C 309 -8.38 -6.49 18.84
CA LYS C 309 -8.55 -5.26 19.60
C LYS C 309 -8.60 -4.04 18.68
N ASP C 310 -8.90 -2.89 19.26
CA ASP C 310 -9.00 -1.63 18.51
C ASP C 310 -7.66 -0.92 18.47
N ASP C 311 -6.68 -1.56 17.83
CA ASP C 311 -5.35 -0.98 17.66
C ASP C 311 -4.97 -1.27 16.21
N HIS C 312 -5.88 -0.94 15.29
CA HIS C 312 -5.53 -0.98 13.88
C HIS C 312 -4.53 0.14 13.57
N TYR C 313 -3.63 -0.13 12.62
CA TYR C 313 -2.63 0.88 12.28
C TYR C 313 -3.20 2.01 11.45
N LEU C 314 -4.46 1.90 11.02
CA LEU C 314 -5.13 2.94 10.27
C LEU C 314 -6.36 3.49 10.97
N TRP C 315 -7.27 2.63 11.41
CA TRP C 315 -8.55 3.06 11.95
C TRP C 315 -8.50 3.42 13.42
N ASP C 316 -7.38 3.15 14.11
CA ASP C 316 -7.22 3.49 15.51
C ASP C 316 -5.98 4.34 15.74
N ILE C 317 -5.68 5.25 14.80
CA ILE C 317 -4.54 6.13 14.95
C ILE C 317 -4.77 7.12 16.08
N GLY C 318 -6.00 7.61 16.22
CA GLY C 318 -6.33 8.57 17.25
C GLY C 318 -6.20 8.07 18.68
N VAL C 327 -9.75 10.70 20.48
CA VAL C 327 -10.70 9.85 19.78
C VAL C 327 -10.04 9.25 18.55
N THR C 328 -10.37 7.99 18.26
CA THR C 328 -9.81 7.34 17.09
C THR C 328 -10.59 7.76 15.83
N ILE C 329 -9.95 7.56 14.68
CA ILE C 329 -10.62 7.83 13.40
C ILE C 329 -11.85 6.95 13.24
N ARG C 330 -11.81 5.73 13.80
CA ARG C 330 -12.98 4.87 13.79
C ARG C 330 -14.14 5.49 14.58
N GLN C 331 -13.83 6.12 15.71
CA GLN C 331 -14.88 6.81 16.47
C GLN C 331 -15.31 8.11 15.80
N ILE C 332 -14.44 8.75 15.01
CA ILE C 332 -14.89 9.88 14.21
C ILE C 332 -15.89 9.43 13.16
N LEU C 333 -15.61 8.32 12.47
CA LEU C 333 -16.48 7.83 11.41
C LEU C 333 -17.69 7.07 11.93
N THR C 334 -17.69 6.68 13.20
CA THR C 334 -18.85 6.00 13.78
C THR C 334 -19.93 6.96 14.24
N THR C 335 -19.55 8.11 14.81
CA THR C 335 -20.54 9.12 15.16
C THR C 335 -21.03 9.86 13.92
N SER C 336 -20.20 9.94 12.87
CA SER C 336 -20.64 10.53 11.61
C SER C 336 -21.69 9.68 10.91
N ALA C 337 -21.75 8.38 11.20
CA ALA C 337 -22.76 7.51 10.62
C ALA C 337 -24.06 7.50 11.41
N ASP C 338 -24.03 7.91 12.68
CA ASP C 338 -25.24 8.02 13.49
C ASP C 338 -25.90 9.37 13.38
N THR C 339 -25.28 10.32 12.68
CA THR C 339 -25.87 11.63 12.49
C THR C 339 -27.19 11.52 11.73
N LYS C 340 -28.19 12.28 12.18
CA LYS C 340 -29.48 12.28 11.50
C LYS C 340 -29.34 12.82 10.08
N GLU C 341 -28.44 13.78 9.88
CA GLU C 341 -28.24 14.36 8.55
C GLU C 341 -27.74 13.32 7.56
N LEU C 342 -26.83 12.46 8.00
CA LEU C 342 -26.20 11.47 7.13
C LEU C 342 -26.88 10.11 7.17
N LYS C 343 -28.13 10.04 7.63
CA LYS C 343 -28.85 8.76 7.62
C LYS C 343 -29.17 8.32 6.20
N ASN C 344 -29.48 9.27 5.31
CA ASN C 344 -29.77 8.94 3.92
C ASN C 344 -28.51 8.48 3.21
N ALA C 345 -28.70 7.56 2.26
CA ALA C 345 -27.55 7.02 1.52
C ALA C 345 -26.87 8.09 0.69
N GLY C 346 -27.65 8.99 0.07
CA GLY C 346 -27.06 10.07 -0.71
C GLY C 346 -26.22 11.01 0.14
N LYS C 347 -26.72 11.36 1.32
CA LYS C 347 -25.97 12.25 2.20
C LYS C 347 -24.67 11.59 2.67
N TRP C 348 -24.74 10.30 3.01
CA TRP C 348 -23.52 9.59 3.40
C TRP C 348 -22.53 9.54 2.23
N ARG C 349 -23.04 9.32 1.02
CA ARG C 349 -22.17 9.26 -0.15
C ARG C 349 -21.47 10.60 -0.40
N GLU C 350 -22.21 11.70 -0.35
CA GLU C 350 -21.58 13.00 -0.55
C GLU C 350 -20.59 13.29 0.56
N PHE C 351 -20.93 12.93 1.80
CA PHE C 351 -20.01 13.12 2.91
C PHE C 351 -18.70 12.37 2.68
N CYS C 352 -18.80 11.10 2.26
CA CYS C 352 -17.60 10.30 2.05
C CYS C 352 -16.77 10.83 0.88
N GLU C 353 -17.43 11.24 -0.21
CA GLU C 353 -16.70 11.79 -1.34
C GLU C 353 -15.98 13.08 -0.97
N LYS C 354 -16.64 13.96 -0.22
CA LYS C 354 -16.00 15.20 0.21
C LYS C 354 -14.82 14.92 1.13
N LEU C 355 -14.99 13.99 2.07
CA LEU C 355 -13.89 13.63 2.96
C LEU C 355 -12.71 13.09 2.19
N GLY C 356 -12.97 12.18 1.25
CA GLY C 356 -11.89 11.62 0.45
C GLY C 356 -11.18 12.67 -0.39
N GLU C 357 -11.93 13.59 -0.99
CA GLU C 357 -11.31 14.64 -1.78
C GLU C 357 -10.45 15.57 -0.91
N ALA C 358 -10.94 15.92 0.28
CA ALA C 358 -10.15 16.77 1.17
C ALA C 358 -8.86 16.07 1.59
N LEU C 359 -8.95 14.80 1.97
CA LEU C 359 -7.74 14.08 2.38
C LEU C 359 -6.79 13.90 1.20
N TYR C 360 -7.30 13.67 -0.01
CA TYR C 360 -6.44 13.57 -1.17
C TYR C 360 -5.72 14.88 -1.45
N LEU C 361 -6.44 16.00 -1.34
CA LEU C 361 -5.81 17.31 -1.54
C LEU C 361 -4.73 17.55 -0.51
N LYS C 362 -4.97 17.16 0.75
CA LYS C 362 -3.93 17.29 1.77
C LYS C 362 -2.74 16.40 1.47
N SER C 363 -2.99 15.18 0.98
CA SER C 363 -1.90 14.27 0.66
C SER C 363 -1.03 14.82 -0.47
N LYS C 364 -1.65 15.47 -1.46
CA LYS C 364 -0.88 16.10 -2.52
C LYS C 364 0.02 17.20 -1.98
N ASP C 365 -0.49 18.00 -1.03
CA ASP C 365 0.31 19.05 -0.41
C ASP C 365 1.29 18.47 0.61
N SER C 392 -29.11 30.58 -51.30
CA SER C 392 -29.74 29.35 -50.85
C SER C 392 -30.06 28.44 -52.02
N ARG C 393 -30.75 27.34 -51.75
CA ARG C 393 -31.13 26.39 -52.79
C ARG C 393 -32.55 25.90 -52.48
N SER C 394 -33.29 25.58 -53.53
CA SER C 394 -34.70 25.21 -53.42
C SER C 394 -34.88 23.81 -54.01
N VAL C 395 -35.00 22.82 -53.14
CA VAL C 395 -35.12 21.42 -53.53
C VAL C 395 -36.41 20.85 -52.96
N SER C 396 -37.10 20.05 -53.76
CA SER C 396 -38.35 19.42 -53.35
C SER C 396 -38.09 17.96 -53.01
N ILE C 397 -38.49 17.54 -51.80
CA ILE C 397 -38.34 16.14 -51.40
C ILE C 397 -39.57 15.31 -51.70
N GLY C 398 -40.66 15.93 -52.13
CA GLY C 398 -41.89 15.20 -52.38
C GLY C 398 -42.82 15.22 -51.19
N SER C 399 -44.00 14.62 -51.38
CA SER C 399 -45.03 14.58 -50.35
C SER C 399 -45.02 13.28 -49.56
N VAL C 400 -44.05 12.40 -49.79
CA VAL C 400 -43.98 11.10 -49.13
C VAL C 400 -43.05 11.22 -47.94
N LEU C 401 -43.60 11.13 -46.74
CA LEU C 401 -42.83 11.16 -45.51
C LEU C 401 -43.38 10.10 -44.55
N LYS C 402 -42.50 9.29 -43.98
CA LYS C 402 -42.88 8.26 -43.04
C LYS C 402 -41.94 8.32 -41.85
N GLU C 403 -42.49 8.03 -40.66
CA GLU C 403 -41.74 8.05 -39.42
C GLU C 403 -41.79 6.67 -38.77
N THR C 404 -40.61 6.08 -38.58
CA THR C 404 -40.49 4.76 -37.96
C THR C 404 -40.00 4.94 -36.54
N VAL C 405 -40.73 4.38 -35.58
CA VAL C 405 -40.39 4.42 -34.17
C VAL C 405 -39.92 3.04 -33.76
N VAL C 406 -38.75 2.98 -33.11
CA VAL C 406 -38.14 1.75 -32.64
C VAL C 406 -37.88 1.94 -31.15
N CYS C 407 -38.53 1.13 -30.32
CA CYS C 407 -38.39 1.21 -28.87
C CYS C 407 -37.83 -0.10 -28.33
N GLY C 408 -37.02 0.00 -27.29
CA GLY C 408 -36.43 -1.18 -26.68
C GLY C 408 -35.54 -0.85 -25.50
N GLU C 409 -34.56 -1.72 -25.23
CA GLU C 409 -33.63 -1.50 -24.14
C GLU C 409 -32.21 -1.76 -24.61
N LEU C 410 -31.27 -1.02 -24.04
CA LEU C 410 -29.84 -1.28 -24.21
C LEU C 410 -29.30 -1.73 -22.87
N VAL C 411 -28.88 -2.99 -22.80
CA VAL C 411 -28.39 -3.59 -21.57
C VAL C 411 -26.88 -3.76 -21.68
N ALA C 412 -26.17 -3.31 -20.66
CA ALA C 412 -24.72 -3.42 -20.63
C ALA C 412 -24.31 -4.87 -20.37
N LYS C 413 -23.57 -5.45 -21.31
CA LYS C 413 -23.04 -6.80 -21.15
C LYS C 413 -21.63 -6.81 -20.61
N THR C 414 -20.96 -5.66 -20.59
CA THR C 414 -19.66 -5.44 -19.99
C THR C 414 -19.74 -4.12 -19.23
N PRO C 415 -18.86 -3.89 -18.27
CA PRO C 415 -18.78 -2.55 -17.66
C PRO C 415 -18.49 -1.51 -18.73
N PHE C 416 -19.14 -0.35 -18.62
CA PHE C 416 -19.05 0.66 -19.66
C PHE C 416 -18.44 1.95 -19.10
N PHE C 417 -17.90 2.75 -20.01
CA PHE C 417 -17.14 3.96 -19.65
C PHE C 417 -17.48 5.07 -20.65
N PHE C 418 -18.39 5.96 -20.24
CA PHE C 418 -18.68 7.18 -20.98
C PHE C 418 -17.92 8.31 -20.28
N GLY C 419 -16.80 8.71 -20.89
CA GLY C 419 -15.87 9.60 -20.21
C GLY C 419 -16.43 11.02 -20.05
N ALA C 420 -16.31 11.52 -18.82
CA ALA C 420 -16.69 12.90 -18.51
C ALA C 420 -15.96 13.28 -17.23
N ILE C 421 -15.06 14.26 -17.33
CA ILE C 421 -14.20 14.66 -16.22
C ILE C 421 -14.80 15.86 -15.53
N ASP C 422 -14.91 15.79 -14.21
CA ASP C 422 -15.32 16.91 -13.37
C ASP C 422 -14.07 17.57 -12.81
N GLU C 423 -13.90 18.86 -13.07
CA GLU C 423 -12.70 19.57 -12.64
C GLU C 423 -12.75 19.99 -11.18
N ASP C 424 -13.86 19.76 -10.49
CA ASP C 424 -13.94 19.98 -9.05
C ASP C 424 -13.66 18.71 -8.24
N ALA C 425 -13.35 17.61 -8.91
CA ALA C 425 -12.98 16.35 -8.26
C ALA C 425 -11.73 15.82 -8.95
N LYS C 426 -10.61 15.82 -8.22
CA LYS C 426 -9.32 15.45 -8.79
C LYS C 426 -8.79 14.11 -8.29
N GLN C 427 -9.54 13.42 -7.43
CA GLN C 427 -9.03 12.19 -6.85
C GLN C 427 -8.93 11.07 -7.89
N THR C 428 -9.85 11.03 -8.84
CA THR C 428 -9.89 9.97 -9.85
C THR C 428 -9.42 10.52 -11.19
N ALA C 429 -8.56 9.75 -11.86
CA ALA C 429 -7.98 10.20 -13.12
C ALA C 429 -8.99 10.15 -14.26
N LEU C 430 -9.80 9.09 -14.31
CA LEU C 430 -10.80 8.91 -15.36
C LEU C 430 -12.16 8.70 -14.72
N GLN C 431 -13.16 9.45 -15.19
CA GLN C 431 -14.47 9.48 -14.56
C GLN C 431 -15.56 9.22 -15.59
N VAL C 432 -16.69 8.73 -15.10
CA VAL C 432 -17.83 8.38 -15.94
C VAL C 432 -18.89 9.46 -15.82
N LEU C 433 -19.75 9.53 -16.83
CA LEU C 433 -20.80 10.53 -16.88
C LEU C 433 -22.03 10.09 -16.08
N LEU C 434 -22.52 10.96 -15.21
CA LEU C 434 -23.68 10.69 -14.38
C LEU C 434 -24.65 11.86 -14.46
N THR C 435 -25.90 11.58 -14.09
CA THR C 435 -26.90 12.62 -13.94
C THR C 435 -26.71 13.33 -12.60
N PRO C 436 -27.34 14.50 -12.41
CA PRO C 436 -27.22 15.17 -11.11
C PRO C 436 -27.66 14.32 -9.93
N ASP C 437 -28.66 13.45 -10.10
CA ASP C 437 -29.10 12.55 -9.04
C ASP C 437 -28.30 11.25 -9.01
N ASN C 438 -27.08 11.27 -9.56
CA ASN C 438 -26.13 10.16 -9.42
C ASN C 438 -26.61 8.89 -10.12
N LYS C 439 -27.42 9.06 -11.16
CA LYS C 439 -27.78 7.96 -12.04
C LYS C 439 -26.85 7.93 -13.23
N TYR C 440 -26.76 6.77 -13.86
CA TYR C 440 -25.90 6.59 -15.02
C TYR C 440 -26.62 7.06 -16.27
N ARG C 441 -25.89 7.77 -17.13
CA ARG C 441 -26.46 8.42 -18.29
C ARG C 441 -25.90 7.78 -19.56
N LEU C 442 -26.79 7.49 -20.50
CA LEU C 442 -26.40 7.05 -21.84
C LEU C 442 -26.61 8.24 -22.76
N PRO C 443 -25.59 9.04 -23.03
CA PRO C 443 -25.81 10.32 -23.72
C PRO C 443 -26.24 10.13 -25.16
N ARG C 444 -27.03 11.09 -25.64
CA ARG C 444 -27.49 11.06 -27.02
C ARG C 444 -26.35 11.23 -28.00
N SER C 445 -25.37 12.06 -27.65
CA SER C 445 -24.25 12.33 -28.55
C SER C 445 -23.45 11.07 -28.83
N ALA C 446 -23.20 10.25 -27.81
CA ALA C 446 -22.46 9.01 -27.99
C ALA C 446 -23.22 8.04 -28.88
N VAL C 447 -24.54 7.92 -28.68
CA VAL C 447 -25.34 7.03 -29.51
C VAL C 447 -25.33 7.50 -30.96
N ARG C 448 -25.46 8.81 -31.18
CA ARG C 448 -25.43 9.33 -32.55
C ARG C 448 -24.08 9.08 -33.20
N GLY C 449 -22.98 9.31 -32.46
CA GLY C 449 -21.67 9.06 -33.01
C GLY C 449 -21.41 7.60 -33.32
N ILE C 450 -21.88 6.69 -32.47
CA ILE C 450 -21.72 5.26 -32.73
C ILE C 450 -22.57 4.83 -33.92
N LEU C 451 -23.78 5.37 -34.04
CA LEU C 451 -24.61 5.10 -35.22
C LEU C 451 -23.93 5.57 -36.49
N ARG C 452 -23.35 6.77 -36.45
CA ARG C 452 -22.63 7.29 -37.62
C ARG C 452 -21.45 6.40 -37.98
N ARG C 453 -20.68 5.98 -36.97
CA ARG C 453 -19.53 5.12 -37.21
C ARG C 453 -19.96 3.78 -37.83
N ASP C 454 -21.04 3.19 -37.30
CA ASP C 454 -21.51 1.91 -37.82
C ASP C 454 -22.10 2.04 -39.23
N LEU C 455 -22.78 3.15 -39.53
CA LEU C 455 -23.25 3.37 -40.89
C LEU C 455 -22.08 3.51 -41.86
N GLN C 456 -21.03 4.25 -41.45
CA GLN C 456 -19.84 4.34 -42.28
C GLN C 456 -19.17 3.00 -42.47
N THR C 457 -19.16 2.16 -41.44
CA THR C 457 -18.62 0.81 -41.58
C THR C 457 -19.45 -0.02 -42.57
N TYR C 458 -20.77 0.12 -42.50
CA TYR C 458 -21.64 -0.58 -43.46
C TYR C 458 -21.35 -0.15 -44.89
N PHE C 459 -21.27 1.16 -45.12
CA PHE C 459 -21.06 1.63 -46.49
C PHE C 459 -19.61 1.48 -46.93
N ASP C 460 -18.69 1.25 -45.99
CA ASP C 460 -17.26 1.11 -46.21
C ASP C 460 -16.64 2.41 -46.70
N SER C 461 -17.36 3.53 -46.63
CA SER C 461 -16.87 4.80 -47.11
C SER C 461 -16.85 5.81 -45.98
N PRO C 462 -15.67 6.32 -45.60
CA PRO C 462 -15.62 7.42 -44.65
C PRO C 462 -16.28 8.67 -45.21
N CYS C 463 -16.79 9.50 -44.31
CA CYS C 463 -17.43 10.76 -44.68
C CYS C 463 -16.43 11.88 -44.52
N ASN C 464 -15.97 12.43 -45.64
CA ASN C 464 -14.99 13.53 -45.63
C ASN C 464 -15.67 14.88 -45.62
N ALA C 465 -16.58 15.08 -44.67
CA ALA C 465 -17.23 16.37 -44.52
C ALA C 465 -16.43 17.25 -43.56
N GLU C 466 -16.69 18.55 -43.63
CA GLU C 466 -16.09 19.51 -42.73
C GLU C 466 -17.19 20.33 -42.08
N LEU C 467 -16.92 20.78 -40.85
CA LEU C 467 -17.89 21.60 -40.13
C LEU C 467 -18.12 22.91 -40.88
N GLY C 468 -19.39 23.26 -41.05
CA GLY C 468 -19.76 24.40 -41.86
C GLY C 468 -20.05 24.00 -43.30
N GLY C 469 -20.66 24.93 -44.03
CA GLY C 469 -20.95 24.72 -45.43
C GLY C 469 -22.26 23.99 -45.65
N ARG C 470 -22.52 23.69 -46.92
CA ARG C 470 -23.75 23.00 -47.30
C ARG C 470 -23.77 21.60 -46.73
N PRO C 471 -24.96 21.05 -46.46
CA PRO C 471 -25.05 19.72 -45.86
C PRO C 471 -24.39 18.66 -46.74
N CYS C 472 -23.70 17.72 -46.09
CA CYS C 472 -23.06 16.62 -46.80
C CYS C 472 -24.12 15.67 -47.35
N MET C 473 -23.86 15.13 -48.54
CA MET C 473 -24.83 14.33 -49.25
C MET C 473 -24.38 12.89 -49.45
N CYS C 474 -23.53 12.37 -48.57
CA CYS C 474 -23.23 10.94 -48.62
C CYS C 474 -24.36 10.16 -47.96
N LYS C 475 -24.36 8.85 -48.18
CA LYS C 475 -25.44 8.01 -47.66
C LYS C 475 -25.49 8.05 -46.14
N THR C 476 -24.33 8.11 -45.49
CA THR C 476 -24.28 8.20 -44.04
C THR C 476 -24.95 9.47 -43.55
N CYS C 477 -24.62 10.62 -44.15
CA CYS C 477 -25.22 11.88 -43.72
C CYS C 477 -26.70 11.94 -44.07
N ARG C 478 -27.08 11.40 -45.23
CA ARG C 478 -28.50 11.37 -45.59
C ARG C 478 -29.31 10.57 -44.59
N ILE C 479 -28.79 9.42 -44.16
CA ILE C 479 -29.51 8.63 -43.16
C ILE C 479 -29.49 9.34 -41.80
N MET C 480 -28.37 9.96 -41.45
CA MET C 480 -28.25 10.59 -40.14
C MET C 480 -29.13 11.82 -40.01
N ARG C 481 -29.43 12.50 -41.11
CA ARG C 481 -30.26 13.68 -41.04
C ARG C 481 -31.72 13.36 -40.72
N GLY C 482 -32.14 12.10 -40.85
CA GLY C 482 -33.45 11.66 -40.46
C GLY C 482 -33.52 10.90 -39.15
N ILE C 483 -32.44 10.88 -38.37
CA ILE C 483 -32.32 10.05 -37.18
C ILE C 483 -32.53 10.91 -35.94
N THR C 484 -33.34 10.41 -35.01
CA THR C 484 -33.53 11.03 -33.69
C THR C 484 -33.38 9.95 -32.64
N VAL C 485 -32.48 10.19 -31.69
CA VAL C 485 -32.34 9.31 -30.53
C VAL C 485 -32.66 10.10 -29.28
N MET C 486 -33.03 9.39 -28.22
CA MET C 486 -33.44 10.00 -26.96
C MET C 486 -32.41 9.73 -25.89
N ASP C 487 -32.08 10.78 -25.12
CA ASP C 487 -31.17 10.61 -24.00
C ASP C 487 -31.81 9.73 -22.93
N ALA C 488 -31.01 8.87 -22.32
CA ALA C 488 -31.50 7.87 -21.38
C ALA C 488 -30.72 7.93 -20.09
N ARG C 489 -31.37 7.48 -19.01
CA ARG C 489 -30.73 7.31 -17.72
C ARG C 489 -31.25 6.03 -17.08
N SER C 490 -30.51 5.53 -16.10
CA SER C 490 -30.84 4.27 -15.46
C SER C 490 -31.57 4.50 -14.15
N GLU C 491 -32.16 3.42 -13.63
CA GLU C 491 -32.73 3.40 -12.30
C GLU C 491 -31.72 3.00 -11.24
N TYR C 492 -30.47 2.78 -11.63
CA TYR C 492 -29.41 2.32 -10.74
C TYR C 492 -28.51 3.50 -10.42
N ASN C 493 -28.32 3.77 -9.12
CA ASN C 493 -27.59 4.95 -8.69
C ASN C 493 -26.46 4.64 -7.71
N ALA C 494 -26.01 3.39 -7.65
CA ALA C 494 -24.91 3.04 -6.76
C ALA C 494 -23.61 3.65 -7.28
N PRO C 495 -22.65 3.92 -6.39
CA PRO C 495 -21.42 4.59 -6.82
C PRO C 495 -20.65 3.74 -7.80
N PRO C 496 -19.94 4.37 -8.73
CA PRO C 496 -19.10 3.61 -9.67
C PRO C 496 -17.89 3.02 -8.96
N GLU C 497 -17.34 1.97 -9.57
CA GLU C 497 -16.19 1.30 -8.97
C GLU C 497 -14.90 1.93 -9.47
N ILE C 498 -13.84 1.79 -8.69
CA ILE C 498 -12.54 2.35 -9.01
C ILE C 498 -11.59 1.21 -9.34
N ARG C 499 -10.90 1.31 -10.47
CA ARG C 499 -9.90 0.35 -10.90
C ARG C 499 -8.53 1.01 -10.96
N HIS C 500 -7.53 0.30 -10.46
CA HIS C 500 -6.15 0.74 -10.54
C HIS C 500 -5.52 0.19 -11.81
N ARG C 501 -4.75 1.03 -12.49
CA ARG C 501 -4.06 0.60 -13.69
C ARG C 501 -2.63 1.12 -13.65
N THR C 502 -1.72 0.34 -14.21
CA THR C 502 -0.30 0.66 -14.24
C THR C 502 0.26 0.29 -15.60
N ARG C 503 1.52 0.67 -15.82
CA ARG C 503 2.27 0.28 -17.00
C ARG C 503 3.62 -0.25 -16.56
N ILE C 504 4.05 -1.35 -17.17
CA ILE C 504 5.24 -2.07 -16.76
C ILE C 504 6.39 -1.72 -17.71
N ASN C 505 7.55 -1.44 -17.14
CA ASN C 505 8.76 -1.24 -17.95
C ASN C 505 9.23 -2.58 -18.48
N PRO C 506 9.32 -2.77 -19.79
CA PRO C 506 9.69 -4.09 -20.33
C PRO C 506 11.08 -4.56 -19.90
N PHE C 507 12.03 -3.65 -19.71
CA PHE C 507 13.40 -4.07 -19.41
C PHE C 507 13.53 -4.56 -17.98
N THR C 508 13.20 -3.72 -17.01
CA THR C 508 13.36 -4.10 -15.61
C THR C 508 12.30 -5.10 -15.16
N GLY C 509 11.10 -5.01 -15.71
CA GLY C 509 10.00 -5.86 -15.32
C GLY C 509 9.11 -5.28 -14.23
N THR C 510 9.40 -4.09 -13.74
CA THR C 510 8.59 -3.40 -12.75
C THR C 510 7.89 -2.21 -13.39
N VAL C 511 7.09 -1.51 -12.60
CA VAL C 511 6.27 -0.43 -13.11
C VAL C 511 7.15 0.73 -13.58
N ALA C 512 6.63 1.50 -14.52
CA ALA C 512 7.32 2.68 -15.01
C ALA C 512 7.10 3.87 -14.07
N GLU C 513 7.85 4.94 -14.30
CA GLU C 513 7.73 6.12 -13.45
C GLU C 513 6.45 6.87 -13.76
N GLY C 514 5.63 7.07 -12.73
CA GLY C 514 4.39 7.79 -12.87
C GLY C 514 3.24 7.00 -13.43
N ALA C 515 3.46 5.74 -13.82
CA ALA C 515 2.43 4.92 -14.46
C ALA C 515 1.59 4.23 -13.38
N LEU C 516 0.71 5.04 -12.77
CA LEU C 516 -0.24 4.53 -11.78
C LEU C 516 -1.43 5.46 -11.77
N PHE C 517 -2.59 4.97 -12.18
CA PHE C 517 -3.77 5.82 -12.31
C PHE C 517 -5.03 5.06 -11.93
N ASN C 518 -6.10 5.84 -11.77
CA ASN C 518 -7.40 5.34 -11.34
C ASN C 518 -8.41 5.55 -12.45
N MET C 519 -9.41 4.67 -12.49
CA MET C 519 -10.47 4.78 -13.49
C MET C 519 -11.81 4.42 -12.86
N GLU C 520 -12.81 5.28 -13.05
CA GLU C 520 -14.17 5.00 -12.63
C GLU C 520 -14.86 4.16 -13.69
N VAL C 521 -15.50 3.09 -13.25
CA VAL C 521 -16.14 2.12 -14.14
C VAL C 521 -17.59 1.95 -13.71
N ALA C 522 -18.49 2.02 -14.67
CA ALA C 522 -19.89 1.75 -14.45
C ALA C 522 -20.17 0.25 -14.52
N PRO C 523 -21.03 -0.28 -13.67
CA PRO C 523 -21.24 -1.73 -13.61
C PRO C 523 -21.99 -2.24 -14.84
N GLU C 524 -21.88 -3.55 -15.04
CA GLU C 524 -22.62 -4.22 -16.09
C GLU C 524 -24.00 -4.65 -15.58
N GLY C 525 -24.92 -4.84 -16.51
CA GLY C 525 -26.29 -5.19 -16.20
C GLY C 525 -27.24 -4.01 -16.11
N ILE C 526 -26.74 -2.79 -16.32
CA ILE C 526 -27.58 -1.61 -16.29
C ILE C 526 -28.44 -1.56 -17.54
N VAL C 527 -29.74 -1.32 -17.36
CA VAL C 527 -30.70 -1.29 -18.46
C VAL C 527 -31.05 0.16 -18.75
N PHE C 528 -30.87 0.56 -20.01
CA PHE C 528 -31.18 1.90 -20.49
C PHE C 528 -32.37 1.84 -21.43
N PRO C 529 -33.39 2.68 -21.25
CA PRO C 529 -34.44 2.78 -22.27
C PRO C 529 -33.84 3.26 -23.58
N PHE C 530 -34.37 2.74 -24.69
CA PHE C 530 -33.87 3.08 -26.01
C PHE C 530 -35.05 3.45 -26.91
N GLN C 531 -34.96 4.60 -27.56
CA GLN C 531 -35.95 5.00 -28.54
C GLN C 531 -35.25 5.68 -29.70
N LEU C 532 -35.60 5.28 -30.91
CA LEU C 532 -35.06 5.87 -32.12
C LEU C 532 -36.20 6.14 -33.07
N ARG C 533 -36.17 7.29 -33.73
CA ARG C 533 -37.16 7.64 -34.74
C ARG C 533 -36.44 8.01 -36.02
N TYR C 534 -36.82 7.37 -37.12
CA TYR C 534 -36.27 7.69 -38.44
C TYR C 534 -37.37 8.28 -39.29
N ARG C 535 -37.14 9.49 -39.80
CA ARG C 535 -38.08 10.17 -40.67
C ARG C 535 -37.50 10.23 -42.07
N GLY C 536 -38.24 9.70 -43.04
CA GLY C 536 -37.72 9.68 -44.40
C GLY C 536 -38.78 9.28 -45.40
N SER C 537 -38.43 9.50 -46.68
CA SER C 537 -39.34 9.22 -47.78
C SER C 537 -39.42 7.75 -48.15
N GLU C 538 -38.56 6.91 -47.59
CA GLU C 538 -38.56 5.50 -47.91
C GLU C 538 -39.74 4.79 -47.24
N ASP C 539 -39.97 3.54 -47.65
CA ASP C 539 -41.08 2.76 -47.09
C ASP C 539 -40.88 2.49 -45.61
N GLY C 540 -39.64 2.28 -45.19
CA GLY C 540 -39.33 2.02 -43.80
C GLY C 540 -37.91 2.45 -43.49
N LEU C 541 -37.25 1.70 -42.63
CA LEU C 541 -35.87 2.01 -42.28
C LEU C 541 -34.96 1.72 -43.47
N PRO C 542 -33.87 2.46 -43.61
CA PRO C 542 -32.87 2.14 -44.63
C PRO C 542 -32.21 0.81 -44.34
N ASP C 543 -31.67 0.19 -45.39
CA ASP C 543 -31.03 -1.11 -45.24
C ASP C 543 -29.85 -1.04 -44.28
N ALA C 544 -29.06 0.04 -44.38
CA ALA C 544 -27.93 0.21 -43.48
C ALA C 544 -28.39 0.29 -42.03
N LEU C 545 -29.47 1.02 -41.77
CA LEU C 545 -29.99 1.13 -40.41
C LEU C 545 -30.48 -0.22 -39.90
N LYS C 546 -31.14 -1.01 -40.77
CA LYS C 546 -31.57 -2.34 -40.37
C LYS C 546 -30.39 -3.22 -40.02
N THR C 547 -29.33 -3.17 -40.83
CA THR C 547 -28.14 -3.96 -40.55
C THR C 547 -27.47 -3.54 -39.24
N VAL C 548 -27.38 -2.23 -39.00
CA VAL C 548 -26.75 -1.74 -37.77
C VAL C 548 -27.57 -2.15 -36.55
N LEU C 549 -28.89 -2.06 -36.65
CA LEU C 549 -29.73 -2.47 -35.53
C LEU C 549 -29.67 -3.97 -35.31
N LYS C 550 -29.49 -4.74 -36.38
CA LYS C 550 -29.27 -6.18 -36.22
C LYS C 550 -27.96 -6.46 -35.51
N TRP C 551 -26.92 -5.71 -35.83
CA TRP C 551 -25.65 -5.84 -35.10
C TRP C 551 -25.83 -5.51 -33.64
N TRP C 552 -26.57 -4.44 -33.33
CA TRP C 552 -26.79 -4.06 -31.94
C TRP C 552 -27.61 -5.11 -31.20
N ALA C 553 -28.59 -5.71 -31.87
CA ALA C 553 -29.40 -6.76 -31.25
C ALA C 553 -28.60 -8.04 -31.01
N GLU C 554 -27.42 -8.17 -31.62
CA GLU C 554 -26.56 -9.32 -31.41
C GLU C 554 -25.44 -9.05 -30.42
N GLY C 555 -25.45 -7.88 -29.76
CA GLY C 555 -24.41 -7.55 -28.82
C GLY C 555 -23.16 -6.96 -29.43
N GLN C 556 -23.20 -6.52 -30.68
CA GLN C 556 -22.08 -5.86 -31.34
C GLN C 556 -22.17 -4.34 -31.24
N ALA C 557 -22.86 -3.83 -30.21
CA ALA C 557 -22.97 -2.39 -29.99
C ALA C 557 -21.84 -1.97 -29.06
N PHE C 558 -20.73 -1.54 -29.64
CA PHE C 558 -19.60 -1.02 -28.89
C PHE C 558 -19.75 0.49 -28.84
N MET C 559 -20.27 1.00 -27.72
CA MET C 559 -20.80 2.35 -27.66
C MET C 559 -19.98 3.31 -26.81
N SER C 560 -19.10 2.82 -25.96
CA SER C 560 -18.39 3.66 -25.00
C SER C 560 -16.90 3.64 -25.27
N GLY C 561 -16.18 4.45 -24.50
CA GLY C 561 -14.73 4.51 -24.60
C GLY C 561 -14.07 3.34 -23.92
N ALA C 562 -12.74 3.31 -24.02
CA ALA C 562 -11.92 2.22 -23.48
C ALA C 562 -12.36 0.87 -24.04
N ALA C 563 -12.61 0.82 -25.36
CA ALA C 563 -13.12 -0.39 -25.98
C ALA C 563 -12.08 -1.51 -25.98
N SER C 564 -10.79 -1.17 -26.02
CA SER C 564 -9.75 -2.18 -26.09
C SER C 564 -9.68 -3.04 -24.84
N THR C 565 -10.12 -2.53 -23.69
CA THR C 565 -10.14 -3.28 -22.45
C THR C 565 -11.55 -3.76 -22.10
N GLY C 566 -12.36 -4.01 -23.12
CA GLY C 566 -13.67 -4.60 -22.93
C GLY C 566 -14.66 -3.74 -22.18
N LYS C 567 -14.74 -2.45 -22.52
CA LYS C 567 -15.71 -1.55 -21.92
C LYS C 567 -16.75 -1.12 -22.95
N GLY C 568 -18.00 -1.15 -22.53
CA GLY C 568 -19.06 -0.52 -23.31
C GLY C 568 -19.73 -1.37 -24.37
N ARG C 569 -19.79 -2.68 -24.19
CA ARG C 569 -20.50 -3.54 -25.12
C ARG C 569 -21.95 -3.70 -24.65
N PHE C 570 -22.89 -3.28 -25.50
CA PHE C 570 -24.31 -3.28 -25.15
C PHE C 570 -25.07 -4.23 -26.07
N ARG C 571 -26.22 -4.69 -25.58
CA ARG C 571 -27.14 -5.50 -26.37
C ARG C 571 -28.50 -4.81 -26.39
N MET C 572 -29.13 -4.76 -27.56
CA MET C 572 -30.46 -4.20 -27.69
C MET C 572 -31.50 -5.31 -27.60
N GLU C 573 -32.44 -5.17 -26.68
CA GLU C 573 -33.41 -6.21 -26.37
C GLU C 573 -34.81 -5.64 -26.36
N ASN C 574 -35.79 -6.52 -26.56
CA ASN C 574 -37.21 -6.18 -26.52
C ASN C 574 -37.55 -5.10 -27.55
N ALA C 575 -36.97 -5.23 -28.74
CA ALA C 575 -37.14 -4.23 -29.78
C ALA C 575 -38.49 -4.35 -30.45
N LYS C 576 -39.21 -3.23 -30.55
CA LYS C 576 -40.48 -3.13 -31.25
C LYS C 576 -40.42 -1.92 -32.17
N TYR C 577 -41.17 -1.97 -33.27
CA TYR C 577 -41.13 -0.89 -34.24
C TYR C 577 -42.52 -0.68 -34.85
N GLU C 578 -42.72 0.52 -35.38
CA GLU C 578 -43.95 0.87 -36.07
C GLU C 578 -43.71 2.06 -36.98
N THR C 579 -44.26 1.98 -38.19
CA THR C 579 -44.13 3.03 -39.18
C THR C 579 -45.46 3.78 -39.32
N LEU C 580 -45.40 5.10 -39.21
CA LEU C 580 -46.54 5.98 -39.40
C LEU C 580 -46.37 6.76 -40.69
N ASP C 581 -47.44 6.83 -41.49
CA ASP C 581 -47.43 7.54 -42.75
C ASP C 581 -47.99 8.93 -42.54
N LEU C 582 -47.11 9.93 -42.54
CA LEU C 582 -47.50 11.32 -42.31
C LEU C 582 -48.00 11.99 -43.59
N SER C 583 -47.99 11.29 -44.72
CA SER C 583 -48.58 11.80 -45.94
C SER C 583 -50.09 11.64 -45.97
N ASP C 584 -50.67 10.95 -44.99
CA ASP C 584 -52.10 10.77 -44.88
C ASP C 584 -52.66 11.86 -43.97
N GLU C 585 -53.72 12.53 -44.44
CA GLU C 585 -54.27 13.65 -43.69
C GLU C 585 -54.78 13.23 -42.32
N ASN C 586 -55.48 12.10 -42.24
CA ASN C 586 -56.02 11.65 -40.97
C ASN C 586 -54.92 11.28 -39.99
N GLN C 587 -53.93 10.52 -40.46
CA GLN C 587 -52.84 10.12 -39.58
C GLN C 587 -51.98 11.32 -39.19
N ARG C 588 -51.77 12.25 -40.12
CA ARG C 588 -51.01 13.45 -39.79
C ARG C 588 -51.73 14.29 -38.74
N ASN C 589 -53.05 14.43 -38.86
CA ASN C 589 -53.82 15.18 -37.87
C ASN C 589 -53.80 14.48 -36.52
N ASP C 590 -53.89 13.15 -36.52
CA ASP C 590 -53.80 12.42 -35.26
C ASP C 590 -52.42 12.57 -34.63
N TYR C 591 -51.37 12.57 -35.45
CA TYR C 591 -50.01 12.78 -34.95
C TYR C 591 -49.86 14.17 -34.35
N LEU C 592 -50.43 15.19 -35.01
CA LEU C 592 -50.38 16.54 -34.49
C LEU C 592 -51.15 16.66 -33.17
N LYS C 593 -52.32 16.02 -33.09
CA LYS C 593 -53.16 16.14 -31.90
C LYS C 593 -52.46 15.60 -30.67
N ASN C 594 -51.79 14.46 -30.79
CA ASN C 594 -51.12 13.81 -29.67
C ASN C 594 -49.66 14.22 -29.53
N TRP C 595 -49.24 15.29 -30.21
CA TRP C 595 -47.87 15.79 -30.15
C TRP C 595 -46.86 14.71 -30.51
N GLY C 596 -47.20 13.86 -31.47
CA GLY C 596 -46.28 12.83 -31.91
C GLY C 596 -45.94 11.78 -30.87
N TRP C 597 -46.72 11.70 -29.79
CA TRP C 597 -46.50 10.71 -28.73
C TRP C 597 -45.11 10.81 -28.13
N ARG C 598 -44.65 12.04 -27.88
CA ARG C 598 -43.31 12.23 -27.34
C ARG C 598 -43.29 12.17 -25.82
N ASP C 599 -44.33 12.70 -25.17
CA ASP C 599 -44.38 12.67 -23.72
C ASP C 599 -44.64 11.26 -23.21
N GLU C 600 -44.54 11.09 -21.89
CA GLU C 600 -44.64 9.76 -21.29
C GLU C 600 -46.01 9.13 -21.53
N LYS C 601 -47.08 9.91 -21.39
CA LYS C 601 -48.42 9.37 -21.61
C LYS C 601 -48.59 8.94 -23.08
N GLY C 602 -48.24 9.83 -24.00
CA GLY C 602 -48.30 9.47 -25.41
C GLY C 602 -47.35 8.34 -25.77
N LEU C 603 -46.19 8.29 -25.12
CA LEU C 603 -45.26 7.20 -25.37
C LEU C 603 -45.84 5.87 -24.93
N GLU C 604 -46.52 5.84 -23.78
CA GLU C 604 -47.18 4.61 -23.34
C GLU C 604 -48.30 4.20 -24.29
N GLU C 605 -49.09 5.17 -24.73
CA GLU C 605 -50.17 4.87 -25.68
C GLU C 605 -49.61 4.32 -26.99
N LEU C 606 -48.51 4.90 -27.47
CA LEU C 606 -47.87 4.40 -28.69
C LEU C 606 -47.26 3.02 -28.46
N LYS C 607 -46.66 2.79 -27.29
CA LYS C 607 -46.04 1.50 -27.01
C LYS C 607 -47.06 0.39 -26.92
N LYS C 608 -48.30 0.72 -26.52
CA LYS C 608 -49.35 -0.29 -26.53
C LYS C 608 -49.64 -0.82 -27.93
N ARG C 609 -49.27 -0.08 -28.97
CA ARG C 609 -49.56 -0.47 -30.35
C ARG C 609 -48.29 -0.62 -31.17
N LEU C 610 -47.19 -1.05 -30.54
CA LEU C 610 -45.92 -1.27 -31.21
C LEU C 610 -45.78 -2.74 -31.61
N ASN C 611 -45.38 -2.97 -32.86
CA ASN C 611 -45.21 -4.33 -33.36
C ASN C 611 -43.85 -4.89 -32.91
N SER C 612 -43.87 -6.11 -32.39
CA SER C 612 -42.67 -6.73 -31.85
C SER C 612 -41.68 -7.09 -32.95
N GLY C 613 -40.41 -7.18 -32.56
CA GLY C 613 -39.34 -7.48 -33.50
C GLY C 613 -38.88 -6.25 -34.25
N LEU C 614 -37.97 -6.48 -35.19
CA LEU C 614 -37.40 -5.44 -36.02
C LEU C 614 -37.40 -5.91 -37.47
N PRO C 615 -37.40 -4.98 -38.43
CA PRO C 615 -37.32 -5.39 -39.84
C PRO C 615 -36.01 -6.08 -40.14
N GLU C 616 -36.07 -7.07 -41.05
CA GLU C 616 -34.89 -7.85 -41.41
C GLU C 616 -34.20 -7.22 -42.60
N PRO C 617 -32.90 -6.94 -42.51
CA PRO C 617 -32.20 -6.26 -43.62
C PRO C 617 -32.17 -7.13 -44.88
N GLY C 618 -32.50 -6.50 -46.01
CA GLY C 618 -32.40 -7.22 -47.28
C GLY C 618 -30.97 -7.54 -47.65
N ASN C 619 -30.07 -6.56 -47.50
CA ASN C 619 -28.65 -6.73 -47.78
C ASN C 619 -27.91 -6.65 -46.45
N TYR C 620 -27.60 -7.81 -45.88
CA TYR C 620 -26.93 -7.89 -44.58
C TYR C 620 -25.43 -8.09 -44.78
N ARG C 621 -24.63 -7.26 -44.13
CA ARG C 621 -23.19 -7.40 -44.12
C ARG C 621 -22.74 -7.91 -42.76
N ASP C 622 -21.75 -8.80 -42.75
CA ASP C 622 -21.34 -9.45 -41.52
C ASP C 622 -20.68 -8.45 -40.57
N PRO C 623 -20.83 -8.65 -39.26
CA PRO C 623 -20.14 -7.80 -38.29
C PRO C 623 -18.63 -7.92 -38.42
N LYS C 624 -17.93 -6.85 -38.06
CA LYS C 624 -16.49 -6.77 -38.23
C LYS C 624 -15.70 -7.37 -37.06
N TRP C 625 -16.36 -7.75 -35.98
CA TRP C 625 -15.69 -8.32 -34.81
C TRP C 625 -16.18 -9.74 -34.57
N HIS C 626 -15.26 -10.62 -34.18
CA HIS C 626 -15.56 -12.01 -33.87
C HIS C 626 -15.08 -12.33 -32.46
N GLU C 627 -15.86 -13.14 -31.77
CA GLU C 627 -15.62 -13.48 -30.37
C GLU C 627 -14.79 -14.76 -30.28
N ILE C 628 -13.69 -14.69 -29.53
CA ILE C 628 -12.83 -15.84 -29.27
C ILE C 628 -12.85 -16.10 -27.77
N ASN C 629 -13.24 -17.31 -27.39
CA ASN C 629 -13.41 -17.66 -25.98
C ASN C 629 -12.11 -18.24 -25.41
N VAL C 630 -11.82 -17.85 -24.17
CA VAL C 630 -10.58 -18.21 -23.48
C VAL C 630 -10.93 -19.01 -22.25
N SER C 631 -10.28 -20.16 -22.08
CA SER C 631 -10.36 -20.96 -20.87
C SER C 631 -8.97 -21.14 -20.30
N ILE C 632 -8.75 -20.62 -19.10
CA ILE C 632 -7.46 -20.70 -18.42
C ILE C 632 -7.62 -21.60 -17.20
N GLU C 633 -6.63 -22.45 -16.98
CA GLU C 633 -6.65 -23.41 -15.88
C GLU C 633 -5.31 -23.35 -15.17
N MET C 634 -5.34 -22.94 -13.90
CA MET C 634 -4.15 -22.61 -13.13
C MET C 634 -4.02 -23.52 -11.92
N ALA C 635 -2.84 -24.08 -11.74
CA ALA C 635 -2.54 -24.97 -10.62
C ALA C 635 -1.74 -24.27 -9.53
N SER C 636 -2.05 -23.01 -9.24
CA SER C 636 -1.31 -22.23 -8.26
C SER C 636 -2.21 -21.14 -7.72
N PRO C 637 -1.86 -20.54 -6.58
CA PRO C 637 -2.62 -19.39 -6.08
C PRO C 637 -2.61 -18.24 -7.07
N PHE C 638 -3.57 -17.33 -6.89
CA PHE C 638 -3.76 -16.21 -7.80
C PHE C 638 -4.22 -14.99 -7.02
N ILE C 639 -3.62 -13.84 -7.30
CA ILE C 639 -4.06 -12.57 -6.73
C ILE C 639 -3.96 -11.50 -7.81
N ASN C 640 -4.98 -10.64 -7.88
CA ASN C 640 -4.94 -9.39 -8.63
C ASN C 640 -5.11 -8.28 -7.60
N GLY C 641 -4.02 -7.58 -7.31
CA GLY C 641 -3.94 -6.80 -6.08
C GLY C 641 -4.98 -5.70 -6.03
N ASP C 642 -5.56 -5.54 -4.84
CA ASP C 642 -6.50 -4.43 -4.55
C ASP C 642 -6.24 -4.00 -3.12
N PRO C 643 -5.21 -3.17 -2.90
CA PRO C 643 -4.88 -2.76 -1.53
C PRO C 643 -5.98 -1.96 -0.84
N ILE C 644 -6.75 -1.16 -1.58
CA ILE C 644 -7.73 -0.29 -0.96
C ILE C 644 -8.87 -1.10 -0.36
N ARG C 645 -9.36 -2.10 -1.09
CA ARG C 645 -10.43 -2.93 -0.56
C ARG C 645 -9.98 -3.69 0.69
N ALA C 646 -8.69 -4.01 0.78
CA ALA C 646 -8.13 -4.70 1.94
C ALA C 646 -8.12 -3.83 3.19
N ALA C 647 -8.26 -2.51 3.06
CA ALA C 647 -8.24 -1.61 4.20
C ALA C 647 -9.61 -1.38 4.82
N VAL C 648 -10.69 -1.69 4.11
CA VAL C 648 -12.03 -1.53 4.63
C VAL C 648 -12.69 -2.90 4.85
N ASP C 649 -11.93 -3.98 4.66
CA ASP C 649 -12.43 -5.34 4.77
C ASP C 649 -12.09 -5.92 6.13
N LYS C 650 -13.04 -6.65 6.72
CA LYS C 650 -12.87 -7.19 8.06
C LYS C 650 -11.79 -8.25 8.16
N ARG C 651 -11.28 -8.75 7.02
CA ARG C 651 -10.25 -9.77 7.06
C ARG C 651 -8.95 -9.23 7.67
N GLY C 652 -8.69 -7.94 7.54
CA GLY C 652 -7.50 -7.34 8.11
C GLY C 652 -6.20 -7.84 7.52
N THR C 653 -6.13 -7.90 6.19
CA THR C 653 -4.93 -8.33 5.48
C THR C 653 -4.30 -7.16 4.75
N ALA C 654 -3.14 -7.41 4.15
CA ALA C 654 -2.42 -6.35 3.45
C ALA C 654 -2.93 -6.14 2.03
N VAL C 655 -3.40 -7.19 1.38
CA VAL C 655 -3.89 -7.08 0.00
C VAL C 655 -4.96 -8.16 -0.21
N VAL C 656 -5.96 -7.83 -1.03
CA VAL C 656 -7.00 -8.76 -1.43
C VAL C 656 -7.12 -8.72 -2.95
N THR C 657 -7.75 -9.73 -3.51
CA THR C 657 -7.87 -9.85 -4.95
C THR C 657 -8.95 -8.90 -5.48
N PHE C 658 -8.90 -8.65 -6.78
CA PHE C 658 -9.81 -7.73 -7.43
C PHE C 658 -11.24 -8.28 -7.45
N VAL C 659 -12.20 -7.40 -7.19
CA VAL C 659 -13.62 -7.75 -7.19
C VAL C 659 -14.38 -6.66 -7.93
N LYS C 660 -15.25 -7.05 -8.84
CA LYS C 660 -16.10 -6.12 -9.57
C LYS C 660 -17.56 -6.33 -9.20
N TYR C 661 -18.42 -5.45 -9.70
CA TYR C 661 -19.82 -5.45 -9.34
C TYR C 661 -20.69 -5.61 -10.58
N LYS C 662 -21.79 -6.34 -10.41
CA LYS C 662 -22.80 -6.53 -11.44
C LYS C 662 -24.11 -5.97 -10.94
N ALA C 663 -24.77 -5.16 -11.77
CA ALA C 663 -26.03 -4.52 -11.40
C ALA C 663 -27.18 -5.48 -11.69
N GLU C 664 -27.78 -6.03 -10.66
CA GLU C 664 -28.99 -6.84 -10.76
C GLU C 664 -30.14 -6.00 -10.21
N GLY C 665 -31.05 -5.60 -11.10
CA GLY C 665 -32.07 -4.65 -10.68
C GLY C 665 -31.42 -3.35 -10.24
N GLU C 666 -31.68 -2.97 -9.00
CA GLU C 666 -31.03 -1.81 -8.39
C GLU C 666 -29.99 -2.20 -7.35
N GLU C 667 -29.63 -3.48 -7.27
CA GLU C 667 -28.64 -3.96 -6.31
C GLU C 667 -27.35 -4.32 -7.03
N ALA C 668 -26.27 -4.43 -6.26
CA ALA C 668 -24.95 -4.74 -6.78
C ALA C 668 -24.45 -6.04 -6.19
N LYS C 669 -24.04 -6.97 -7.06
CA LYS C 669 -23.50 -8.25 -6.64
C LYS C 669 -21.99 -8.27 -6.89
N PRO C 670 -21.17 -8.58 -5.89
CA PRO C 670 -19.72 -8.61 -6.08
C PRO C 670 -19.27 -9.97 -6.59
N VAL C 671 -18.43 -9.97 -7.63
CA VAL C 671 -17.87 -11.18 -8.20
C VAL C 671 -16.36 -11.01 -8.33
N CYS C 672 -15.61 -12.09 -8.08
CA CYS C 672 -14.18 -12.08 -8.29
C CYS C 672 -13.87 -12.22 -9.78
N ALA C 673 -12.89 -11.46 -10.25
CA ALA C 673 -12.58 -11.46 -11.67
C ALA C 673 -11.12 -11.14 -11.89
N TYR C 674 -10.66 -11.41 -13.10
CA TYR C 674 -9.33 -11.04 -13.59
C TYR C 674 -9.51 -9.85 -14.53
N LYS C 675 -8.84 -8.74 -14.22
CA LYS C 675 -9.05 -7.51 -14.97
C LYS C 675 -8.65 -7.67 -16.43
N ALA C 676 -9.37 -6.96 -17.30
CA ALA C 676 -9.10 -7.02 -18.74
C ALA C 676 -7.79 -6.33 -19.09
N GLU C 677 -7.45 -5.26 -18.37
CA GLU C 677 -6.19 -4.56 -18.62
C GLU C 677 -4.99 -5.46 -18.34
N SER C 678 -5.04 -6.25 -17.26
CA SER C 678 -3.94 -7.15 -16.93
C SER C 678 -3.74 -8.23 -17.98
N PHE C 679 -4.83 -8.86 -18.43
CA PHE C 679 -4.73 -9.87 -19.47
C PHE C 679 -4.23 -9.26 -20.78
N ARG C 680 -4.74 -8.08 -21.13
CA ARG C 680 -4.27 -7.39 -22.32
C ARG C 680 -2.77 -7.13 -22.25
N GLY C 681 -2.29 -6.66 -21.10
CA GLY C 681 -0.87 -6.38 -20.96
C GLY C 681 -0.01 -7.62 -21.03
N VAL C 682 -0.44 -8.71 -20.38
CA VAL C 682 0.31 -9.95 -20.42
C VAL C 682 0.38 -10.49 -21.85
N ILE C 683 -0.75 -10.49 -22.56
CA ILE C 683 -0.75 -10.99 -23.93
C ILE C 683 0.11 -10.11 -24.83
N ARG C 684 0.02 -8.78 -24.66
CA ARG C 684 0.83 -7.87 -25.46
C ARG C 684 2.32 -8.09 -25.22
N SER C 685 2.70 -8.32 -23.96
CA SER C 685 4.09 -8.67 -23.67
C SER C 685 4.48 -9.99 -24.31
N ALA C 686 3.54 -10.96 -24.33
CA ALA C 686 3.82 -12.24 -24.96
C ALA C 686 4.12 -12.09 -26.44
N VAL C 687 3.31 -11.30 -27.15
CA VAL C 687 3.54 -11.10 -28.59
C VAL C 687 4.78 -10.29 -28.90
N ALA C 688 5.25 -9.46 -27.98
CA ALA C 688 6.33 -8.51 -28.25
C ALA C 688 7.73 -9.07 -28.02
N ARG C 689 7.84 -10.31 -27.56
CA ARG C 689 9.15 -10.90 -27.31
C ARG C 689 9.51 -12.02 -28.27
N ILE C 690 8.53 -12.66 -28.91
CA ILE C 690 8.82 -13.66 -29.93
C ILE C 690 8.95 -12.97 -31.28
N HIS C 691 8.90 -11.64 -31.27
CA HIS C 691 9.33 -10.82 -32.40
C HIS C 691 10.38 -9.81 -31.96
N CYS C 706 4.25 4.56 -36.60
CA CYS C 706 4.71 3.18 -36.45
C CYS C 706 3.76 2.20 -37.13
N GLU C 707 4.33 1.29 -37.92
CA GLU C 707 3.56 0.25 -38.60
C GLU C 707 4.07 -1.15 -38.24
N CYS C 708 4.48 -1.35 -36.99
CA CYS C 708 4.92 -2.66 -36.56
C CYS C 708 3.71 -3.58 -36.36
N LEU C 709 3.99 -4.88 -36.34
CA LEU C 709 2.93 -5.87 -36.12
C LEU C 709 2.21 -5.61 -34.80
N LEU C 710 2.97 -5.28 -33.75
CA LEU C 710 2.37 -4.93 -32.48
C LEU C 710 1.49 -3.70 -32.56
N CYS C 711 1.89 -2.69 -33.33
CA CYS C 711 1.09 -1.48 -33.46
C CYS C 711 -0.15 -1.70 -34.30
N GLN C 712 -0.10 -2.64 -35.26
CA GLN C 712 -1.27 -2.95 -36.08
C GLN C 712 -2.19 -3.97 -35.43
N ILE C 713 -1.77 -4.64 -34.37
CA ILE C 713 -2.61 -5.62 -33.68
C ILE C 713 -3.20 -5.03 -32.40
N PHE C 714 -2.37 -4.37 -31.59
CA PHE C 714 -2.79 -3.87 -30.29
C PHE C 714 -3.03 -2.37 -30.26
N GLY C 715 -2.96 -1.68 -31.40
CA GLY C 715 -3.20 -0.26 -31.45
C GLY C 715 -2.06 0.54 -30.83
N SER C 716 -2.20 1.86 -30.91
CA SER C 716 -1.18 2.76 -30.40
C SER C 716 -1.84 4.08 -30.04
N GLU C 717 -0.99 5.06 -29.68
CA GLU C 717 -1.48 6.40 -29.38
C GLU C 717 -2.02 7.10 -30.62
N TYR C 718 -1.80 6.53 -31.81
CA TYR C 718 -2.20 7.14 -33.06
C TYR C 718 -3.38 6.42 -33.71
N GLU C 719 -3.52 5.12 -33.48
CA GLU C 719 -4.59 4.33 -34.07
C GLU C 719 -5.17 3.40 -33.02
N ALA C 720 -6.48 3.17 -33.11
CA ALA C 720 -7.16 2.27 -32.18
C ALA C 720 -6.81 0.82 -32.48
N GLY C 721 -6.90 -0.02 -31.45
CA GLY C 721 -6.53 -1.40 -31.59
C GLY C 721 -7.57 -2.24 -32.32
N LYS C 722 -7.13 -3.41 -32.77
CA LYS C 722 -7.99 -4.36 -33.46
C LYS C 722 -8.35 -5.56 -32.59
N ILE C 723 -8.02 -5.51 -31.30
CA ILE C 723 -8.34 -6.59 -30.37
C ILE C 723 -8.87 -5.96 -29.08
N ARG C 724 -9.92 -6.55 -28.53
CA ARG C 724 -10.61 -6.02 -27.36
C ARG C 724 -10.74 -7.12 -26.33
N PHE C 725 -9.95 -7.04 -25.26
CA PHE C 725 -9.93 -8.03 -24.20
C PHE C 725 -11.00 -7.71 -23.17
N GLU C 726 -11.59 -8.75 -22.59
CA GLU C 726 -12.64 -8.60 -21.59
C GLU C 726 -12.18 -9.17 -20.25
N ASP C 727 -12.95 -8.86 -19.21
CA ASP C 727 -12.69 -9.41 -17.89
C ASP C 727 -12.94 -10.91 -17.88
N LEU C 728 -12.06 -11.65 -17.22
CA LEU C 728 -12.19 -13.09 -17.08
C LEU C 728 -12.65 -13.41 -15.67
N VAL C 729 -13.71 -14.19 -15.56
CA VAL C 729 -14.35 -14.50 -14.29
C VAL C 729 -14.16 -15.98 -13.99
N PHE C 730 -14.17 -16.33 -12.70
CA PHE C 730 -13.90 -17.70 -12.30
C PHE C 730 -15.16 -18.55 -12.35
N GLU C 731 -15.00 -19.79 -12.81
CA GLU C 731 -16.15 -20.65 -13.08
C GLU C 731 -16.86 -21.03 -11.79
N SER C 732 -16.11 -21.47 -10.78
CA SER C 732 -16.65 -21.77 -9.46
C SER C 732 -16.06 -20.79 -8.46
N ASP C 733 -16.91 -20.19 -7.64
CA ASP C 733 -16.50 -19.09 -6.79
C ASP C 733 -15.55 -19.58 -5.70
N PRO C 734 -14.30 -19.11 -5.67
CA PRO C 734 -13.37 -19.56 -4.64
C PRO C 734 -13.36 -18.61 -3.46
N GLU C 735 -13.29 -19.15 -2.25
CA GLU C 735 -13.15 -18.31 -1.08
C GLU C 735 -11.69 -17.91 -0.89
N PRO C 736 -11.39 -16.63 -0.67
CA PRO C 736 -9.99 -16.24 -0.45
C PRO C 736 -9.43 -16.83 0.83
N VAL C 737 -8.13 -17.09 0.82
CA VAL C 737 -7.41 -17.59 1.98
C VAL C 737 -6.26 -16.64 2.28
N THR C 738 -5.85 -16.60 3.54
CA THR C 738 -4.81 -15.69 4.01
C THR C 738 -3.52 -16.44 4.24
N PHE C 739 -2.42 -15.94 3.66
CA PHE C 739 -1.09 -16.50 3.85
C PHE C 739 -0.22 -15.46 4.52
N ASP C 740 0.56 -15.89 5.52
CA ASP C 740 1.44 -15.02 6.27
C ASP C 740 2.88 -15.18 5.78
N HIS C 741 3.59 -14.07 5.68
CA HIS C 741 4.99 -14.06 5.27
C HIS C 741 5.80 -13.20 6.22
N VAL C 742 7.08 -13.52 6.35
CA VAL C 742 8.03 -12.73 7.12
C VAL C 742 9.39 -12.81 6.45
N ALA C 743 10.14 -11.72 6.52
CA ALA C 743 11.48 -11.65 5.95
C ALA C 743 12.50 -11.89 7.04
N ILE C 744 13.46 -12.77 6.76
CA ILE C 744 14.42 -13.25 7.76
C ILE C 744 15.72 -12.48 7.60
N ASP C 745 16.21 -11.92 8.71
CA ASP C 745 17.50 -11.27 8.70
C ASP C 745 18.60 -12.29 8.41
N ARG C 746 19.48 -11.95 7.47
CA ARG C 746 20.56 -12.86 7.10
C ARG C 746 21.63 -12.97 8.18
N PHE C 747 21.67 -12.02 9.11
CA PHE C 747 22.63 -12.02 10.22
C PHE C 747 22.09 -12.72 11.45
N THR C 748 20.91 -12.32 11.92
CA THR C 748 20.34 -12.89 13.14
C THR C 748 19.53 -14.15 12.89
N GLY C 749 19.18 -14.45 11.64
CA GLY C 749 18.32 -15.59 11.37
C GLY C 749 16.94 -15.44 11.95
N GLY C 750 16.50 -14.21 12.20
CA GLY C 750 15.20 -13.96 12.76
C GLY C 750 14.43 -12.94 11.93
N ALA C 751 13.19 -12.70 12.34
CA ALA C 751 12.32 -11.80 11.60
C ALA C 751 12.90 -10.39 11.53
N ALA C 752 12.88 -9.82 10.33
CA ALA C 752 13.31 -8.44 10.15
C ALA C 752 12.22 -7.49 10.65
N ASP C 753 12.64 -6.28 11.04
CA ASP C 753 11.72 -5.31 11.61
C ASP C 753 10.70 -4.84 10.58
N LYS C 754 9.43 -4.81 11.00
CA LYS C 754 8.32 -4.25 10.22
C LYS C 754 8.10 -4.98 8.89
N LYS C 755 8.62 -6.20 8.75
CA LYS C 755 8.53 -6.93 7.50
C LYS C 755 7.75 -8.22 7.68
N LYS C 756 6.71 -8.17 8.49
CA LYS C 756 5.75 -9.26 8.65
C LYS C 756 4.45 -8.85 7.97
N PHE C 757 3.97 -9.66 7.03
CA PHE C 757 2.82 -9.28 6.23
C PHE C 757 1.98 -10.50 5.91
N ASP C 758 0.92 -10.26 5.14
CA ASP C 758 0.00 -11.30 4.73
C ASP C 758 -0.63 -10.92 3.39
N ASP C 759 -1.23 -11.91 2.73
CA ASP C 759 -1.96 -11.67 1.51
C ASP C 759 -3.17 -12.59 1.45
N SER C 760 -4.13 -12.23 0.60
CA SER C 760 -5.39 -12.97 0.45
C SER C 760 -5.57 -13.33 -1.02
N PRO C 761 -4.83 -14.31 -1.53
CA PRO C 761 -5.04 -14.75 -2.91
C PRO C 761 -6.21 -15.70 -3.02
N LEU C 762 -6.54 -16.02 -4.27
CA LEU C 762 -7.50 -17.08 -4.53
C LEU C 762 -6.78 -18.43 -4.54
N PRO C 763 -7.24 -19.40 -3.75
CA PRO C 763 -6.50 -20.66 -3.62
C PRO C 763 -6.53 -21.48 -4.91
N GLY C 764 -5.35 -21.92 -5.32
CA GLY C 764 -5.24 -22.81 -6.47
C GLY C 764 -4.17 -23.85 -6.19
N SER C 765 -4.38 -25.02 -6.76
CA SER C 765 -3.51 -26.16 -6.48
C SER C 765 -3.65 -27.20 -7.58
N PRO C 766 -2.71 -28.13 -7.72
CA PRO C 766 -2.87 -29.19 -8.74
C PRO C 766 -4.11 -30.02 -8.54
N ALA C 767 -4.50 -30.30 -7.30
CA ALA C 767 -5.68 -31.12 -7.05
C ALA C 767 -6.96 -30.41 -7.46
N ARG C 768 -7.09 -29.13 -7.10
CA ARG C 768 -8.26 -28.32 -7.42
C ARG C 768 -7.82 -27.01 -8.04
N PRO C 769 -7.65 -26.96 -9.37
CA PRO C 769 -7.17 -25.74 -10.02
C PRO C 769 -8.22 -24.64 -10.07
N LEU C 770 -7.75 -23.45 -10.41
CA LEU C 770 -8.61 -22.32 -10.69
C LEU C 770 -8.98 -22.30 -12.17
N MET C 771 -10.25 -22.03 -12.45
CA MET C 771 -10.78 -21.90 -13.80
C MET C 771 -11.10 -20.44 -14.07
N LEU C 772 -10.63 -19.94 -15.21
CA LEU C 772 -10.85 -18.56 -15.65
C LEU C 772 -11.50 -18.61 -17.02
N LYS C 773 -12.78 -18.25 -17.08
CA LYS C 773 -13.54 -18.26 -18.33
C LYS C 773 -13.73 -16.83 -18.79
N GLY C 774 -13.47 -16.59 -20.06
CA GLY C 774 -13.71 -15.27 -20.61
C GLY C 774 -13.72 -15.29 -22.12
N SER C 775 -13.64 -14.12 -22.71
CA SER C 775 -13.59 -14.00 -24.16
C SER C 775 -13.00 -12.65 -24.53
N PHE C 776 -12.38 -12.60 -25.70
CA PHE C 776 -11.99 -11.33 -26.29
C PHE C 776 -12.57 -11.26 -27.70
N TRP C 777 -12.43 -10.10 -28.33
CA TRP C 777 -12.95 -9.87 -29.67
C TRP C 777 -11.83 -9.44 -30.58
N ILE C 778 -11.80 -10.00 -31.78
CA ILE C 778 -10.78 -9.67 -32.76
C ILE C 778 -11.46 -9.27 -34.06
N ARG C 779 -10.94 -8.24 -34.71
CA ARG C 779 -11.51 -7.81 -35.97
C ARG C 779 -11.26 -8.87 -37.04
N ARG C 780 -12.24 -9.05 -37.92
CA ARG C 780 -12.16 -10.12 -38.92
C ARG C 780 -10.95 -9.94 -39.82
N ASP C 781 -10.65 -8.69 -40.22
CA ASP C 781 -9.54 -8.46 -41.14
C ASP C 781 -8.22 -8.93 -40.54
N VAL C 782 -8.07 -8.81 -39.22
CA VAL C 782 -6.91 -9.37 -38.55
C VAL C 782 -6.97 -10.89 -38.55
N LEU C 783 -8.16 -11.45 -38.33
CA LEU C 783 -8.30 -12.90 -38.26
C LEU C 783 -8.05 -13.59 -39.58
N GLU C 784 -8.21 -12.90 -40.71
CA GLU C 784 -7.93 -13.46 -42.02
C GLU C 784 -6.53 -13.13 -42.52
N ASP C 785 -5.69 -12.55 -41.67
CA ASP C 785 -4.32 -12.24 -42.03
C ASP C 785 -3.41 -13.31 -41.45
N GLU C 786 -2.51 -13.84 -42.28
CA GLU C 786 -1.67 -14.95 -41.84
C GLU C 786 -0.67 -14.52 -40.79
N GLU C 787 -0.01 -13.38 -40.99
CA GLU C 787 1.07 -12.98 -40.09
C GLU C 787 0.56 -12.67 -38.69
N TYR C 788 -0.57 -11.96 -38.59
CA TYR C 788 -1.11 -11.63 -37.28
C TYR C 788 -1.57 -12.87 -36.54
N CYS C 789 -2.22 -13.80 -37.24
CA CYS C 789 -2.61 -15.06 -36.62
C CYS C 789 -1.40 -15.86 -36.17
N LYS C 790 -0.33 -15.88 -36.97
CA LYS C 790 0.88 -16.58 -36.56
C LYS C 790 1.51 -15.95 -35.33
N ALA C 791 1.57 -14.62 -35.29
CA ALA C 791 2.09 -13.92 -34.12
C ALA C 791 1.29 -14.28 -32.87
N LEU C 792 -0.03 -14.15 -32.95
CA LEU C 792 -0.87 -14.45 -31.79
C LEU C 792 -0.75 -15.92 -31.41
N GLY C 793 -0.61 -16.81 -32.39
CA GLY C 793 -0.49 -18.22 -32.08
C GLY C 793 0.80 -18.56 -31.35
N LYS C 794 1.93 -17.99 -31.78
CA LYS C 794 3.17 -18.22 -31.07
C LYS C 794 3.12 -17.63 -29.66
N ALA C 795 2.56 -16.43 -29.52
CA ALA C 795 2.45 -15.82 -28.20
C ALA C 795 1.57 -16.66 -27.27
N LEU C 796 0.42 -17.11 -27.76
CA LEU C 796 -0.49 -17.91 -26.95
C LEU C 796 0.04 -19.31 -26.71
N ALA C 797 0.88 -19.83 -27.60
CA ALA C 797 1.56 -21.09 -27.34
C ALA C 797 2.56 -20.95 -26.20
N ASP C 798 3.30 -19.84 -26.17
CA ASP C 798 4.21 -19.61 -25.05
C ASP C 798 3.45 -19.39 -23.75
N VAL C 799 2.30 -18.70 -23.82
CA VAL C 799 1.46 -18.54 -22.63
C VAL C 799 0.95 -19.89 -22.15
N ASN C 800 0.52 -20.75 -23.07
CA ASN C 800 0.04 -22.08 -22.70
C ASN C 800 1.15 -22.93 -22.08
N ASN C 801 2.39 -22.70 -22.46
CA ASN C 801 3.54 -23.43 -21.93
C ASN C 801 4.04 -22.87 -20.61
N GLY C 802 3.30 -21.99 -19.96
CA GLY C 802 3.63 -21.52 -18.64
C GLY C 802 4.67 -20.43 -18.56
N LEU C 803 5.15 -19.91 -19.69
CA LEU C 803 6.22 -18.92 -19.67
C LEU C 803 5.75 -17.60 -19.07
N TYR C 804 4.47 -17.27 -19.25
CA TYR C 804 3.96 -15.97 -18.80
C TYR C 804 2.93 -16.17 -17.69
N PRO C 805 3.32 -16.05 -16.43
CA PRO C 805 2.35 -16.15 -15.34
C PRO C 805 1.36 -15.00 -15.34
N LEU C 806 0.21 -15.25 -14.75
CA LEU C 806 -0.89 -14.28 -14.69
C LEU C 806 -1.01 -13.73 -13.27
N GLY C 807 -1.15 -12.42 -13.15
CA GLY C 807 -1.33 -11.80 -11.85
C GLY C 807 -0.02 -11.40 -11.19
N GLY C 808 -0.12 -11.18 -9.88
CA GLY C 808 1.01 -10.71 -9.12
C GLY C 808 1.67 -11.78 -8.28
N LYS C 809 2.93 -11.50 -7.92
CA LYS C 809 3.72 -12.32 -7.01
C LYS C 809 4.00 -13.71 -7.60
N SER C 810 4.40 -13.73 -8.86
CA SER C 810 4.73 -15.00 -9.51
C SER C 810 6.02 -15.57 -8.96
N ALA C 811 6.84 -14.74 -8.33
CA ALA C 811 8.13 -15.20 -7.79
C ALA C 811 7.95 -16.25 -6.71
N ILE C 812 6.83 -16.23 -6.01
CA ILE C 812 6.58 -17.15 -4.92
C ILE C 812 5.58 -18.23 -5.31
N GLY C 813 5.40 -18.47 -6.62
CA GLY C 813 4.56 -19.55 -7.08
C GLY C 813 3.11 -19.21 -7.35
N TYR C 814 2.78 -17.93 -7.47
CA TYR C 814 1.41 -17.53 -7.77
C TYR C 814 1.20 -17.39 -9.27
N GLY C 815 -0.01 -17.72 -9.72
CA GLY C 815 -0.41 -17.41 -11.07
C GLY C 815 0.22 -18.23 -12.18
N GLN C 816 0.59 -19.49 -11.89
CA GLN C 816 1.12 -20.35 -12.93
C GLN C 816 -0.01 -20.89 -13.78
N VAL C 817 0.05 -20.61 -15.09
CA VAL C 817 -0.96 -21.08 -16.03
C VAL C 817 -0.60 -22.50 -16.43
N LYS C 818 -1.45 -23.45 -16.07
CA LYS C 818 -1.17 -24.84 -16.45
C LYS C 818 -1.71 -25.16 -17.83
N SER C 819 -2.86 -24.59 -18.21
CA SER C 819 -3.37 -24.81 -19.55
C SER C 819 -4.20 -23.61 -20.01
N LEU C 820 -4.00 -23.19 -21.26
CA LEU C 820 -4.77 -22.12 -21.86
C LEU C 820 -5.36 -22.61 -23.18
N GLY C 821 -6.66 -22.41 -23.36
CA GLY C 821 -7.35 -22.89 -24.55
C GLY C 821 -8.20 -21.81 -25.19
N ILE C 822 -8.14 -21.75 -26.52
CA ILE C 822 -8.82 -20.75 -27.32
C ILE C 822 -9.82 -21.44 -28.23
N LYS C 823 -11.06 -20.95 -28.22
CA LYS C 823 -12.14 -21.50 -29.03
C LYS C 823 -12.75 -20.41 -29.89
N GLY C 824 -13.20 -20.79 -31.08
CA GLY C 824 -13.97 -19.90 -31.94
C GLY C 824 -13.20 -19.16 -33.01
N ASP C 825 -11.96 -19.54 -33.29
CA ASP C 825 -11.14 -18.82 -34.26
C ASP C 825 -11.04 -19.52 -35.60
N ASP C 826 -11.85 -20.55 -35.84
CA ASP C 826 -11.72 -21.46 -36.98
C ASP C 826 -10.37 -22.16 -37.01
N LYS C 827 -9.73 -22.30 -35.84
CA LYS C 827 -8.42 -22.93 -35.67
C LYS C 827 -7.31 -22.20 -36.39
N ARG C 828 -7.49 -20.91 -36.71
CA ARG C 828 -6.45 -20.18 -37.43
C ARG C 828 -5.32 -19.77 -36.49
N ILE C 829 -5.63 -19.52 -35.22
CA ILE C 829 -4.60 -19.18 -34.24
C ILE C 829 -4.29 -20.42 -33.40
N SER C 830 -5.32 -21.22 -33.11
CA SER C 830 -5.14 -22.40 -32.27
C SER C 830 -4.31 -23.50 -32.94
N ARG C 831 -4.10 -23.41 -34.26
CA ARG C 831 -3.30 -24.43 -34.93
C ARG C 831 -1.85 -24.39 -34.48
N LEU C 832 -1.34 -23.19 -34.21
CA LEU C 832 0.08 -23.04 -33.90
C LEU C 832 0.41 -23.56 -32.51
N MET C 833 -0.51 -23.41 -31.56
CA MET C 833 -0.30 -23.96 -30.23
C MET C 833 -0.29 -25.49 -30.29
N ASN C 834 0.82 -26.08 -29.90
CA ASN C 834 0.98 -27.52 -30.00
C ASN C 834 1.14 -28.17 -28.63
N VAL C 842 17.60 -39.57 -21.25
CA VAL C 842 18.82 -39.47 -20.46
C VAL C 842 18.48 -39.10 -19.02
N ALA C 843 19.02 -39.86 -18.07
CA ALA C 843 18.76 -39.60 -16.67
C ALA C 843 19.65 -38.46 -16.16
N VAL C 844 19.32 -37.98 -14.97
CA VAL C 844 20.05 -36.87 -14.37
C VAL C 844 21.36 -37.40 -13.78
N PRO C 845 22.49 -36.72 -13.98
CA PRO C 845 23.70 -37.11 -13.26
C PRO C 845 23.51 -37.00 -11.75
N GLU C 846 24.10 -37.94 -11.02
CA GLU C 846 23.93 -37.96 -9.57
C GLU C 846 24.84 -36.92 -8.92
N LYS C 847 24.50 -36.59 -7.67
CA LYS C 847 25.28 -35.62 -6.91
C LYS C 847 26.68 -36.16 -6.65
N PRO C 848 27.71 -35.31 -6.72
CA PRO C 848 29.03 -35.71 -6.23
C PRO C 848 28.99 -35.84 -4.71
N LYS C 849 29.79 -36.75 -4.18
CA LYS C 849 29.88 -36.87 -2.73
C LYS C 849 30.82 -35.81 -2.17
N THR C 850 30.43 -35.22 -1.06
CA THR C 850 31.15 -34.08 -0.52
C THR C 850 32.47 -34.52 0.11
N ASP C 851 33.43 -33.61 0.10
CA ASP C 851 34.72 -33.81 0.74
C ASP C 851 34.78 -33.21 2.13
N ALA C 852 33.70 -32.60 2.60
CA ALA C 852 33.69 -31.95 3.91
C ALA C 852 33.81 -32.99 5.02
N GLU C 853 34.74 -32.76 5.94
CA GLU C 853 34.95 -33.64 7.07
C GLU C 853 34.73 -32.85 8.35
N VAL C 854 33.87 -33.37 9.22
CA VAL C 854 33.63 -32.80 10.54
C VAL C 854 33.72 -33.92 11.55
N ARG C 855 34.62 -33.77 12.53
CA ARG C 855 34.86 -34.80 13.53
C ARG C 855 34.12 -34.43 14.81
N ILE C 856 33.16 -35.26 15.19
CA ILE C 856 32.31 -35.03 16.36
C ILE C 856 32.76 -35.97 17.48
N GLU C 857 32.98 -35.39 18.65
CA GLU C 857 33.37 -36.13 19.85
C GLU C 857 32.20 -36.13 20.82
N ALA C 858 31.93 -37.31 21.41
CA ALA C 858 30.72 -37.47 22.21
C ALA C 858 30.74 -36.64 23.48
N GLU C 859 31.92 -36.31 24.00
CA GLU C 859 32.00 -35.57 25.25
C GLU C 859 31.54 -34.12 25.09
N LYS C 860 31.84 -33.52 23.94
CA LYS C 860 31.66 -32.09 23.78
C LYS C 860 30.21 -31.73 23.44
N VAL C 861 29.86 -30.47 23.69
CA VAL C 861 28.56 -29.91 23.35
C VAL C 861 28.80 -28.70 22.46
N TYR C 862 28.09 -28.65 21.33
CA TYR C 862 28.31 -27.63 20.31
C TYR C 862 27.16 -26.65 20.26
N TYR C 863 27.45 -25.47 19.72
CA TYR C 863 26.48 -24.40 19.65
C TYR C 863 25.46 -24.64 18.53
N PRO C 864 24.21 -24.21 18.72
CA PRO C 864 23.18 -24.50 17.71
C PRO C 864 23.37 -23.82 16.38
N HIS C 865 24.18 -22.77 16.29
CA HIS C 865 24.34 -22.05 15.02
C HIS C 865 25.74 -21.48 14.93
N TYR C 866 26.17 -21.20 13.71
CA TYR C 866 27.49 -20.63 13.46
C TYR C 866 27.36 -19.62 12.31
N PHE C 867 28.46 -18.91 12.04
CA PHE C 867 28.48 -17.84 11.06
C PHE C 867 29.52 -18.11 10.00
N VAL C 868 29.16 -17.90 8.75
CA VAL C 868 30.07 -18.04 7.62
C VAL C 868 30.63 -16.66 7.32
N GLU C 869 31.94 -16.49 7.56
CA GLU C 869 32.57 -15.21 7.31
C GLU C 869 32.70 -14.98 5.82
N PRO C 870 32.09 -13.93 5.26
CA PRO C 870 32.08 -13.75 3.82
C PRO C 870 33.46 -13.40 3.28
N HIS C 871 33.60 -13.59 1.98
CA HIS C 871 34.79 -13.11 1.28
C HIS C 871 34.77 -11.59 1.21
N LYS C 872 35.93 -11.00 0.93
CA LYS C 872 36.06 -9.55 0.95
C LYS C 872 35.57 -8.90 -0.34
N LYS C 873 35.20 -9.68 -1.35
CA LYS C 873 34.87 -9.16 -2.67
C LYS C 873 33.49 -9.64 -3.08
N VAL C 874 32.64 -8.71 -3.52
CA VAL C 874 31.33 -8.99 -4.09
C VAL C 874 31.34 -8.47 -5.52
N GLU C 875 31.26 -9.38 -6.49
CA GLU C 875 31.19 -8.97 -7.89
C GLU C 875 29.85 -8.31 -8.16
N ARG C 876 29.89 -7.15 -8.81
CA ARG C 876 28.71 -6.43 -9.23
C ARG C 876 28.83 -6.13 -10.72
N GLU C 877 27.69 -6.01 -11.39
CA GLU C 877 27.65 -5.67 -12.80
C GLU C 877 26.75 -4.46 -13.02
N GLU C 878 27.17 -3.59 -13.92
CA GLU C 878 26.51 -2.31 -14.12
C GLU C 878 25.10 -2.50 -14.65
N LYS C 879 24.93 -3.37 -15.64
CA LYS C 879 23.66 -3.59 -16.32
C LYS C 879 23.18 -5.03 -16.13
N PRO C 880 22.09 -5.26 -15.42
CA PRO C 880 21.51 -6.61 -15.39
C PRO C 880 20.81 -6.93 -16.70
N CYS C 881 20.52 -8.21 -16.89
CA CYS C 881 19.82 -8.64 -18.09
C CYS C 881 18.38 -8.10 -18.09
N GLY C 882 17.88 -7.84 -19.30
CA GLY C 882 16.55 -7.27 -19.46
C GLY C 882 15.52 -8.35 -19.76
N HIS C 883 14.31 -8.12 -19.28
CA HIS C 883 13.15 -8.98 -19.53
C HIS C 883 12.50 -8.70 -20.87
N GLN C 884 13.17 -7.95 -21.76
CA GLN C 884 12.54 -7.50 -23.00
C GLN C 884 12.61 -8.54 -24.12
N LYS C 885 13.50 -9.53 -24.02
CA LYS C 885 13.58 -10.55 -25.06
C LYS C 885 14.33 -11.76 -24.51
N PHE C 886 14.16 -12.89 -25.20
CA PHE C 886 14.96 -14.09 -24.93
C PHE C 886 16.32 -13.90 -25.59
N HIS C 887 17.33 -13.58 -24.78
CA HIS C 887 18.65 -13.31 -25.32
C HIS C 887 19.31 -14.59 -25.81
N GLU C 888 20.09 -14.46 -26.88
CA GLU C 888 20.83 -15.58 -27.41
C GLU C 888 21.92 -16.00 -26.42
N GLY C 889 22.15 -17.31 -26.32
CA GLY C 889 23.12 -17.82 -25.37
C GLY C 889 22.64 -17.85 -23.95
N ARG C 890 21.34 -17.67 -23.71
CA ARG C 890 20.76 -17.74 -22.39
C ARG C 890 19.79 -18.90 -22.32
N LEU C 891 19.77 -19.58 -21.18
CA LEU C 891 18.97 -20.78 -21.02
C LEU C 891 17.67 -20.41 -20.31
N THR C 892 16.55 -20.70 -20.98
CA THR C 892 15.21 -20.45 -20.44
C THR C 892 14.52 -21.79 -20.31
N GLY C 893 13.96 -22.07 -19.13
CA GLY C 893 13.31 -23.33 -18.93
C GLY C 893 12.82 -23.62 -17.53
N LYS C 894 12.74 -24.90 -17.21
CA LYS C 894 12.09 -25.40 -16.00
C LYS C 894 12.99 -26.42 -15.32
N ILE C 895 12.89 -26.48 -14.00
CA ILE C 895 13.54 -27.51 -13.19
C ILE C 895 12.48 -28.15 -12.30
N ARG C 896 12.28 -29.45 -12.46
CA ARG C 896 11.45 -30.23 -11.55
C ARG C 896 12.36 -30.90 -10.53
N CYS C 897 12.05 -30.70 -9.24
CA CYS C 897 12.89 -31.12 -8.13
C CYS C 897 12.07 -31.84 -7.08
N LYS C 898 12.77 -32.66 -6.29
CA LYS C 898 12.18 -33.38 -5.17
C LYS C 898 12.93 -33.05 -3.89
N LEU C 899 12.18 -32.70 -2.85
CA LEU C 899 12.73 -32.40 -1.53
C LEU C 899 12.39 -33.54 -0.58
N ILE C 900 13.38 -34.03 0.14
CA ILE C 900 13.23 -35.16 1.05
C ILE C 900 13.51 -34.68 2.46
N THR C 901 12.64 -35.06 3.40
CA THR C 901 12.84 -34.68 4.80
C THR C 901 13.77 -35.69 5.46
N LYS C 902 14.89 -35.20 6.01
CA LYS C 902 15.81 -36.04 6.74
C LYS C 902 15.59 -35.98 8.24
N THR C 903 14.94 -34.94 8.73
CA THR C 903 14.51 -34.79 10.12
C THR C 903 13.08 -34.27 10.10
N PRO C 904 12.40 -34.28 11.24
CA PRO C 904 11.04 -33.76 11.28
C PRO C 904 10.96 -32.30 10.83
N LEU C 905 9.86 -31.98 10.16
CA LEU C 905 9.65 -30.67 9.55
C LEU C 905 8.40 -30.01 10.13
N ILE C 906 8.50 -28.72 10.40
CA ILE C 906 7.38 -27.92 10.89
C ILE C 906 7.18 -26.75 9.94
N VAL C 907 6.17 -26.82 9.09
CA VAL C 907 5.72 -25.69 8.29
C VAL C 907 4.31 -25.36 8.72
N PRO C 908 4.11 -24.34 9.54
CA PRO C 908 2.82 -24.16 10.21
C PRO C 908 1.77 -23.47 9.35
N ASP C 909 0.52 -23.76 9.67
CA ASP C 909 -0.64 -23.07 9.11
C ASP C 909 -1.14 -22.11 10.17
N THR C 910 -0.93 -20.82 9.94
CA THR C 910 -1.08 -19.81 10.98
C THR C 910 -2.43 -19.07 10.90
N SER C 911 -3.38 -19.60 10.11
CA SER C 911 -4.72 -19.03 10.12
C SER C 911 -5.41 -19.28 11.45
N ASN C 912 -5.18 -20.44 12.05
CA ASN C 912 -5.79 -20.80 13.33
C ASN C 912 -4.69 -20.97 14.37
N ASP C 913 -4.83 -20.24 15.48
CA ASP C 913 -3.86 -20.28 16.57
C ASP C 913 -4.28 -21.19 17.72
N ASP C 914 -5.43 -21.85 17.60
CA ASP C 914 -5.95 -22.72 18.64
C ASP C 914 -6.36 -24.05 18.01
N PHE C 915 -5.47 -24.60 17.17
CA PHE C 915 -5.79 -25.81 16.42
C PHE C 915 -6.03 -27.00 17.35
N PHE C 916 -5.17 -27.18 18.36
CA PHE C 916 -5.34 -28.26 19.32
C PHE C 916 -6.01 -27.75 20.59
N TYR C 930 -3.24 -17.00 25.64
CA TYR C 930 -3.46 -18.43 25.65
C TYR C 930 -2.38 -19.19 24.88
N HIS C 931 -2.26 -20.49 25.16
CA HIS C 931 -1.28 -21.31 24.47
C HIS C 931 -1.68 -21.51 23.01
N LYS C 932 -0.71 -21.37 22.11
CA LYS C 932 -0.97 -21.34 20.68
C LYS C 932 -0.58 -22.67 20.05
N SER C 933 -1.49 -23.20 19.23
CA SER C 933 -1.32 -24.49 18.55
C SER C 933 -1.48 -24.30 17.06
N TYR C 934 -0.64 -24.97 16.28
CA TYR C 934 -0.63 -24.83 14.83
C TYR C 934 -0.60 -26.18 14.15
N ALA C 935 -1.14 -26.22 12.93
CA ALA C 935 -1.14 -27.40 12.10
C ALA C 935 -0.20 -27.20 10.93
N PHE C 936 0.11 -28.29 10.23
CA PHE C 936 0.96 -28.21 9.05
C PHE C 936 0.25 -27.44 7.94
N PHE C 937 1.02 -26.69 7.17
CA PHE C 937 0.46 -25.86 6.11
C PHE C 937 -0.25 -26.74 5.09
N ARG C 938 -1.51 -26.40 4.80
CA ARG C 938 -2.31 -27.11 3.82
C ARG C 938 -2.97 -26.11 2.90
N LEU C 939 -3.23 -26.55 1.67
CA LEU C 939 -4.02 -25.79 0.70
C LEU C 939 -5.08 -26.72 0.16
N HIS C 940 -6.33 -26.52 0.64
CA HIS C 940 -7.47 -27.36 0.24
C HIS C 940 -7.26 -28.81 0.67
N LYS C 941 -6.90 -29.00 1.94
CA LYS C 941 -6.67 -30.32 2.53
C LYS C 941 -5.54 -31.09 1.88
N GLN C 942 -4.68 -30.40 1.13
CA GLN C 942 -3.52 -31.01 0.49
C GLN C 942 -2.29 -30.40 1.13
N ILE C 943 -1.43 -31.24 1.69
CA ILE C 943 -0.27 -30.76 2.42
C ILE C 943 0.74 -30.19 1.43
N MET C 944 1.15 -28.93 1.67
CA MET C 944 2.02 -28.22 0.75
C MET C 944 3.04 -27.41 1.53
N ILE C 945 4.09 -26.99 0.83
CA ILE C 945 5.05 -26.00 1.32
C ILE C 945 5.01 -24.82 0.36
N PRO C 946 4.77 -23.59 0.84
CA PRO C 946 4.68 -22.46 -0.06
C PRO C 946 6.01 -22.19 -0.77
N GLY C 947 5.91 -21.60 -1.95
CA GLY C 947 7.10 -21.27 -2.72
C GLY C 947 7.95 -20.19 -2.11
N SER C 948 7.38 -19.38 -1.21
CA SER C 948 8.17 -18.35 -0.53
C SER C 948 9.16 -18.96 0.45
N GLU C 949 8.74 -20.00 1.17
CA GLU C 949 9.65 -20.68 2.09
C GLU C 949 10.83 -21.29 1.35
N LEU C 950 10.56 -22.02 0.27
CA LEU C 950 11.63 -22.64 -0.50
C LEU C 950 12.50 -21.59 -1.18
N ARG C 951 11.88 -20.50 -1.66
CA ARG C 951 12.65 -19.43 -2.26
C ARG C 951 13.62 -18.82 -1.26
N GLY C 952 13.16 -18.53 -0.05
CA GLY C 952 14.05 -17.99 0.96
C GLY C 952 15.15 -18.96 1.36
N MET C 953 14.79 -20.24 1.54
CA MET C 953 15.78 -21.24 1.92
C MET C 953 16.87 -21.38 0.87
N VAL C 954 16.49 -21.44 -0.41
CA VAL C 954 17.49 -21.62 -1.46
C VAL C 954 18.26 -20.32 -1.71
N SER C 955 17.60 -19.16 -1.50
CA SER C 955 18.28 -17.89 -1.64
C SER C 955 19.36 -17.72 -0.58
N SER C 956 19.11 -18.20 0.64
CA SER C 956 20.11 -18.08 1.69
C SER C 956 21.40 -18.80 1.31
N VAL C 957 21.29 -19.93 0.63
CA VAL C 957 22.48 -20.68 0.20
C VAL C 957 23.08 -20.09 -1.07
N TYR C 958 22.26 -19.55 -1.98
CA TYR C 958 22.81 -18.95 -3.19
C TYR C 958 23.57 -17.67 -2.88
N GLU C 959 23.11 -16.90 -1.90
CA GLU C 959 23.84 -15.71 -1.49
C GLU C 959 25.18 -16.05 -0.86
N THR C 960 25.35 -17.28 -0.37
CA THR C 960 26.60 -17.73 0.23
C THR C 960 27.54 -18.36 -0.79
N VAL C 961 27.02 -19.14 -1.72
CA VAL C 961 27.85 -19.77 -2.74
C VAL C 961 28.52 -18.71 -3.60
N THR C 962 27.74 -17.74 -4.07
CA THR C 962 28.26 -16.53 -4.70
C THR C 962 28.29 -15.45 -3.63
N ASN C 963 29.50 -15.06 -3.22
CA ASN C 963 29.63 -14.02 -2.22
C ASN C 963 28.89 -12.76 -2.68
N SER C 964 27.82 -12.42 -1.97
CA SER C 964 26.91 -11.38 -2.40
C SER C 964 26.56 -10.50 -1.20
N CYS C 965 25.62 -9.60 -1.41
CA CYS C 965 25.14 -8.74 -0.34
C CYS C 965 24.24 -9.52 0.61
N PHE C 966 24.14 -9.04 1.84
CA PHE C 966 23.17 -9.58 2.80
C PHE C 966 21.80 -9.02 2.44
N ARG C 967 20.99 -9.81 1.73
CA ARG C 967 19.80 -9.28 1.08
C ARG C 967 18.85 -8.65 2.10
N ILE C 968 18.65 -9.31 3.23
CA ILE C 968 17.80 -8.79 4.30
C ILE C 968 18.69 -8.48 5.49
N PHE C 969 18.68 -7.21 5.90
CA PHE C 969 19.48 -6.76 7.04
C PHE C 969 18.85 -5.51 7.60
N ASP C 970 18.75 -5.45 8.93
CA ASP C 970 18.24 -4.26 9.61
C ASP C 970 19.40 -3.28 9.84
N GLU C 971 19.72 -2.55 8.77
CA GLU C 971 20.89 -1.67 8.79
C GLU C 971 20.76 -0.55 9.82
N THR C 972 19.54 -0.14 10.14
CA THR C 972 19.31 1.02 10.98
C THR C 972 19.12 0.67 12.45
N LYS C 973 19.40 -0.57 12.85
CA LYS C 973 19.30 -0.95 14.25
C LYS C 973 20.48 -0.39 15.03
N ARG C 974 20.20 0.18 16.20
CA ARG C 974 21.22 0.69 17.10
C ARG C 974 21.27 -0.21 18.33
N LEU C 975 22.48 -0.64 18.68
CA LEU C 975 22.68 -1.64 19.72
C LEU C 975 22.97 -0.98 21.08
N SER C 976 22.58 -1.66 22.14
CA SER C 976 22.79 -1.19 23.50
C SER C 976 23.30 -2.33 24.38
N TRP C 977 24.08 -1.97 25.40
CA TRP C 977 24.66 -2.91 26.33
C TRP C 977 24.47 -2.44 27.76
N ARG C 978 24.23 -3.37 28.67
CA ARG C 978 24.13 -3.05 30.09
C ARG C 978 25.52 -2.98 30.70
N MET C 979 25.77 -1.95 31.50
CA MET C 979 27.06 -1.83 32.17
C MET C 979 27.12 -2.81 33.35
N ASP C 980 28.24 -2.77 34.05
CA ASP C 980 28.51 -3.69 35.16
C ASP C 980 29.03 -2.89 36.34
N ALA C 981 28.89 -3.48 37.53
CA ALA C 981 29.36 -2.86 38.76
C ALA C 981 30.80 -3.27 39.06
N GLN C 988 33.21 4.04 35.94
CA GLN C 988 34.02 4.88 36.82
C GLN C 988 34.25 6.26 36.22
N ASP C 989 33.93 6.40 34.93
CA ASP C 989 34.07 7.66 34.21
C ASP C 989 32.73 8.37 34.04
N PHE C 990 31.75 8.04 34.87
CA PHE C 990 30.43 8.66 34.82
C PHE C 990 30.33 9.65 35.96
N LEU C 991 30.34 10.94 35.61
CA LEU C 991 30.36 12.02 36.57
C LEU C 991 28.99 12.69 36.67
N PRO C 992 28.63 13.23 37.82
CA PRO C 992 27.31 13.85 37.97
C PRO C 992 27.19 15.10 37.11
N GLY C 993 25.95 15.46 36.81
CA GLY C 993 25.72 16.67 36.04
C GLY C 993 24.27 17.06 35.99
N ARG C 994 24.05 18.33 35.67
CA ARG C 994 22.72 18.90 35.53
C ARG C 994 22.62 19.57 34.17
N VAL C 995 21.51 19.36 33.49
CA VAL C 995 21.29 19.98 32.18
C VAL C 995 20.87 21.43 32.36
N GLY C 999 18.81 22.54 26.88
CA GLY C 999 20.09 22.46 27.54
C GLY C 999 21.25 22.19 26.59
N LYS C 1000 21.93 23.26 26.21
CA LYS C 1000 23.06 23.14 25.29
C LYS C 1000 24.20 22.35 25.90
N HIS C 1001 24.51 22.59 27.18
CA HIS C 1001 25.60 21.94 27.85
C HIS C 1001 25.14 21.40 29.20
N ILE C 1002 25.86 20.41 29.70
CA ILE C 1002 25.64 19.87 31.04
C ILE C 1002 26.76 20.34 31.97
N GLN C 1003 26.38 20.83 33.14
CA GLN C 1003 27.35 21.22 34.15
C GLN C 1003 27.92 19.98 34.84
N LYS C 1004 29.04 20.18 35.53
CA LYS C 1004 29.68 19.10 36.28
C LYS C 1004 29.56 19.35 37.78
N PHE C 1005 29.17 18.30 38.50
CA PHE C 1005 29.16 18.30 39.97
C PHE C 1005 30.43 17.63 40.47
N SER C 1006 30.92 18.08 41.62
CA SER C 1006 32.23 17.61 42.08
C SER C 1006 32.13 16.29 42.83
N GLU C 1007 31.06 16.06 43.58
CA GLU C 1007 31.02 14.90 44.45
C GLU C 1007 29.58 14.48 44.73
N THR C 1008 29.43 13.25 45.22
CA THR C 1008 28.16 12.62 45.48
C THR C 1008 28.10 12.13 46.92
N ALA C 1009 26.88 11.91 47.40
CA ALA C 1009 26.68 11.27 48.70
C ALA C 1009 25.33 10.58 48.71
N ARG C 1010 25.21 9.51 49.49
CA ARG C 1010 23.95 8.79 49.60
C ARG C 1010 23.11 9.40 50.72
N VAL C 1011 21.90 9.84 50.37
CA VAL C 1011 20.94 10.36 51.34
C VAL C 1011 19.90 9.28 51.60
N PRO C 1012 19.83 8.71 52.81
CA PRO C 1012 18.77 7.74 53.10
C PRO C 1012 17.40 8.37 52.97
N PHE C 1013 16.57 7.77 52.12
CA PHE C 1013 15.21 8.27 51.87
C PHE C 1013 14.12 7.29 52.27
N TYR C 1014 14.33 5.99 52.06
CA TYR C 1014 13.30 4.99 52.32
C TYR C 1014 13.53 4.23 53.61
N ASP C 1015 14.43 4.72 54.47
CA ASP C 1015 14.67 4.12 55.77
C ASP C 1015 13.79 4.80 56.80
N LYS C 1016 13.93 4.41 58.07
CA LYS C 1016 13.20 5.02 59.17
C LYS C 1016 14.06 5.94 60.02
N THR C 1017 15.34 6.13 59.65
CA THR C 1017 16.22 7.00 60.41
C THR C 1017 15.89 8.48 60.22
N GLN C 1018 15.25 8.82 59.10
CA GLN C 1018 14.99 10.21 58.76
C GLN C 1018 13.52 10.40 58.43
N LYS C 1019 13.10 11.66 58.41
CA LYS C 1019 11.73 12.06 58.11
C LYS C 1019 11.71 13.00 56.91
N HIS C 1020 12.72 12.86 56.04
CA HIS C 1020 12.93 13.82 54.95
C HIS C 1020 11.72 13.93 54.04
N PHE C 1021 11.01 12.83 53.79
CA PHE C 1021 9.85 12.89 52.90
C PHE C 1021 8.83 13.92 53.38
N ASP C 1022 8.82 14.19 54.69
CA ASP C 1022 7.94 15.23 55.23
C ASP C 1022 8.54 16.62 55.03
N ILE C 1023 9.86 16.75 55.06
CA ILE C 1023 10.49 18.06 55.24
C ILE C 1023 10.98 18.66 53.93
N LEU C 1024 10.68 18.04 52.79
CA LEU C 1024 11.01 18.63 51.50
C LEU C 1024 9.80 18.66 50.58
N ASP C 1025 9.64 19.76 49.86
CA ASP C 1025 8.54 19.95 48.93
C ASP C 1025 8.76 19.10 47.68
N GLU C 1026 7.75 19.07 46.82
CA GLU C 1026 7.80 18.25 45.61
C GLU C 1026 8.95 18.67 44.68
N GLN C 1027 9.15 19.99 44.52
CA GLN C 1027 10.19 20.45 43.61
C GLN C 1027 11.58 20.14 44.15
N GLU C 1028 11.76 20.20 45.47
CA GLU C 1028 13.05 19.84 46.05
C GLU C 1028 13.36 18.37 45.84
N ILE C 1029 12.34 17.51 45.97
CA ILE C 1029 12.51 16.09 45.67
C ILE C 1029 12.76 15.83 44.20
N ALA C 1030 12.10 16.57 43.31
CA ALA C 1030 12.25 16.33 41.87
C ALA C 1030 13.65 16.70 41.40
N GLY C 1031 14.34 17.60 42.10
CA GLY C 1031 15.66 18.03 41.71
C GLY C 1031 15.71 19.37 41.01
N GLU C 1032 14.58 20.08 40.91
CA GLU C 1032 14.56 21.37 40.24
C GLU C 1032 15.19 22.46 41.10
N LYS C 1033 15.01 22.38 42.42
CA LYS C 1033 15.51 23.41 43.33
C LYS C 1033 16.64 22.88 44.19
N PRO C 1034 17.70 23.67 44.39
CA PRO C 1034 18.79 23.24 45.27
C PRO C 1034 18.32 23.08 46.71
N VAL C 1035 19.05 22.24 47.45
CA VAL C 1035 18.69 21.90 48.83
C VAL C 1035 19.88 22.19 49.73
N ARG C 1036 19.61 22.21 51.03
CA ARG C 1036 20.60 22.47 52.06
C ARG C 1036 20.65 21.29 53.01
N MET C 1037 21.73 20.50 52.94
CA MET C 1037 21.86 19.32 53.77
C MET C 1037 23.29 19.16 54.24
N TRP C 1038 23.43 18.77 55.50
CA TRP C 1038 24.74 18.50 56.09
C TRP C 1038 25.34 17.23 55.50
N VAL C 1039 26.65 17.30 55.21
CA VAL C 1039 27.36 16.18 54.62
C VAL C 1039 28.47 15.74 55.57
N LYS C 1040 28.50 14.46 55.88
CA LYS C 1040 29.62 13.85 56.59
C LYS C 1040 30.36 12.94 55.61
N ARG C 1041 31.68 13.11 55.53
CA ARG C 1041 32.48 12.35 54.58
C ARG C 1041 33.24 11.19 55.22
N PHE C 1042 33.68 11.33 56.47
CA PHE C 1042 34.39 10.28 57.18
C PHE C 1042 33.80 10.13 58.57
N ILE C 1043 33.74 8.90 59.05
CA ILE C 1043 33.19 8.61 60.37
C ILE C 1043 34.32 8.06 61.23
N LYS C 1044 34.45 8.57 62.46
CA LYS C 1044 35.51 8.11 63.34
C LYS C 1044 35.04 6.95 64.22
N ARG C 1045 35.82 5.87 64.19
CA ARG C 1045 35.59 4.68 65.00
C ARG C 1045 36.81 4.44 65.87
N LEU C 1046 36.60 4.27 67.18
CA LEU C 1046 37.71 4.18 68.11
C LEU C 1046 37.78 2.78 68.72
N SER C 1047 38.99 2.26 68.82
CA SER C 1047 39.35 1.16 69.69
C SER C 1047 39.88 1.77 70.99
N LEU C 1048 39.55 1.15 72.13
CA LEU C 1048 40.03 1.69 73.39
C LEU C 1048 41.50 1.40 73.60
N VAL C 1049 42.00 0.31 73.04
CA VAL C 1049 43.36 -0.14 73.28
C VAL C 1049 44.13 -0.18 71.96
N ASP C 1050 45.46 -0.10 72.06
CA ASP C 1050 46.34 -0.30 70.93
C ASP C 1050 46.09 -1.69 70.34
N PRO C 1051 46.09 -1.82 69.02
CA PRO C 1051 45.88 -3.14 68.41
C PRO C 1051 46.91 -4.15 68.88
N ALA C 1052 46.45 -5.37 69.12
CA ALA C 1052 47.30 -6.43 69.64
C ALA C 1052 46.73 -7.80 69.29
N TRP C 1063 44.99 0.71 59.64
CA TRP C 1063 45.42 1.31 60.89
C TRP C 1063 46.60 2.24 60.67
N LYS C 1064 46.70 2.80 59.47
CA LYS C 1064 47.79 3.71 59.15
C LYS C 1064 47.75 4.96 60.01
N ARG C 1065 46.56 5.51 60.23
CA ARG C 1065 46.43 6.72 61.04
C ARG C 1065 46.89 6.47 62.47
N ARG C 1066 46.33 5.44 63.12
CA ARG C 1066 46.71 5.06 64.48
C ARG C 1066 46.68 6.27 65.42
N LYS C 1067 45.67 7.12 65.26
CA LYS C 1067 45.56 8.32 66.07
C LYS C 1067 45.37 7.94 67.53
N GLU C 1068 46.14 8.57 68.41
CA GLU C 1068 46.07 8.30 69.84
C GLU C 1068 45.60 9.55 70.57
N GLY C 1069 44.59 9.40 71.41
CA GLY C 1069 44.02 10.56 72.10
C GLY C 1069 43.31 10.17 73.38
N ILE C 1070 43.05 11.17 74.20
CA ILE C 1070 42.40 10.96 75.48
C ILE C 1070 40.89 10.93 75.27
N ALA C 1071 40.21 10.07 76.01
CA ALA C 1071 38.76 9.92 75.94
C ALA C 1071 38.16 9.99 77.33
N THR C 1072 37.07 10.74 77.45
CA THR C 1072 36.31 10.85 78.69
C THR C 1072 34.92 10.27 78.45
N PHE C 1073 34.60 9.24 79.24
CA PHE C 1073 33.30 8.59 79.17
C PHE C 1073 32.20 9.51 79.67
N ILE C 1074 31.02 9.38 79.09
CA ILE C 1074 29.88 10.20 79.50
C ILE C 1074 28.73 9.32 79.96
N GLU C 1075 28.20 8.49 79.07
CA GLU C 1075 27.05 7.66 79.39
C GLU C 1075 27.16 6.31 78.71
N GLN C 1076 26.46 5.33 79.28
CA GLN C 1076 26.38 3.99 78.72
C GLN C 1076 24.94 3.51 78.77
N LYS C 1077 24.43 3.02 77.65
CA LYS C 1077 23.09 2.45 77.63
C LYS C 1077 22.97 1.49 76.45
N ASN C 1078 22.18 0.43 76.67
CA ASN C 1078 21.93 -0.59 75.66
C ASN C 1078 23.22 -1.11 75.06
N GLY C 1079 24.24 -1.24 75.90
CA GLY C 1079 25.57 -1.63 75.42
C GLY C 1079 26.42 -0.50 74.93
N SER C 1080 25.85 0.41 74.13
CA SER C 1080 26.64 1.45 73.50
C SER C 1080 27.11 2.49 74.53
N TYR C 1081 28.26 3.09 74.25
CA TYR C 1081 28.86 4.11 75.10
C TYR C 1081 28.93 5.41 74.33
N TYR C 1082 28.33 6.47 74.87
CA TYR C 1082 28.47 7.82 74.32
C TYR C 1082 29.48 8.57 75.17
N PHE C 1083 30.55 9.05 74.54
CA PHE C 1083 31.65 9.71 75.25
C PHE C 1083 32.32 10.75 74.36
N ASN C 1084 33.03 11.70 74.99
CA ASN C 1084 33.72 12.72 74.21
C ASN C 1084 35.23 12.50 74.25
N VAL C 1085 35.88 12.65 73.09
CA VAL C 1085 37.28 12.28 72.91
C VAL C 1085 38.03 13.49 72.37
N VAL C 1086 39.15 13.83 73.01
CA VAL C 1086 40.02 14.91 72.59
C VAL C 1086 41.36 14.33 72.18
N THR C 1087 41.81 14.67 70.97
CA THR C 1087 43.06 14.16 70.42
C THR C 1087 43.70 15.26 69.58
N ASN C 1088 44.75 14.89 68.85
CA ASN C 1088 45.58 15.83 68.11
C ASN C 1088 46.19 16.86 69.06
N ASN C 1089 46.70 16.39 70.20
CA ASN C 1089 47.25 17.24 71.25
C ASN C 1089 46.22 18.27 71.72
N GLY C 1090 44.98 17.82 71.88
CA GLY C 1090 43.90 18.69 72.31
C GLY C 1090 43.26 19.51 71.21
N CYS C 1091 43.69 19.36 69.96
CA CYS C 1091 43.17 20.19 68.88
C CYS C 1091 41.76 19.77 68.48
N THR C 1092 41.49 18.47 68.40
CA THR C 1092 40.24 17.97 67.85
C THR C 1092 39.45 17.22 68.92
N SER C 1093 38.23 17.68 69.18
CA SER C 1093 37.34 17.04 70.14
C SER C 1093 36.04 16.64 69.46
N PHE C 1094 35.63 15.39 69.67
CA PHE C 1094 34.44 14.87 69.01
C PHE C 1094 33.70 13.90 69.92
N HIS C 1095 32.38 13.83 69.74
CA HIS C 1095 31.51 12.94 70.51
C HIS C 1095 31.05 11.78 69.64
N LEU C 1096 30.88 10.61 70.25
CA LEU C 1096 30.32 9.49 69.49
C LEU C 1096 29.84 8.41 70.43
N TRP C 1097 29.04 7.50 69.85
CA TRP C 1097 28.59 6.26 70.47
C TRP C 1097 29.36 5.11 69.87
N HIS C 1098 29.84 4.19 70.71
CA HIS C 1098 30.64 3.06 70.29
C HIS C 1098 30.17 1.81 71.00
N LYS C 1099 29.95 0.73 70.24
CA LYS C 1099 29.47 -0.52 70.83
C LYS C 1099 30.60 -1.22 71.57
N PRO C 1100 30.30 -1.98 72.61
CA PRO C 1100 31.37 -2.66 73.38
C PRO C 1100 32.17 -3.61 72.50
N ASP C 1101 33.49 -3.42 72.49
CA ASP C 1101 34.40 -4.20 71.67
C ASP C 1101 35.31 -5.04 72.57
N ASN C 1102 35.44 -6.32 72.24
CA ASN C 1102 36.31 -7.21 73.01
C ASN C 1102 37.77 -6.80 72.87
N PHE C 1103 38.53 -7.05 73.93
CA PHE C 1103 39.94 -6.68 74.09
C PHE C 1103 40.13 -5.18 74.23
N ASP C 1104 39.07 -4.39 74.12
CA ASP C 1104 39.15 -2.94 74.28
C ASP C 1104 38.22 -2.42 75.35
N GLN C 1105 36.94 -2.80 75.30
CA GLN C 1105 35.98 -2.35 76.30
C GLN C 1105 36.09 -3.13 77.61
N GLU C 1106 36.78 -4.27 77.59
CA GLU C 1106 36.98 -5.03 78.82
C GLU C 1106 37.83 -4.27 79.83
N LYS C 1107 38.64 -3.31 79.39
CA LYS C 1107 39.41 -2.50 80.31
C LYS C 1107 38.51 -1.67 81.21
N LEU C 1108 37.46 -1.08 80.65
CA LEU C 1108 36.51 -0.26 81.40
C LEU C 1108 35.29 -1.11 81.73
N GLU C 1109 35.18 -1.53 83.00
CA GLU C 1109 34.06 -2.32 83.45
C GLU C 1109 33.12 -1.57 84.39
N GLY C 1110 33.62 -0.55 85.08
CA GLY C 1110 32.81 0.27 85.97
C GLY C 1110 32.54 1.62 85.35
N ILE C 1111 31.39 2.20 85.71
CA ILE C 1111 30.97 3.50 85.16
C ILE C 1111 31.32 4.56 86.21
N GLN C 1112 32.52 5.12 86.10
CA GLN C 1112 32.90 6.24 86.94
C GLN C 1112 32.39 7.58 86.40
N ASN C 1113 31.84 7.59 85.19
CA ASN C 1113 31.16 8.69 84.52
C ASN C 1113 32.15 9.75 84.01
N GLY C 1114 33.42 9.71 84.41
CA GLY C 1114 34.38 10.69 83.95
C GLY C 1114 35.79 10.16 83.76
N GLU C 1115 35.92 8.85 83.61
CA GLU C 1115 37.24 8.23 83.63
C GLU C 1115 38.04 8.59 82.38
N LYS C 1116 39.32 8.89 82.58
CA LYS C 1116 40.24 9.15 81.47
C LYS C 1116 40.75 7.85 80.89
N LEU C 1117 40.81 7.76 79.56
CA LEU C 1117 41.38 6.58 78.93
C LEU C 1117 42.02 6.93 77.61
N ASP C 1118 43.26 6.49 77.40
CA ASP C 1118 43.92 6.67 76.11
C ASP C 1118 43.39 5.65 75.11
N CYS C 1119 43.03 6.12 73.91
CA CYS C 1119 42.39 5.29 72.91
C CYS C 1119 42.95 5.61 71.53
N TRP C 1120 42.70 4.72 70.58
CA TRP C 1120 43.14 4.87 69.19
C TRP C 1120 41.91 5.03 68.31
N VAL C 1121 41.86 6.15 67.58
CA VAL C 1121 40.73 6.48 66.72
C VAL C 1121 41.15 6.29 65.27
N ARG C 1122 40.42 5.44 64.56
CA ARG C 1122 40.58 5.23 63.13
C ARG C 1122 39.47 5.96 62.38
N ASP C 1123 39.71 6.18 61.10
CA ASP C 1123 38.77 6.86 60.23
C ASP C 1123 38.32 5.92 59.12
N SER C 1124 37.01 5.84 58.91
CA SER C 1124 36.43 5.01 57.86
C SER C 1124 35.60 5.89 56.94
N ARG C 1125 35.64 5.56 55.64
CA ARG C 1125 34.90 6.34 54.67
C ARG C 1125 33.40 6.18 54.88
N TYR C 1126 32.71 7.32 55.01
CA TYR C 1126 31.28 7.32 55.29
C TYR C 1126 30.72 8.56 54.60
N GLN C 1127 30.26 8.39 53.37
CA GLN C 1127 29.75 9.49 52.55
C GLN C 1127 28.24 9.54 52.70
N LYS C 1128 27.76 10.44 53.57
CA LYS C 1128 26.34 10.51 53.84
C LYS C 1128 25.93 11.97 53.95
N ALA C 1129 24.65 12.22 53.72
CA ALA C 1129 24.10 13.57 53.78
C ALA C 1129 22.70 13.51 54.35
N PHE C 1130 22.45 14.36 55.34
CA PHE C 1130 21.15 14.40 56.00
C PHE C 1130 20.71 15.85 56.15
N GLN C 1131 19.40 16.08 56.05
CA GLN C 1131 18.89 17.44 56.18
C GLN C 1131 19.07 17.97 57.60
N GLU C 1132 18.60 17.22 58.59
CA GLU C 1132 18.90 17.48 59.99
C GLU C 1132 19.96 16.51 60.48
N ILE C 1133 20.91 17.01 61.27
CA ILE C 1133 21.97 16.15 61.80
C ILE C 1133 21.35 15.05 62.64
N PRO C 1134 21.75 13.79 62.48
CA PRO C 1134 21.25 12.74 63.37
C PRO C 1134 21.60 13.05 64.82
N GLU C 1135 20.63 12.85 65.71
CA GLU C 1135 20.81 13.20 67.11
C GLU C 1135 21.85 12.32 67.79
N ASN C 1136 22.15 11.14 67.23
CA ASN C 1136 23.17 10.29 67.81
C ASN C 1136 24.57 10.89 67.64
N ASP C 1137 24.90 11.32 66.41
CA ASP C 1137 26.23 11.83 66.11
C ASP C 1137 26.14 13.28 65.67
N PRO C 1138 26.45 14.24 66.55
CA PRO C 1138 26.34 15.66 66.20
C PRO C 1138 27.63 16.34 65.72
N ASP C 1139 28.71 15.58 65.49
CA ASP C 1139 30.00 16.18 65.18
C ASP C 1139 30.46 15.77 63.79
N GLY C 1140 31.13 16.70 63.11
CA GLY C 1140 31.74 16.43 61.83
C GLY C 1140 30.80 16.49 60.64
N TRP C 1141 30.12 17.61 60.46
CA TRP C 1141 29.18 17.77 59.35
C TRP C 1141 29.31 19.18 58.78
N GLU C 1142 29.38 19.27 57.45
CA GLU C 1142 29.40 20.56 56.77
C GLU C 1142 27.96 21.00 56.51
N CYS C 1143 27.79 22.04 55.69
CA CYS C 1143 26.46 22.54 55.35
C CYS C 1143 26.38 22.87 53.86
N LYS C 1144 26.93 21.99 53.03
CA LYS C 1144 27.00 22.27 51.60
C LYS C 1144 25.64 22.14 50.93
N GLU C 1145 25.40 23.01 49.96
CA GLU C 1145 24.20 22.93 49.14
C GLU C 1145 24.36 21.84 48.08
N GLY C 1146 23.26 21.52 47.42
CA GLY C 1146 23.34 20.52 46.37
C GLY C 1146 21.97 20.20 45.81
N TYR C 1147 21.95 19.21 44.92
CA TYR C 1147 20.74 18.76 44.25
C TYR C 1147 20.46 17.31 44.63
N LEU C 1148 19.19 17.02 44.91
CA LEU C 1148 18.75 15.69 45.32
C LEU C 1148 18.18 14.98 44.11
N HIS C 1149 18.83 13.91 43.67
CA HIS C 1149 18.37 13.14 42.52
C HIS C 1149 17.61 11.92 43.02
N VAL C 1150 16.29 11.94 42.86
CA VAL C 1150 15.49 10.78 43.18
C VAL C 1150 15.00 10.14 41.89
N VAL C 1151 15.37 8.89 41.67
CA VAL C 1151 14.78 8.11 40.57
C VAL C 1151 13.58 7.34 41.07
N GLY C 1152 13.54 7.07 42.37
CA GLY C 1152 12.51 6.25 42.97
C GLY C 1152 13.14 4.98 43.49
N PRO C 1153 12.37 4.17 44.22
CA PRO C 1153 12.89 2.86 44.63
C PRO C 1153 12.84 1.91 43.44
N SER C 1154 14.00 1.65 42.85
CA SER C 1154 14.05 0.94 41.58
C SER C 1154 14.95 -0.27 41.57
N LYS C 1155 15.84 -0.44 42.56
CA LYS C 1155 16.63 -1.66 42.65
C LYS C 1155 15.78 -2.73 43.30
N VAL C 1156 15.05 -3.48 42.47
CA VAL C 1156 14.08 -4.46 42.93
C VAL C 1156 14.42 -5.81 42.31
N GLU C 1157 14.30 -6.87 43.09
CA GLU C 1157 14.56 -8.23 42.63
C GLU C 1157 13.27 -9.04 42.77
N PHE C 1158 12.43 -8.98 41.74
CA PHE C 1158 11.13 -9.62 41.81
C PHE C 1158 11.20 -11.06 41.32
N SER C 1159 10.32 -11.89 41.88
CA SER C 1159 10.28 -13.30 41.53
C SER C 1159 8.91 -13.86 41.92
N ASP C 1160 8.59 -15.02 41.35
CA ASP C 1160 7.33 -15.68 41.65
C ASP C 1160 7.44 -16.72 42.76
N LYS C 1161 8.65 -17.03 43.21
CA LYS C 1161 8.88 -17.99 44.28
C LYS C 1161 9.74 -17.35 45.36
N LYS C 1162 9.48 -17.73 46.61
CA LYS C 1162 10.24 -17.18 47.73
C LYS C 1162 11.72 -17.51 47.59
N GLY C 1163 12.57 -16.49 47.81
CA GLY C 1163 14.00 -16.67 47.86
C GLY C 1163 14.49 -16.81 49.28
N ASP C 1164 15.54 -16.06 49.62
CA ASP C 1164 16.06 -16.08 50.99
C ASP C 1164 15.55 -14.90 51.80
N VAL C 1165 15.63 -13.69 51.24
CA VAL C 1165 15.23 -12.49 51.98
C VAL C 1165 13.73 -12.48 52.22
N ILE C 1166 12.94 -12.74 51.18
CA ILE C 1166 11.49 -12.68 51.31
C ILE C 1166 10.97 -13.82 52.19
N ASN C 1167 11.71 -14.93 52.25
CA ASN C 1167 11.33 -16.04 53.12
C ASN C 1167 11.67 -15.76 54.58
N ASN C 1168 12.76 -15.04 54.84
CA ASN C 1168 13.15 -14.72 56.21
C ASN C 1168 12.32 -13.61 56.82
N PHE C 1169 11.37 -13.06 56.09
CA PHE C 1169 10.49 -12.02 56.63
C PHE C 1169 9.68 -12.56 57.80
N GLN C 1170 9.52 -11.73 58.83
CA GLN C 1170 8.73 -12.07 60.00
C GLN C 1170 7.44 -11.25 59.99
N GLY C 1171 6.30 -11.93 60.07
CA GLY C 1171 5.01 -11.28 60.01
C GLY C 1171 4.40 -11.38 58.62
N THR C 1172 3.26 -10.72 58.48
CA THR C 1172 2.53 -10.73 57.21
C THR C 1172 3.22 -9.80 56.21
N LEU C 1173 3.26 -10.23 54.96
CA LEU C 1173 3.86 -9.43 53.90
C LEU C 1173 2.90 -8.31 53.50
N PRO C 1174 3.30 -7.05 53.62
CA PRO C 1174 2.38 -5.95 53.27
C PRO C 1174 2.15 -5.90 51.77
N SER C 1175 0.99 -5.35 51.40
CA SER C 1175 0.68 -5.15 49.99
C SER C 1175 1.57 -4.06 49.40
N VAL C 1176 1.74 -4.10 48.08
CA VAL C 1176 2.54 -3.09 47.40
C VAL C 1176 1.77 -1.78 47.40
N PRO C 1177 2.29 -0.73 48.03
CA PRO C 1177 1.53 0.51 48.14
C PRO C 1177 1.39 1.22 46.80
N ASN C 1178 0.32 2.00 46.67
CA ASN C 1178 0.04 2.71 45.42
C ASN C 1178 1.06 3.83 45.20
N ASP C 1179 1.45 4.53 46.25
CA ASP C 1179 2.41 5.62 46.14
C ASP C 1179 3.83 5.10 46.33
N TRP C 1180 4.76 5.66 45.55
CA TRP C 1180 6.16 5.30 45.65
C TRP C 1180 6.91 6.14 46.69
N LYS C 1181 6.23 7.07 47.34
CA LYS C 1181 6.82 7.87 48.40
C LYS C 1181 6.59 7.30 49.78
N THR C 1182 5.59 6.43 49.94
CA THR C 1182 5.28 5.83 51.23
C THR C 1182 6.08 4.57 51.52
N ILE C 1183 6.92 4.12 50.58
CA ILE C 1183 7.71 2.93 50.81
C ILE C 1183 8.63 3.13 52.01
N ARG C 1184 8.64 2.14 52.91
CA ARG C 1184 9.51 2.19 54.07
C ARG C 1184 10.10 0.80 54.30
N THR C 1185 11.38 0.75 54.62
CA THR C 1185 12.12 -0.49 54.76
C THR C 1185 11.56 -1.29 55.94
N ASN C 1186 11.24 -2.56 55.69
CA ASN C 1186 10.74 -3.42 56.76
C ASN C 1186 11.86 -4.27 57.36
N ASP C 1187 12.72 -4.85 56.52
CA ASP C 1187 13.64 -5.89 56.93
C ASP C 1187 15.06 -5.52 56.53
N PHE C 1188 16.02 -6.19 57.16
CA PHE C 1188 17.44 -6.03 56.86
C PHE C 1188 17.99 -7.35 56.35
N LYS C 1189 18.72 -7.31 55.23
CA LYS C 1189 19.34 -8.53 54.71
C LYS C 1189 20.37 -9.08 55.68
N ASN C 1190 21.25 -8.22 56.19
CA ASN C 1190 22.27 -8.60 57.14
C ASN C 1190 21.84 -8.10 58.52
N ARG C 1191 21.35 -9.03 59.35
CA ARG C 1191 20.79 -8.67 60.65
C ARG C 1191 21.85 -8.52 61.73
N LYS C 1192 22.97 -9.24 61.60
CA LYS C 1192 24.04 -9.13 62.60
C LYS C 1192 24.61 -7.73 62.65
N ARG C 1193 24.86 -7.13 61.48
CA ARG C 1193 25.44 -5.80 61.40
C ARG C 1193 24.40 -4.70 61.21
N LYS C 1194 23.12 -5.07 61.12
CA LYS C 1194 22.03 -4.10 60.95
C LYS C 1194 22.28 -3.19 59.76
N ASN C 1195 22.52 -3.81 58.61
CA ASN C 1195 22.72 -3.08 57.36
C ASN C 1195 21.95 -3.79 56.26
N GLU C 1196 22.19 -3.36 55.03
CA GLU C 1196 21.47 -3.84 53.85
C GLU C 1196 19.96 -3.75 54.04
N PRO C 1197 19.41 -2.57 54.31
CA PRO C 1197 17.95 -2.47 54.48
C PRO C 1197 17.21 -2.88 53.22
N VAL C 1198 16.09 -3.59 53.42
CA VAL C 1198 15.29 -4.13 52.32
C VAL C 1198 13.81 -4.02 52.66
N PHE C 1199 13.02 -3.65 51.66
CA PHE C 1199 11.56 -3.60 51.76
C PHE C 1199 10.98 -4.78 50.99
N CYS C 1200 10.08 -5.52 51.63
CA CYS C 1200 9.50 -6.73 51.03
C CYS C 1200 8.00 -6.59 50.94
N CYS C 1201 7.44 -7.04 49.82
CA CYS C 1201 6.00 -6.92 49.62
C CYS C 1201 5.51 -8.01 48.67
N GLU C 1202 4.19 -8.20 48.66
CA GLU C 1202 3.52 -9.19 47.84
C GLU C 1202 2.41 -8.53 47.03
N ASP C 1203 2.24 -9.00 45.79
CA ASP C 1203 1.11 -8.57 44.97
C ASP C 1203 0.76 -9.70 43.99
N ASP C 1204 -0.20 -10.53 44.39
CA ASP C 1204 -0.99 -11.40 43.51
C ASP C 1204 -0.07 -12.26 42.64
N LYS C 1205 -0.28 -12.34 41.33
CA LYS C 1205 0.53 -13.20 40.47
C LYS C 1205 1.95 -12.68 40.32
N GLY C 1206 2.13 -11.35 40.37
CA GLY C 1206 3.47 -10.80 40.41
C GLY C 1206 4.28 -11.28 41.61
N ASN C 1207 3.59 -11.69 42.67
CA ASN C 1207 4.20 -12.37 43.82
C ASN C 1207 5.14 -11.40 44.53
N TYR C 1208 6.42 -11.70 44.65
CA TYR C 1208 7.27 -11.13 45.69
C TYR C 1208 8.16 -10.03 45.12
N TYR C 1209 8.15 -8.87 45.76
CA TYR C 1209 8.99 -7.74 45.40
C TYR C 1209 9.93 -7.45 46.55
N THR C 1210 11.22 -7.30 46.23
CA THR C 1210 12.28 -7.04 47.20
C THR C 1210 13.04 -5.81 46.74
N MET C 1211 12.80 -4.68 47.39
CA MET C 1211 13.50 -3.43 47.10
C MET C 1211 14.72 -3.33 48.02
N ALA C 1212 15.90 -3.36 47.42
CA ALA C 1212 17.15 -3.33 48.16
C ALA C 1212 17.82 -1.96 48.13
N LYS C 1213 17.11 -0.93 47.71
CA LYS C 1213 17.65 0.42 47.59
C LYS C 1213 16.97 1.32 48.62
N TYR C 1214 17.74 1.78 49.60
CA TYR C 1214 17.20 2.65 50.64
C TYR C 1214 17.79 4.05 50.63
N CYS C 1215 18.87 4.29 49.87
CA CYS C 1215 19.49 5.60 49.76
C CYS C 1215 19.33 6.13 48.34
N GLU C 1216 18.88 7.38 48.23
CA GLU C 1216 18.96 8.10 46.96
C GLU C 1216 20.32 8.82 46.89
N THR C 1217 20.54 9.53 45.80
CA THR C 1217 21.82 10.18 45.57
C THR C 1217 21.68 11.70 45.64
N PHE C 1218 22.75 12.34 46.10
CA PHE C 1218 22.77 13.77 46.36
C PHE C 1218 24.07 14.33 45.79
N PHE C 1219 23.97 15.17 44.76
CA PHE C 1219 25.12 15.74 44.08
C PHE C 1219 25.41 17.12 44.67
N PHE C 1220 26.64 17.35 45.11
CA PHE C 1220 26.96 18.62 45.73
C PHE C 1220 28.26 19.17 45.17
N ASP C 1221 28.60 20.39 45.60
CA ASP C 1221 29.72 21.17 45.06
C ASP C 1221 29.56 21.38 43.56
N LEU C 1222 28.50 22.10 43.20
CA LEU C 1222 28.22 22.41 41.80
C LEU C 1222 29.32 23.29 41.21
N LYS C 1223 29.94 22.80 40.14
CA LYS C 1223 30.96 23.55 39.40
C LYS C 1223 30.34 24.00 38.09
N GLU C 1224 29.87 25.24 38.04
CA GLU C 1224 29.20 25.74 36.84
C GLU C 1224 30.18 25.91 35.68
N ASN C 1225 31.43 26.26 35.98
CA ASN C 1225 32.40 26.56 34.93
C ASN C 1225 32.64 25.35 34.03
N GLU C 1226 32.58 24.15 34.59
CA GLU C 1226 32.84 22.93 33.82
C GLU C 1226 31.54 22.43 33.22
N GLU C 1227 31.13 23.05 32.11
CA GLU C 1227 29.96 22.62 31.35
C GLU C 1227 30.42 22.11 30.00
N TYR C 1228 29.80 21.01 29.54
CA TYR C 1228 30.23 20.31 28.35
C TYR C 1228 29.10 20.23 27.34
N GLU C 1229 29.46 20.40 26.06
CA GLU C 1229 28.50 20.45 24.97
C GLU C 1229 27.85 19.09 24.72
N ILE C 1230 26.59 19.12 24.32
CA ILE C 1230 25.85 17.91 23.94
C ILE C 1230 25.62 17.91 22.43
N PRO C 1231 26.38 17.15 21.66
CA PRO C 1231 26.07 17.02 20.24
C PRO C 1231 24.82 16.18 20.02
N GLU C 1232 24.31 16.23 18.78
CA GLU C 1232 23.09 15.50 18.46
C GLU C 1232 23.26 13.99 18.59
N LYS C 1233 24.49 13.49 18.47
CA LYS C 1233 24.72 12.06 18.65
C LYS C 1233 24.37 11.62 20.06
N ALA C 1234 24.79 12.40 21.06
CA ALA C 1234 24.46 12.07 22.44
C ALA C 1234 22.96 12.13 22.67
N ARG C 1235 22.28 13.08 22.04
CA ARG C 1235 20.83 13.21 22.23
C ARG C 1235 20.08 12.05 21.58
N ILE C 1236 20.50 11.61 20.39
CA ILE C 1236 19.82 10.47 19.77
C ILE C 1236 20.12 9.19 20.55
N LYS C 1237 21.33 9.07 21.11
CA LYS C 1237 21.62 7.91 21.95
C LYS C 1237 20.79 7.93 23.22
N TYR C 1238 20.57 9.12 23.80
CA TYR C 1238 19.69 9.25 24.95
C TYR C 1238 18.25 8.89 24.59
N LYS C 1239 17.80 9.28 23.40
CA LYS C 1239 16.45 8.93 22.96
C LYS C 1239 16.31 7.42 22.79
N GLU C 1240 17.34 6.77 22.24
CA GLU C 1240 17.34 5.31 22.14
C GLU C 1240 17.29 4.67 23.53
N LEU C 1241 18.06 5.22 24.48
CA LEU C 1241 18.04 4.70 25.84
C LEU C 1241 16.65 4.80 26.45
N LEU C 1242 15.99 5.95 26.27
CA LEU C 1242 14.64 6.12 26.81
C LEU C 1242 13.66 5.17 26.13
N ARG C 1243 13.80 4.97 24.81
CA ARG C 1243 12.91 4.07 24.10
C ARG C 1243 13.05 2.65 24.61
N VAL C 1244 14.28 2.17 24.80
CA VAL C 1244 14.48 0.82 25.29
C VAL C 1244 14.07 0.71 26.75
N TYR C 1245 14.10 1.82 27.50
CA TYR C 1245 13.59 1.81 28.87
C TYR C 1245 12.07 1.71 28.92
N ASN C 1246 11.37 2.41 28.04
CA ASN C 1246 9.91 2.47 28.09
C ASN C 1246 9.22 1.37 27.30
N ASN C 1247 9.98 0.55 26.56
CA ASN C 1247 9.44 -0.53 25.76
C ASN C 1247 10.10 -1.85 26.14
N ASN C 1248 10.18 -2.12 27.44
CA ASN C 1248 10.88 -3.28 27.94
C ASN C 1248 9.88 -4.37 28.31
N PRO C 1249 9.86 -5.49 27.60
CA PRO C 1249 8.96 -6.59 28.00
C PRO C 1249 9.29 -7.20 29.34
N GLN C 1250 10.54 -7.12 29.78
CA GLN C 1250 10.97 -7.71 31.05
C GLN C 1250 10.81 -6.76 32.22
N ALA C 1251 10.17 -5.61 32.02
CA ALA C 1251 10.06 -4.60 33.07
C ALA C 1251 9.26 -5.14 34.25
N VAL C 1252 9.53 -4.57 35.42
CA VAL C 1252 8.84 -4.97 36.64
C VAL C 1252 7.35 -4.68 36.51
N PRO C 1253 6.47 -5.57 36.96
CA PRO C 1253 5.03 -5.31 36.82
C PRO C 1253 4.54 -4.07 37.52
N GLU C 1254 5.12 -3.71 38.66
CA GLU C 1254 4.64 -2.59 39.46
C GLU C 1254 5.44 -1.33 39.10
N SER C 1255 4.72 -0.27 38.75
CA SER C 1255 5.37 0.98 38.34
C SER C 1255 6.00 1.74 39.50
N VAL C 1256 5.65 1.42 40.75
CA VAL C 1256 6.26 2.09 41.88
C VAL C 1256 7.70 1.64 42.10
N PHE C 1257 8.10 0.53 41.47
CA PHE C 1257 9.47 0.04 41.55
C PHE C 1257 10.23 0.30 40.25
N GLN C 1258 9.75 1.22 39.43
CA GLN C 1258 10.39 1.60 38.19
C GLN C 1258 10.97 3.01 38.31
N SER C 1259 12.03 3.28 37.56
CA SER C 1259 12.65 4.59 37.62
C SER C 1259 11.79 5.63 36.91
N ARG C 1260 12.08 6.89 37.21
CA ARG C 1260 11.25 7.99 36.70
C ARG C 1260 11.27 8.07 35.18
N VAL C 1261 12.39 7.68 34.55
CA VAL C 1261 12.44 7.69 33.10
C VAL C 1261 11.53 6.61 32.51
N ALA C 1262 11.23 5.57 33.29
CA ALA C 1262 10.32 4.52 32.87
C ALA C 1262 8.95 4.65 33.53
N ARG C 1263 8.88 5.19 34.74
CA ARG C 1263 7.60 5.35 35.42
C ARG C 1263 6.73 6.39 34.74
N GLU C 1264 7.31 7.54 34.42
CA GLU C 1264 6.56 8.65 33.83
C GLU C 1264 6.79 8.79 32.33
N ASN C 1265 7.45 7.82 31.70
CA ASN C 1265 7.64 7.77 30.25
C ASN C 1265 8.34 9.03 29.74
N VAL C 1266 9.59 9.20 30.18
CA VAL C 1266 10.40 10.30 29.70
C VAL C 1266 10.77 10.04 28.25
N GLU C 1267 10.33 10.92 27.35
CA GLU C 1267 10.59 10.77 25.93
C GLU C 1267 11.76 11.62 25.45
N LYS C 1268 12.19 12.60 26.23
CA LYS C 1268 13.30 13.45 25.83
C LYS C 1268 13.94 14.07 27.05
N LEU C 1269 15.21 14.43 26.92
CA LEU C 1269 15.91 15.15 27.98
C LEU C 1269 15.45 16.60 28.03
N LYS C 1270 15.37 17.13 29.25
CA LYS C 1270 14.94 18.50 29.47
C LYS C 1270 15.97 19.22 30.32
N SER C 1271 15.93 20.55 30.27
CA SER C 1271 16.81 21.36 31.09
C SER C 1271 16.51 21.14 32.57
N GLY C 1272 17.56 21.02 33.37
CA GLY C 1272 17.41 20.78 34.78
C GLY C 1272 17.43 19.33 35.21
N ASP C 1273 17.41 18.39 34.27
CA ASP C 1273 17.47 16.98 34.62
C ASP C 1273 18.86 16.60 35.11
N LEU C 1274 18.91 15.68 36.07
CA LEU C 1274 20.14 15.27 36.71
C LEU C 1274 20.58 13.92 36.14
N VAL C 1275 21.83 13.85 35.66
CA VAL C 1275 22.31 12.70 34.91
C VAL C 1275 23.75 12.38 35.32
N TYR C 1276 24.22 11.22 34.85
CA TYR C 1276 25.63 10.85 34.90
C TYR C 1276 26.18 10.81 33.48
N PHE C 1277 27.25 11.56 33.22
CA PHE C 1277 27.75 11.67 31.86
C PHE C 1277 29.25 11.38 31.84
N LYS C 1278 29.71 10.91 30.69
CA LYS C 1278 31.12 10.84 30.36
C LYS C 1278 31.37 11.67 29.12
N HIS C 1279 32.52 12.35 29.09
CA HIS C 1279 32.79 13.41 28.13
C HIS C 1279 34.25 13.38 27.74
N ASN C 1280 34.55 14.00 26.61
CA ASN C 1280 35.92 14.33 26.23
C ASN C 1280 36.22 15.75 26.69
N GLU C 1281 37.30 16.34 26.16
CA GLU C 1281 37.71 17.68 26.60
C GLU C 1281 36.64 18.72 26.32
N LYS C 1282 35.81 18.50 25.30
CA LYS C 1282 34.85 19.52 24.86
C LYS C 1282 33.41 19.04 24.80
N TYR C 1283 33.15 17.80 24.40
CA TYR C 1283 31.79 17.32 24.18
C TYR C 1283 31.48 16.18 25.12
N VAL C 1284 30.18 15.99 25.40
CA VAL C 1284 29.76 14.81 26.15
C VAL C 1284 29.74 13.61 25.22
N GLU C 1285 30.06 12.44 25.77
CA GLU C 1285 30.08 11.21 24.99
C GLU C 1285 28.95 10.26 25.34
N ASP C 1286 28.53 10.20 26.60
CA ASP C 1286 27.43 9.31 26.96
C ASP C 1286 26.71 9.87 28.18
N ILE C 1287 25.39 9.71 28.18
CA ILE C 1287 24.52 10.23 29.24
C ILE C 1287 23.62 9.09 29.73
N VAL C 1288 23.55 8.91 31.05
CA VAL C 1288 22.67 7.90 31.64
C VAL C 1288 21.87 8.56 32.76
N PRO C 1289 20.64 8.09 33.02
CA PRO C 1289 19.82 8.71 34.06
C PRO C 1289 20.05 8.17 35.46
N VAL C 1290 20.59 6.95 35.57
CA VAL C 1290 20.79 6.29 36.84
C VAL C 1290 22.25 5.88 36.99
N ARG C 1291 22.57 5.30 38.16
CA ARG C 1291 23.95 4.96 38.47
C ARG C 1291 24.46 3.85 37.56
N ILE C 1292 23.70 2.77 37.42
CA ILE C 1292 24.04 1.66 36.54
C ILE C 1292 22.94 1.54 35.50
N SER C 1293 23.27 1.75 34.24
CA SER C 1293 22.28 1.96 33.19
C SER C 1293 22.75 1.24 31.93
N ARG C 1294 22.20 1.64 30.78
CA ARG C 1294 22.62 1.14 29.48
C ARG C 1294 23.55 2.11 28.78
N THR C 1295 24.29 1.59 27.80
CA THR C 1295 25.14 2.37 26.92
C THR C 1295 24.77 2.05 25.48
N VAL C 1296 24.62 3.08 24.65
CA VAL C 1296 24.20 2.91 23.27
C VAL C 1296 25.42 3.02 22.36
N ASP C 1297 25.32 2.39 21.19
CA ASP C 1297 26.42 2.39 20.24
C ASP C 1297 26.41 3.66 19.40
N ASP C 1298 27.62 4.13 19.06
CA ASP C 1298 27.73 5.35 18.26
C ASP C 1298 27.32 5.11 16.81
N ARG C 1299 27.48 3.89 16.32
CA ARG C 1299 27.13 3.54 14.96
C ARG C 1299 25.92 2.62 14.94
N MET C 1300 25.13 2.73 13.88
CA MET C 1300 24.11 1.72 13.60
C MET C 1300 24.77 0.45 13.10
N ILE C 1301 24.09 -0.68 13.29
CA ILE C 1301 24.68 -1.99 13.04
C ILE C 1301 25.15 -2.16 11.60
N GLY C 1302 24.51 -1.48 10.64
CA GLY C 1302 24.95 -1.56 9.26
C GLY C 1302 26.31 -0.99 8.99
N LYS C 1303 26.85 -0.21 9.93
CA LYS C 1303 28.21 0.29 9.84
C LYS C 1303 29.23 -0.68 10.43
N ARG C 1304 28.78 -1.82 10.92
CA ARG C 1304 29.66 -2.84 11.48
C ARG C 1304 30.02 -3.92 10.45
N MET C 1305 29.66 -3.72 9.19
CA MET C 1305 30.00 -4.64 8.12
C MET C 1305 30.48 -3.85 6.91
N SER C 1306 31.19 -4.55 6.02
CA SER C 1306 31.71 -3.90 4.83
C SER C 1306 30.57 -3.39 3.95
N ALA C 1307 30.83 -2.29 3.24
CA ALA C 1307 29.80 -1.70 2.40
C ALA C 1307 29.45 -2.62 1.23
N ASP C 1308 30.39 -3.50 0.85
CA ASP C 1308 30.09 -4.50 -0.18
C ASP C 1308 29.18 -5.59 0.33
N LEU C 1309 29.00 -5.72 1.64
CA LEU C 1309 28.15 -6.75 2.22
C LEU C 1309 26.73 -6.27 2.47
N ARG C 1310 26.52 -4.97 2.60
CA ARG C 1310 25.20 -4.42 2.83
C ARG C 1310 24.35 -4.58 1.57
N PRO C 1311 23.02 -4.57 1.71
CA PRO C 1311 22.16 -4.74 0.54
C PRO C 1311 22.47 -3.72 -0.54
N CYS C 1312 22.38 -4.18 -1.80
CA CYS C 1312 22.68 -3.31 -2.93
C CYS C 1312 21.74 -2.11 -2.95
N HIS C 1313 20.46 -2.34 -2.74
CA HIS C 1313 19.47 -1.28 -2.58
C HIS C 1313 18.97 -1.31 -1.15
N GLY C 1314 19.39 -0.34 -0.34
CA GLY C 1314 19.16 -0.42 1.09
C GLY C 1314 18.71 0.86 1.77
N ASP C 1315 19.20 1.07 3.00
CA ASP C 1315 18.71 2.12 3.87
C ASP C 1315 19.79 3.18 4.10
N TRP C 1316 19.35 4.29 4.69
CA TRP C 1316 20.24 5.41 5.02
C TRP C 1316 20.83 5.17 6.40
N VAL C 1317 22.10 4.76 6.44
CA VAL C 1317 22.80 4.54 7.71
C VAL C 1317 23.61 5.76 8.13
N GLU C 1318 23.72 6.77 7.28
CA GLU C 1318 24.54 7.94 7.56
C GLU C 1318 23.74 8.94 8.41
N ASP C 1319 24.41 10.02 8.81
CA ASP C 1319 23.77 11.03 9.65
C ASP C 1319 23.15 12.13 8.79
N GLY C 1320 22.09 11.79 8.07
CA GLY C 1320 21.36 12.76 7.28
C GLY C 1320 19.89 12.44 7.27
N ASP C 1321 19.06 13.47 7.17
CA ASP C 1321 17.63 13.27 7.18
C ASP C 1321 17.18 12.49 5.94
N LEU C 1322 17.65 12.93 4.77
CA LEU C 1322 17.34 12.40 3.44
C LEU C 1322 15.87 12.68 3.08
N SER C 1323 15.07 13.24 3.97
CA SER C 1323 13.70 13.61 3.65
C SER C 1323 13.61 14.98 3.01
N ALA C 1324 14.70 15.76 3.03
CA ALA C 1324 14.72 17.02 2.30
C ALA C 1324 14.66 16.78 0.80
N LEU C 1325 15.31 15.73 0.31
CA LEU C 1325 15.28 15.38 -1.10
C LEU C 1325 14.08 14.52 -1.48
N ASN C 1326 13.07 14.44 -0.62
CA ASN C 1326 11.79 13.89 -1.04
C ASN C 1326 11.16 14.80 -2.09
N ALA C 1327 10.35 14.19 -2.96
CA ALA C 1327 9.77 14.76 -4.17
C ALA C 1327 10.85 15.01 -5.21
N TYR C 1328 12.04 14.47 -5.04
CA TYR C 1328 13.10 14.52 -6.04
C TYR C 1328 13.57 13.09 -6.31
N PRO C 1329 13.74 12.71 -7.57
CA PRO C 1329 13.98 11.29 -7.88
C PRO C 1329 15.38 10.80 -7.55
N GLU C 1330 16.41 11.64 -7.73
CA GLU C 1330 17.78 11.19 -7.53
C GLU C 1330 18.05 10.67 -6.13
N LYS C 1331 17.10 10.82 -5.20
CA LYS C 1331 17.21 10.20 -3.90
C LYS C 1331 17.40 8.69 -3.99
N ARG C 1332 16.80 8.04 -5.00
CA ARG C 1332 16.98 6.61 -5.15
C ARG C 1332 18.45 6.26 -5.40
N LEU C 1333 19.20 7.19 -5.99
CA LEU C 1333 20.62 6.95 -6.23
C LEU C 1333 21.45 7.03 -4.96
N LEU C 1334 20.89 7.58 -3.88
CA LEU C 1334 21.60 7.62 -2.62
C LEU C 1334 21.44 6.34 -1.79
N LEU C 1335 20.57 5.43 -2.21
CA LEU C 1335 20.34 4.18 -1.51
C LEU C 1335 20.78 2.97 -2.32
N ARG C 1336 21.46 3.18 -3.45
CA ARG C 1336 21.89 2.10 -4.32
C ARG C 1336 23.40 2.03 -4.36
N HIS C 1337 23.92 0.83 -4.61
CA HIS C 1337 25.37 0.63 -4.61
C HIS C 1337 25.98 1.18 -5.91
N PRO C 1338 27.16 1.79 -5.84
CA PRO C 1338 27.77 2.34 -7.07
C PRO C 1338 28.02 1.30 -8.14
N LYS C 1339 28.40 0.08 -7.77
CA LYS C 1339 28.85 -0.92 -8.73
C LYS C 1339 27.71 -1.73 -9.34
N GLY C 1340 26.49 -1.61 -8.83
CA GLY C 1340 25.37 -2.29 -9.45
C GLY C 1340 24.67 -3.30 -8.56
N LEU C 1341 24.48 -4.51 -9.06
CA LEU C 1341 23.77 -5.57 -8.37
C LEU C 1341 24.65 -6.78 -8.18
N CYS C 1342 24.55 -7.40 -7.01
CA CYS C 1342 25.27 -8.63 -6.70
C CYS C 1342 24.61 -9.82 -7.40
N PRO C 1343 25.32 -10.95 -7.52
CA PRO C 1343 24.77 -12.09 -8.25
C PRO C 1343 23.41 -12.56 -7.75
N ALA C 1344 23.17 -12.50 -6.44
CA ALA C 1344 21.87 -12.90 -5.90
C ALA C 1344 20.79 -11.88 -6.24
N CYS C 1345 21.14 -10.60 -6.30
CA CYS C 1345 20.17 -9.58 -6.68
C CYS C 1345 19.87 -9.61 -8.17
N ARG C 1346 20.83 -10.07 -8.99
CA ARG C 1346 20.61 -10.24 -10.41
C ARG C 1346 19.76 -11.45 -10.75
N LEU C 1347 19.57 -12.37 -9.80
CA LEU C 1347 18.85 -13.62 -10.05
C LEU C 1347 17.50 -13.61 -9.34
N PHE C 1348 17.48 -13.36 -8.04
CA PHE C 1348 16.22 -13.38 -7.31
C PHE C 1348 15.53 -12.03 -7.37
N GLY C 1349 16.28 -10.98 -7.69
CA GLY C 1349 15.70 -9.68 -7.93
C GLY C 1349 15.80 -8.77 -6.71
N THR C 1350 15.58 -7.48 -6.96
CA THR C 1350 15.48 -6.48 -5.92
C THR C 1350 14.20 -5.67 -6.14
N GLY C 1351 14.03 -4.64 -5.33
CA GLY C 1351 12.79 -3.86 -5.41
C GLY C 1351 12.60 -3.21 -6.76
N SER C 1352 13.69 -2.77 -7.38
CA SER C 1352 13.62 -2.07 -8.66
C SER C 1352 13.84 -2.97 -9.86
N TYR C 1353 14.05 -4.28 -9.65
CA TYR C 1353 14.41 -5.18 -10.74
C TYR C 1353 13.82 -6.55 -10.47
N LYS C 1354 12.98 -7.02 -11.40
CA LYS C 1354 12.34 -8.32 -11.26
C LYS C 1354 13.35 -9.44 -11.44
N GLY C 1355 13.20 -10.50 -10.65
CA GLY C 1355 14.11 -11.63 -10.73
C GLY C 1355 13.80 -12.56 -11.89
N ARG C 1356 14.75 -13.46 -12.15
CA ARG C 1356 14.65 -14.41 -13.25
C ARG C 1356 14.35 -15.83 -12.78
N VAL C 1357 13.79 -15.99 -11.58
CA VAL C 1357 13.48 -17.30 -11.03
C VAL C 1357 12.12 -17.23 -10.35
N ARG C 1358 11.33 -18.29 -10.50
CA ARG C 1358 10.06 -18.44 -9.81
C ARG C 1358 10.03 -19.80 -9.15
N PHE C 1359 9.68 -19.83 -7.86
CA PHE C 1359 9.57 -21.05 -7.09
C PHE C 1359 8.10 -21.37 -6.86
N GLY C 1360 7.68 -22.55 -7.28
CA GLY C 1360 6.32 -22.98 -7.13
C GLY C 1360 6.07 -23.69 -5.81
N PHE C 1361 4.79 -23.91 -5.52
CA PHE C 1361 4.41 -24.61 -4.31
C PHE C 1361 4.86 -26.05 -4.36
N ALA C 1362 5.26 -26.59 -3.21
CA ALA C 1362 5.76 -27.96 -3.11
C ALA C 1362 4.63 -28.85 -2.60
N SER C 1363 4.12 -29.71 -3.48
CA SER C 1363 3.09 -30.66 -3.11
C SER C 1363 3.73 -31.96 -2.61
N LEU C 1364 3.03 -32.64 -1.71
CA LEU C 1364 3.52 -33.86 -1.08
C LEU C 1364 3.16 -35.04 -1.97
N GLU C 1365 4.17 -35.86 -2.28
CA GLU C 1365 3.98 -36.93 -3.25
C GLU C 1365 3.12 -38.07 -2.70
N ASN C 1366 3.40 -38.51 -1.47
CA ASN C 1366 2.79 -39.72 -0.93
C ASN C 1366 2.02 -39.35 0.32
N ASP C 1367 1.54 -40.37 1.03
CA ASP C 1367 0.80 -40.12 2.26
C ASP C 1367 1.74 -39.57 3.33
N PRO C 1368 1.26 -38.66 4.17
CA PRO C 1368 2.14 -38.06 5.18
C PRO C 1368 2.57 -39.05 6.25
N GLU C 1369 3.81 -38.88 6.71
CA GLU C 1369 4.32 -39.59 7.87
C GLU C 1369 4.53 -38.58 8.99
N TRP C 1370 3.89 -38.83 10.13
CA TRP C 1370 3.81 -37.85 11.19
C TRP C 1370 4.82 -38.13 12.29
N LEU C 1371 5.23 -37.06 12.98
CA LEU C 1371 6.14 -37.22 14.10
C LEU C 1371 5.44 -37.90 15.28
N ILE C 1372 4.26 -37.41 15.62
CA ILE C 1372 3.49 -37.94 16.74
C ILE C 1372 2.25 -38.62 16.17
N PRO C 1373 1.91 -39.83 16.61
CA PRO C 1373 0.67 -40.47 16.14
C PRO C 1373 -0.55 -39.63 16.49
N GLY C 1374 -1.50 -39.59 15.58
CA GLY C 1374 -2.68 -38.77 15.77
C GLY C 1374 -3.64 -39.38 16.79
N LYS C 1375 -4.56 -38.53 17.26
CA LYS C 1375 -5.56 -38.98 18.21
C LYS C 1375 -6.51 -39.99 17.58
N ASN C 1376 -6.90 -39.78 16.32
CA ASN C 1376 -7.88 -40.61 15.66
C ASN C 1376 -7.17 -41.60 14.74
N PRO C 1377 -7.20 -42.90 15.03
CA PRO C 1377 -6.56 -43.87 14.12
C PRO C 1377 -7.20 -43.91 12.74
N GLY C 1378 -8.45 -43.48 12.60
CA GLY C 1378 -9.10 -43.52 11.31
C GLY C 1378 -8.64 -42.42 10.37
N ASP C 1379 -8.00 -41.37 10.90
CA ASP C 1379 -7.55 -40.26 10.08
C ASP C 1379 -6.04 -40.28 10.00
N PRO C 1380 -5.44 -40.71 8.89
CA PRO C 1380 -3.99 -40.60 8.71
C PRO C 1380 -3.51 -39.31 8.09
N PHE C 1381 -4.38 -38.30 7.94
CA PHE C 1381 -4.00 -37.01 7.38
C PHE C 1381 -3.95 -35.92 8.45
N HIS C 1382 -4.01 -36.30 9.72
CA HIS C 1382 -3.81 -35.37 10.81
C HIS C 1382 -2.89 -36.04 11.83
N GLY C 1383 -1.99 -35.26 12.41
CA GLY C 1383 -0.96 -35.80 13.25
C GLY C 1383 -1.05 -35.26 14.67
N GLY C 1384 -0.39 -35.96 15.58
CA GLY C 1384 -0.38 -35.59 16.97
C GLY C 1384 0.40 -34.32 17.20
N PRO C 1385 0.14 -33.66 18.33
CA PRO C 1385 0.82 -32.40 18.64
C PRO C 1385 2.10 -32.62 19.44
N VAL C 1386 3.09 -31.79 19.15
CA VAL C 1386 4.34 -31.76 19.92
C VAL C 1386 4.55 -30.33 20.42
N MET C 1387 4.88 -30.20 21.69
CA MET C 1387 5.04 -28.89 22.31
C MET C 1387 6.52 -28.53 22.39
N LEU C 1388 6.85 -27.32 21.94
CA LEU C 1388 8.22 -26.86 21.85
C LEU C 1388 8.54 -25.95 23.02
N SER C 1389 9.83 -25.86 23.33
CA SER C 1389 10.28 -24.89 24.32
C SER C 1389 10.16 -23.48 23.75
N LEU C 1390 10.55 -22.50 24.56
CA LEU C 1390 10.41 -21.10 24.17
C LEU C 1390 11.29 -20.77 22.97
N LEU C 1391 10.69 -20.11 21.99
CA LEU C 1391 11.41 -19.55 20.84
C LEU C 1391 11.56 -18.05 21.07
N GLU C 1392 12.80 -17.60 21.27
CA GLU C 1392 13.07 -16.24 21.67
C GLU C 1392 13.91 -15.54 20.61
N ARG C 1393 14.00 -14.22 20.74
CA ARG C 1393 14.63 -13.41 19.71
C ARG C 1393 16.13 -13.70 19.62
N PRO C 1394 16.69 -13.76 18.41
CA PRO C 1394 18.15 -13.74 18.29
C PRO C 1394 18.70 -12.43 18.84
N ARG C 1395 19.85 -12.53 19.51
CA ARG C 1395 20.47 -11.35 20.10
C ARG C 1395 21.78 -11.02 19.39
N PRO C 1396 21.82 -9.96 18.59
CA PRO C 1396 23.12 -9.51 18.04
C PRO C 1396 24.08 -9.07 19.12
N THR C 1397 23.58 -8.76 20.32
CA THR C 1397 24.44 -8.38 21.43
C THR C 1397 25.43 -9.48 21.79
N TRP C 1398 25.04 -10.74 21.63
CA TRP C 1398 25.95 -11.83 21.96
C TRP C 1398 27.03 -11.99 20.90
N SER C 1399 26.66 -11.92 19.62
CA SER C 1399 27.64 -12.06 18.56
C SER C 1399 28.57 -10.86 18.51
N ILE C 1400 28.03 -9.66 18.76
CA ILE C 1400 28.78 -8.41 18.76
C ILE C 1400 28.75 -7.87 20.19
N PRO C 1401 29.72 -8.20 21.03
CA PRO C 1401 29.61 -7.95 22.47
C PRO C 1401 30.04 -6.58 22.95
N GLY C 1402 30.18 -5.58 22.10
CA GLY C 1402 30.61 -4.29 22.56
C GLY C 1402 30.66 -3.28 21.44
N SER C 1403 31.03 -2.05 21.82
CA SER C 1403 31.08 -0.95 20.86
C SER C 1403 32.44 -0.82 20.17
N ASP C 1404 33.40 -1.68 20.51
CA ASP C 1404 34.72 -1.61 19.90
C ASP C 1404 34.64 -1.95 18.42
N ASN C 1405 35.53 -1.34 17.64
CA ASN C 1405 35.58 -1.62 16.20
C ASN C 1405 36.08 -3.03 15.92
N LYS C 1406 36.69 -3.68 16.92
CA LYS C 1406 37.17 -5.04 16.77
C LYS C 1406 36.01 -5.99 16.53
N PHE C 1407 34.82 -5.62 17.00
CA PHE C 1407 33.63 -6.45 16.85
C PHE C 1407 32.90 -6.07 15.57
N LYS C 1408 32.72 -7.03 14.69
CA LYS C 1408 32.01 -6.85 13.43
C LYS C 1408 30.82 -7.79 13.38
N VAL C 1409 29.99 -7.63 12.35
CA VAL C 1409 28.96 -8.62 12.06
C VAL C 1409 29.69 -9.85 11.56
N PRO C 1410 29.60 -11.00 12.25
CA PRO C 1410 30.46 -12.13 11.89
C PRO C 1410 30.15 -12.74 10.53
N GLY C 1411 28.89 -12.78 10.15
CA GLY C 1411 28.54 -13.32 8.84
C GLY C 1411 27.13 -13.90 8.84
N ARG C 1412 26.87 -14.68 7.81
CA ARG C 1412 25.57 -15.32 7.64
C ARG C 1412 25.41 -16.47 8.62
N LYS C 1413 24.28 -16.50 9.32
CA LYS C 1413 24.04 -17.50 10.35
C LYS C 1413 23.41 -18.74 9.74
N PHE C 1414 23.99 -19.90 10.05
CA PHE C 1414 23.45 -21.19 9.63
C PHE C 1414 23.31 -22.08 10.86
N TYR C 1415 22.18 -22.76 10.95
CA TYR C 1415 21.90 -23.70 12.03
C TYR C 1415 22.35 -25.09 11.63
N VAL C 1416 22.95 -25.80 12.58
CA VAL C 1416 23.56 -27.10 12.30
C VAL C 1416 22.50 -28.20 12.38
N HIS C 1417 22.78 -29.34 11.77
CA HIS C 1417 21.89 -30.50 11.80
C HIS C 1417 22.24 -31.35 13.01
N HIS C 1418 21.22 -31.70 13.79
CA HIS C 1418 21.38 -32.58 14.93
C HIS C 1418 20.04 -33.25 15.19
N HIS C 1419 19.99 -34.02 16.28
CA HIS C 1419 18.79 -34.75 16.64
C HIS C 1419 18.26 -34.38 18.02
N ALA C 1420 18.41 -33.11 18.41
CA ALA C 1420 17.86 -32.64 19.68
C ALA C 1420 16.34 -32.69 19.69
N TRP C 1421 15.71 -32.84 18.53
CA TRP C 1421 14.25 -32.88 18.47
C TRP C 1421 13.69 -34.10 19.19
N LYS C 1422 14.52 -35.13 19.39
CA LYS C 1422 14.07 -36.34 20.07
C LYS C 1422 13.68 -36.08 21.51
N THR C 1423 14.49 -35.29 22.22
CA THR C 1423 14.17 -34.95 23.61
C THR C 1423 12.88 -34.15 23.71
N ILE C 1424 12.67 -33.20 22.79
CA ILE C 1424 11.43 -32.45 22.77
C ILE C 1424 10.25 -33.33 22.41
N LYS C 1425 10.44 -34.30 21.52
CA LYS C 1425 9.39 -35.27 21.23
C LYS C 1425 9.04 -36.09 22.46
N ASP C 1426 10.03 -36.41 23.28
CA ASP C 1426 9.76 -37.02 24.58
C ASP C 1426 9.08 -36.05 25.55
N GLY C 1427 9.14 -34.75 25.27
CA GLY C 1427 8.55 -33.75 26.14
C GLY C 1427 9.53 -33.03 27.05
N ASN C 1428 10.83 -33.23 26.86
CA ASN C 1428 11.85 -32.68 27.75
C ASN C 1428 12.53 -31.49 27.11
N HIS C 1429 13.01 -30.58 27.95
CA HIS C 1429 13.73 -29.41 27.45
C HIS C 1429 15.05 -29.86 26.84
N PRO C 1430 15.41 -29.37 25.64
CA PRO C 1430 16.63 -29.85 24.97
C PRO C 1430 17.91 -29.53 25.71
N THR C 1431 17.87 -28.70 26.74
CA THR C 1431 19.06 -28.37 27.53
C THR C 1431 19.02 -28.98 28.91
N THR C 1432 17.97 -28.71 29.70
CA THR C 1432 17.89 -29.21 31.06
C THR C 1432 17.55 -30.69 31.14
N GLY C 1433 16.81 -31.22 30.17
CA GLY C 1433 16.28 -32.55 30.26
C GLY C 1433 15.01 -32.69 31.08
N LYS C 1434 14.51 -31.59 31.63
CA LYS C 1434 13.28 -31.61 32.42
C LYS C 1434 12.08 -31.33 31.53
N ALA C 1435 10.89 -31.52 32.08
CA ALA C 1435 9.67 -31.41 31.31
C ALA C 1435 9.43 -29.98 30.84
N ILE C 1436 8.92 -29.84 29.63
CA ILE C 1436 8.54 -28.54 29.08
C ILE C 1436 7.12 -28.27 29.58
N GLU C 1437 7.02 -27.44 30.61
CA GLU C 1437 5.70 -27.09 31.13
C GLU C 1437 5.03 -26.07 30.22
N GLN C 1438 3.72 -26.23 30.06
CA GLN C 1438 2.96 -25.36 29.17
C GLN C 1438 2.90 -23.95 29.73
N SER C 1439 3.00 -22.97 28.83
CA SER C 1439 3.00 -21.56 29.20
C SER C 1439 2.29 -20.78 28.10
N PRO C 1440 1.83 -19.57 28.39
CA PRO C 1440 1.17 -18.77 27.35
C PRO C 1440 2.07 -18.41 26.18
N ASN C 1441 3.40 -18.55 26.32
CA ASN C 1441 4.32 -18.11 25.29
C ASN C 1441 4.90 -19.22 24.43
N ASN C 1442 4.99 -20.45 24.95
CA ASN C 1442 5.47 -21.54 24.12
C ASN C 1442 4.36 -22.03 23.19
N ARG C 1443 4.73 -22.90 22.24
CA ARG C 1443 3.83 -23.28 21.16
C ARG C 1443 3.72 -24.78 21.04
N THR C 1444 2.61 -25.21 20.45
CA THR C 1444 2.35 -26.60 20.09
C THR C 1444 2.18 -26.68 18.58
N VAL C 1445 2.82 -27.67 17.95
CA VAL C 1445 2.86 -27.76 16.50
C VAL C 1445 2.55 -29.17 16.03
N GLU C 1446 1.97 -29.24 14.83
CA GLU C 1446 1.85 -30.46 14.06
C GLU C 1446 3.06 -30.57 13.14
N ALA C 1447 3.78 -31.69 13.24
CA ALA C 1447 5.01 -31.86 12.48
C ALA C 1447 4.98 -33.17 11.71
N LEU C 1448 5.62 -33.15 10.55
CA LEU C 1448 5.85 -34.36 9.75
C LEU C 1448 7.18 -34.96 10.16
N ALA C 1449 7.35 -36.25 9.90
CA ALA C 1449 8.57 -36.94 10.25
C ALA C 1449 9.49 -37.03 9.04
N GLY C 1450 10.59 -37.77 9.19
CA GLY C 1450 11.52 -37.94 8.09
C GLY C 1450 10.98 -38.91 7.05
N GLY C 1451 11.64 -38.90 5.89
CA GLY C 1451 11.28 -39.78 4.80
C GLY C 1451 10.18 -39.26 3.89
N ASN C 1452 9.60 -38.11 4.19
CA ASN C 1452 8.56 -37.54 3.33
C ASN C 1452 9.18 -36.88 2.10
N SER C 1453 8.53 -37.06 0.96
CA SER C 1453 9.00 -36.51 -0.31
C SER C 1453 7.99 -35.51 -0.84
N PHE C 1454 8.48 -34.34 -1.25
CA PHE C 1454 7.69 -33.30 -1.88
C PHE C 1454 8.24 -33.04 -3.27
N SER C 1455 7.36 -32.65 -4.19
CA SER C 1455 7.75 -32.34 -5.55
C SER C 1455 7.40 -30.89 -5.87
N PHE C 1456 8.34 -30.16 -6.44
CA PHE C 1456 8.07 -28.76 -6.78
C PHE C 1456 8.86 -28.39 -8.04
N GLU C 1457 8.67 -27.15 -8.48
CA GLU C 1457 9.09 -26.73 -9.79
C GLU C 1457 9.61 -25.30 -9.75
N ILE C 1458 10.76 -25.06 -10.39
CA ILE C 1458 11.39 -23.75 -10.44
C ILE C 1458 11.57 -23.34 -11.90
N ALA C 1459 11.02 -22.19 -12.25
CA ALA C 1459 11.08 -21.69 -13.63
C ALA C 1459 12.10 -20.57 -13.72
N PHE C 1460 12.96 -20.64 -14.75
CA PHE C 1460 13.98 -19.61 -14.94
C PHE C 1460 13.95 -19.12 -16.39
N GLU C 1461 14.37 -17.88 -16.58
CA GLU C 1461 14.46 -17.28 -17.91
C GLU C 1461 15.70 -16.42 -18.00
N ASN C 1462 16.39 -16.51 -19.13
CA ASN C 1462 17.54 -15.65 -19.45
C ASN C 1462 18.68 -15.83 -18.43
N LEU C 1463 19.07 -17.08 -18.23
CA LEU C 1463 20.13 -17.41 -17.29
C LEU C 1463 21.41 -17.75 -18.06
N LYS C 1464 22.53 -17.16 -17.61
CA LYS C 1464 23.81 -17.57 -18.13
C LYS C 1464 24.14 -18.99 -17.67
N GLU C 1465 25.19 -19.56 -18.25
CA GLU C 1465 25.49 -20.96 -17.99
C GLU C 1465 25.93 -21.16 -16.55
N TRP C 1466 26.76 -20.24 -16.04
CA TRP C 1466 27.28 -20.41 -14.69
C TRP C 1466 26.18 -20.16 -13.67
N GLU C 1467 25.21 -19.30 -13.97
CA GLU C 1467 24.10 -19.11 -13.05
C GLU C 1467 23.28 -20.39 -12.90
N LEU C 1468 23.01 -21.08 -14.01
CA LEU C 1468 22.34 -22.37 -13.92
C LEU C 1468 23.18 -23.39 -13.15
N GLY C 1469 24.49 -23.42 -13.42
CA GLY C 1469 25.34 -24.35 -12.71
C GLY C 1469 25.36 -24.12 -11.21
N LEU C 1470 25.48 -22.85 -10.80
CA LEU C 1470 25.58 -22.54 -9.39
C LEU C 1470 24.23 -22.63 -8.69
N LEU C 1471 23.14 -22.35 -9.41
CA LEU C 1471 21.81 -22.58 -8.84
C LEU C 1471 21.56 -24.07 -8.64
N ILE C 1472 22.00 -24.89 -9.59
CA ILE C 1472 21.90 -26.34 -9.44
C ILE C 1472 22.72 -26.82 -8.24
N HIS C 1473 23.92 -26.26 -8.09
CA HIS C 1473 24.74 -26.58 -6.92
C HIS C 1473 24.08 -26.13 -5.62
N SER C 1474 23.45 -24.96 -5.62
CA SER C 1474 22.81 -24.46 -4.42
C SER C 1474 21.57 -25.27 -4.07
N LEU C 1475 20.94 -25.87 -5.07
CA LEU C 1475 19.83 -26.79 -4.81
C LEU C 1475 20.34 -28.12 -4.28
N GLN C 1476 21.18 -28.81 -5.05
CA GLN C 1476 21.53 -30.19 -4.73
C GLN C 1476 22.71 -30.28 -3.78
N LEU C 1477 23.65 -29.33 -3.85
CA LEU C 1477 24.87 -29.33 -3.02
C LEU C 1477 25.59 -30.65 -3.29
N GLU C 1478 25.88 -31.45 -2.27
CA GLU C 1478 26.56 -32.72 -2.44
C GLU C 1478 25.94 -33.71 -1.48
N LYS C 1479 26.23 -34.99 -1.70
CA LYS C 1479 25.78 -36.02 -0.76
C LYS C 1479 26.59 -35.94 0.53
N GLY C 1480 25.89 -35.95 1.66
CA GLY C 1480 26.48 -35.57 2.93
C GLY C 1480 26.21 -34.13 3.31
N LEU C 1481 25.41 -33.41 2.53
CA LEU C 1481 25.02 -32.04 2.79
C LEU C 1481 23.49 -31.97 2.77
N ALA C 1482 22.93 -31.02 3.52
CA ALA C 1482 21.49 -30.91 3.61
C ALA C 1482 21.08 -29.45 3.84
N HIS C 1483 19.80 -29.17 3.59
CA HIS C 1483 19.22 -27.85 3.76
C HIS C 1483 18.43 -27.80 5.07
N LYS C 1484 18.14 -26.58 5.53
CA LYS C 1484 17.33 -26.36 6.72
C LYS C 1484 16.10 -25.55 6.35
N LEU C 1485 14.92 -26.05 6.72
CA LEU C 1485 13.65 -25.41 6.40
C LEU C 1485 12.71 -25.50 7.59
N GLY C 1486 11.82 -24.51 7.71
CA GLY C 1486 10.80 -24.53 8.73
C GLY C 1486 11.22 -23.87 10.02
N MET C 1487 10.39 -24.08 11.04
CA MET C 1487 10.63 -23.50 12.36
C MET C 1487 11.39 -24.48 13.24
N ALA C 1488 11.88 -23.96 14.37
CA ALA C 1488 12.64 -24.73 15.36
C ALA C 1488 13.88 -25.37 14.76
N LYS C 1489 14.58 -24.63 13.89
CA LYS C 1489 15.80 -25.16 13.29
C LYS C 1489 16.92 -25.32 14.33
N SER C 1490 16.87 -24.50 15.39
CA SER C 1490 17.84 -24.64 16.47
C SER C 1490 17.58 -25.89 17.30
N MET C 1491 16.38 -26.46 17.21
CA MET C 1491 16.02 -27.65 17.97
C MET C 1491 16.18 -28.94 17.17
N GLY C 1492 16.75 -28.87 15.96
CA GLY C 1492 17.01 -30.03 15.14
C GLY C 1492 16.02 -30.26 14.02
N PHE C 1493 14.85 -29.62 14.08
CA PHE C 1493 13.83 -29.83 13.06
C PHE C 1493 14.25 -29.22 11.73
N GLY C 1494 13.86 -29.87 10.65
CA GLY C 1494 13.85 -29.26 9.35
C GLY C 1494 15.04 -29.48 8.45
N SER C 1495 15.72 -30.62 8.54
CA SER C 1495 16.78 -30.95 7.60
C SER C 1495 16.15 -31.57 6.35
N VAL C 1496 16.52 -31.05 5.18
CA VAL C 1496 15.96 -31.50 3.91
C VAL C 1496 17.08 -31.59 2.88
N GLU C 1497 16.78 -32.32 1.80
CA GLU C 1497 17.73 -32.52 0.71
C GLU C 1497 16.99 -32.34 -0.61
N ILE C 1498 17.67 -31.78 -1.60
CA ILE C 1498 17.09 -31.49 -2.91
C ILE C 1498 17.88 -32.24 -3.96
N ASP C 1499 17.19 -33.03 -4.77
CA ASP C 1499 17.77 -33.70 -5.93
C ASP C 1499 17.02 -33.25 -7.18
N VAL C 1500 17.76 -32.78 -8.17
CA VAL C 1500 17.18 -32.30 -9.41
C VAL C 1500 16.79 -33.49 -10.27
N GLU C 1501 15.52 -33.54 -10.70
CA GLU C 1501 15.03 -34.61 -11.55
C GLU C 1501 14.82 -34.21 -12.99
N SER C 1502 14.51 -32.95 -13.28
CA SER C 1502 14.27 -32.56 -14.66
C SER C 1502 14.77 -31.14 -14.91
N VAL C 1503 15.51 -30.97 -16.00
CA VAL C 1503 15.83 -29.64 -16.50
C VAL C 1503 15.39 -29.57 -17.96
N ARG C 1504 14.27 -28.90 -18.20
CA ARG C 1504 13.81 -28.70 -19.57
C ARG C 1504 14.23 -27.33 -20.05
N LEU C 1505 14.76 -27.26 -21.27
CA LEU C 1505 15.27 -26.02 -21.83
C LEU C 1505 14.45 -25.61 -23.04
N ARG C 1506 14.33 -24.30 -23.26
CA ARG C 1506 13.53 -23.76 -24.35
C ARG C 1506 14.45 -23.31 -25.48
N LYS C 1507 14.32 -23.92 -26.65
CA LYS C 1507 15.07 -23.49 -27.82
C LYS C 1507 14.23 -22.69 -28.80
N ASP C 1508 12.99 -23.11 -29.05
CA ASP C 1508 12.04 -22.37 -29.87
C ASP C 1508 10.72 -22.29 -29.11
N TRP C 1509 9.80 -21.50 -29.66
CA TRP C 1509 8.45 -21.44 -29.10
C TRP C 1509 7.75 -22.79 -29.18
N LYS C 1510 8.16 -23.63 -30.12
CA LYS C 1510 7.56 -24.95 -30.30
C LYS C 1510 8.44 -26.08 -29.76
N GLN C 1511 9.76 -25.96 -29.88
CA GLN C 1511 10.66 -27.03 -29.48
C GLN C 1511 11.23 -26.75 -28.09
N TRP C 1512 11.02 -27.68 -27.17
CA TRP C 1512 11.65 -27.66 -25.85
C TRP C 1512 12.45 -28.94 -25.70
N ARG C 1513 13.75 -28.80 -25.46
CA ARG C 1513 14.63 -29.95 -25.32
C ARG C 1513 14.75 -30.38 -23.87
N ASN C 1514 15.22 -31.60 -23.67
CA ASN C 1514 15.47 -32.15 -22.34
C ASN C 1514 16.92 -31.85 -21.99
N GLY C 1515 17.14 -31.19 -20.86
CA GLY C 1515 18.46 -30.73 -20.50
C GLY C 1515 19.18 -31.52 -19.43
N ASN C 1516 18.73 -32.75 -19.17
CA ASN C 1516 19.38 -33.57 -18.16
C ASN C 1516 20.82 -33.91 -18.55
N SER C 1517 21.14 -33.89 -19.84
CA SER C 1517 22.47 -34.28 -20.28
C SER C 1517 23.52 -33.22 -19.96
N GLU C 1518 23.19 -31.94 -20.16
CA GLU C 1518 24.16 -30.86 -20.05
C GLU C 1518 24.31 -30.31 -18.64
N ILE C 1519 23.85 -31.05 -17.63
CA ILE C 1519 24.05 -30.60 -16.25
C ILE C 1519 25.52 -30.50 -15.88
N PRO C 1520 26.40 -31.49 -16.16
CA PRO C 1520 27.80 -31.36 -15.74
C PRO C 1520 28.48 -30.07 -16.17
N ASN C 1521 28.45 -29.78 -17.48
CA ASN C 1521 29.15 -28.61 -17.99
C ASN C 1521 28.77 -27.35 -17.24
N TRP C 1522 27.46 -27.11 -17.10
CA TRP C 1522 26.98 -25.96 -16.34
C TRP C 1522 27.69 -25.88 -14.99
N LEU C 1523 27.63 -26.97 -14.22
CA LEU C 1523 28.26 -26.99 -12.90
C LEU C 1523 29.73 -26.59 -13.03
N GLY C 1524 30.46 -27.24 -13.94
CA GLY C 1524 31.86 -26.90 -14.09
C GLY C 1524 32.06 -25.44 -14.40
N LYS C 1525 31.27 -24.91 -15.34
CA LYS C 1525 31.40 -23.50 -15.69
C LYS C 1525 31.11 -22.63 -14.48
N GLY C 1526 30.07 -22.99 -13.71
CA GLY C 1526 29.83 -22.27 -12.47
C GLY C 1526 31.08 -22.23 -11.60
N PHE C 1527 31.68 -23.41 -11.39
CA PHE C 1527 32.90 -23.47 -10.61
C PHE C 1527 34.01 -22.66 -11.27
N ALA C 1528 34.08 -22.71 -12.60
CA ALA C 1528 35.09 -21.91 -13.30
C ALA C 1528 34.91 -20.44 -12.99
N LYS C 1529 33.66 -19.97 -12.98
CA LYS C 1529 33.41 -18.59 -12.60
C LYS C 1529 33.91 -18.32 -11.19
N LEU C 1530 33.60 -19.24 -10.27
CA LEU C 1530 34.04 -19.08 -8.89
C LEU C 1530 35.56 -19.03 -8.80
N LYS C 1531 36.25 -19.59 -9.79
CA LYS C 1531 37.71 -19.52 -9.76
C LYS C 1531 38.21 -18.14 -10.16
N GLU C 1532 37.61 -17.52 -11.19
CA GLU C 1532 38.09 -16.21 -11.61
C GLU C 1532 37.66 -15.14 -10.62
N TRP C 1533 36.48 -15.29 -10.03
CA TRP C 1533 36.05 -14.40 -8.97
C TRP C 1533 36.97 -14.52 -7.77
N PHE C 1534 37.03 -15.71 -7.18
CA PHE C 1534 37.80 -15.96 -5.96
C PHE C 1534 38.89 -16.97 -6.29
N ARG C 1535 40.10 -16.49 -6.54
CA ARG C 1535 41.20 -17.31 -7.02
C ARG C 1535 41.91 -17.92 -5.81
N ASP C 1536 41.67 -19.21 -5.58
CA ASP C 1536 42.30 -20.00 -4.52
C ASP C 1536 41.95 -19.50 -3.13
N GLU C 1537 40.91 -18.68 -2.98
CA GLU C 1537 40.48 -18.17 -1.70
C GLU C 1537 39.02 -18.53 -1.42
N LEU C 1538 38.62 -19.73 -1.82
CA LEU C 1538 37.23 -20.20 -1.66
C LEU C 1538 37.09 -20.94 -0.34
N ASP C 1539 37.25 -20.20 0.76
CA ASP C 1539 37.18 -20.78 2.09
C ASP C 1539 35.82 -20.64 2.74
N PHE C 1540 35.03 -19.64 2.35
CA PHE C 1540 33.65 -19.55 2.82
C PHE C 1540 32.83 -20.74 2.32
N ILE C 1541 33.20 -21.28 1.15
CA ILE C 1541 32.55 -22.47 0.62
C ILE C 1541 32.76 -23.65 1.56
N GLU C 1542 33.98 -23.82 2.06
CA GLU C 1542 34.27 -24.92 2.97
C GLU C 1542 33.53 -24.76 4.29
N ASN C 1543 33.46 -23.54 4.82
CA ASN C 1543 32.72 -23.30 6.05
C ASN C 1543 31.22 -23.58 5.86
N LEU C 1544 30.66 -23.11 4.75
CA LEU C 1544 29.27 -23.42 4.44
C LEU C 1544 29.06 -24.92 4.31
N LYS C 1545 30.01 -25.62 3.70
CA LYS C 1545 29.94 -27.06 3.57
C LYS C 1545 29.93 -27.74 4.95
N LYS C 1546 30.78 -27.26 5.86
CA LYS C 1546 30.83 -27.80 7.20
C LYS C 1546 29.55 -27.52 7.97
N LEU C 1547 28.92 -26.37 7.74
CA LEU C 1547 27.65 -26.06 8.40
C LEU C 1547 26.49 -26.82 7.79
N LEU C 1548 26.51 -27.04 6.48
CA LEU C 1548 25.50 -27.84 5.80
C LEU C 1548 25.70 -29.34 6.00
N TRP C 1549 26.70 -29.73 6.79
CA TRP C 1549 27.12 -31.12 6.92
C TRP C 1549 26.11 -31.88 7.76
N PHE C 1550 25.52 -32.90 7.17
CA PHE C 1550 24.60 -33.76 7.90
C PHE C 1550 25.39 -34.83 8.65
N PRO C 1551 25.20 -34.97 9.97
CA PRO C 1551 25.98 -35.94 10.74
C PRO C 1551 25.79 -37.36 10.22
N GLU C 1552 26.87 -38.11 10.21
CA GLU C 1552 26.86 -39.48 9.71
C GLU C 1552 26.12 -40.40 10.67
N GLY C 1553 25.77 -41.58 10.17
CA GLY C 1553 25.12 -42.57 11.02
C GLY C 1553 26.02 -42.98 12.17
N ASP C 1554 25.41 -43.23 13.32
CA ASP C 1554 26.08 -43.55 14.58
C ASP C 1554 26.96 -42.41 15.07
N GLN C 1555 26.78 -41.20 14.53
CA GLN C 1555 27.52 -40.01 14.93
C GLN C 1555 26.49 -38.96 15.30
N ALA C 1556 26.17 -38.87 16.58
CA ALA C 1556 25.13 -37.98 17.06
C ALA C 1556 25.71 -36.87 17.91
N PRO C 1557 25.87 -35.66 17.37
CA PRO C 1557 26.40 -34.56 18.18
C PRO C 1557 25.39 -34.10 19.22
N ARG C 1558 25.91 -33.52 20.30
CA ARG C 1558 25.10 -32.88 21.32
C ARG C 1558 25.16 -31.38 21.10
N VAL C 1559 24.01 -30.78 20.79
CA VAL C 1559 23.93 -29.38 20.39
C VAL C 1559 22.78 -28.74 21.15
N CYS C 1560 23.07 -27.68 21.91
CA CYS C 1560 22.05 -26.98 22.68
C CYS C 1560 22.57 -25.60 23.04
N TYR C 1561 21.68 -24.79 23.61
CA TYR C 1561 21.98 -23.45 24.09
C TYR C 1561 22.30 -23.50 25.59
N PRO C 1562 23.33 -22.79 26.05
CA PRO C 1562 23.59 -22.73 27.49
C PRO C 1562 22.45 -22.06 28.23
N MET C 1563 22.27 -22.46 29.50
CA MET C 1563 21.29 -21.81 30.35
C MET C 1563 21.83 -20.48 30.86
N LEU C 1564 21.00 -19.77 31.62
CA LEU C 1564 21.43 -18.51 32.22
C LEU C 1564 22.55 -18.74 33.23
N ARG C 1565 22.42 -19.75 34.07
CA ARG C 1565 23.42 -20.03 35.10
C ARG C 1565 23.58 -21.53 35.25
N LYS C 1566 24.72 -21.92 35.85
CA LYS C 1566 24.97 -23.34 36.11
C LYS C 1566 23.99 -23.90 37.13
N LYS C 1567 23.55 -23.08 38.09
CA LYS C 1567 22.59 -23.55 39.08
C LYS C 1567 21.26 -23.94 38.47
N ASP C 1568 20.95 -23.42 37.27
CA ASP C 1568 19.74 -23.79 36.56
C ASP C 1568 19.89 -25.04 35.71
N ASP C 1569 21.10 -25.54 35.51
CA ASP C 1569 21.33 -26.67 34.63
C ASP C 1569 21.70 -27.91 35.43
N PRO C 1570 20.83 -28.93 35.50
CA PRO C 1570 21.18 -30.14 36.24
C PRO C 1570 22.41 -30.86 35.71
N ASN C 1571 22.70 -30.74 34.41
CA ASN C 1571 23.83 -31.45 33.82
C ASN C 1571 25.18 -30.90 34.25
N GLY C 1572 25.22 -29.75 34.92
CA GLY C 1572 26.46 -29.17 35.37
C GLY C 1572 27.21 -28.37 34.34
N ASN C 1573 26.65 -28.20 33.14
CA ASN C 1573 27.31 -27.41 32.11
C ASN C 1573 27.21 -25.93 32.45
N SER C 1574 28.28 -25.19 32.16
CA SER C 1574 28.34 -23.77 32.51
C SER C 1574 27.27 -22.99 31.78
N GLY C 1575 26.64 -22.05 32.50
CA GLY C 1575 25.62 -21.20 31.94
C GLY C 1575 26.20 -20.03 31.18
N TYR C 1576 25.32 -19.12 30.77
CA TYR C 1576 25.74 -17.98 29.96
C TYR C 1576 26.61 -17.01 30.76
N GLU C 1577 26.30 -16.81 32.04
CA GLU C 1577 27.07 -15.87 32.84
C GLU C 1577 28.51 -16.32 33.00
N GLU C 1578 28.73 -17.59 33.37
CA GLU C 1578 30.07 -18.09 33.53
C GLU C 1578 30.78 -18.28 32.20
N LEU C 1579 30.02 -18.58 31.14
CA LEU C 1579 30.61 -18.65 29.80
C LEU C 1579 31.05 -17.29 29.31
N LYS C 1580 30.41 -16.21 29.75
CA LYS C 1580 30.76 -14.88 29.27
C LYS C 1580 32.19 -14.51 29.64
N ASP C 1581 32.68 -15.02 30.78
CA ASP C 1581 34.02 -14.71 31.26
C ASP C 1581 34.97 -15.90 31.16
N GLY C 1582 34.54 -17.00 30.55
CA GLY C 1582 35.39 -18.17 30.42
C GLY C 1582 35.76 -18.48 28.99
N GLU C 1583 35.14 -19.52 28.43
CA GLU C 1583 35.45 -19.91 27.05
C GLU C 1583 35.00 -18.85 26.06
N PHE C 1584 33.88 -18.19 26.34
CA PHE C 1584 33.29 -17.20 25.45
C PHE C 1584 33.54 -15.76 25.91
N LYS C 1585 34.74 -15.47 26.39
CA LYS C 1585 35.13 -14.09 26.64
C LYS C 1585 35.03 -13.28 25.35
N LYS C 1586 34.83 -11.97 25.47
CA LYS C 1586 34.53 -11.15 24.30
C LYS C 1586 35.65 -11.21 23.26
N GLU C 1587 36.87 -11.55 23.70
CA GLU C 1587 38.01 -11.50 22.79
C GLU C 1587 37.96 -12.62 21.77
N ASP C 1588 37.65 -13.84 22.20
CA ASP C 1588 37.64 -15.00 21.31
C ASP C 1588 36.24 -15.45 20.92
N ARG C 1589 35.20 -14.69 21.30
CA ARG C 1589 33.83 -15.10 21.00
C ARG C 1589 33.58 -15.15 19.50
N GLN C 1590 34.08 -14.16 18.75
CA GLN C 1590 33.83 -14.13 17.32
C GLN C 1590 34.57 -15.25 16.60
N LYS C 1591 35.74 -15.65 17.10
CA LYS C 1591 36.44 -16.77 16.49
C LYS C 1591 35.83 -18.11 16.87
N LYS C 1592 35.25 -18.23 18.06
CA LYS C 1592 34.58 -19.47 18.42
C LYS C 1592 33.23 -19.59 17.72
N LEU C 1593 32.59 -18.48 17.39
CA LEU C 1593 31.28 -18.52 16.75
C LEU C 1593 31.35 -18.46 15.23
N THR C 1594 32.51 -18.12 14.66
CA THR C 1594 32.69 -18.14 13.22
C THR C 1594 33.41 -19.40 12.76
N THR C 1595 33.76 -20.29 13.68
CA THR C 1595 34.36 -21.58 13.35
C THR C 1595 33.29 -22.65 13.42
N PRO C 1596 32.90 -23.26 12.31
CA PRO C 1596 31.83 -24.26 12.36
C PRO C 1596 32.20 -25.43 13.26
N TRP C 1597 31.20 -25.87 14.04
CA TRP C 1597 31.34 -27.02 14.93
C TRP C 1597 32.46 -26.82 15.95
N THR C 1598 32.36 -25.73 16.71
CA THR C 1598 33.26 -25.46 17.82
C THR C 1598 32.53 -25.62 19.13
N PRO C 1599 33.04 -26.45 20.05
CA PRO C 1599 32.28 -26.74 21.28
C PRO C 1599 32.39 -25.62 22.30
N TRP C 1600 31.43 -25.63 23.24
CA TRP C 1600 31.44 -24.73 24.37
C TRP C 1600 31.42 -25.45 25.72
N ALA C 1601 31.35 -26.78 25.73
CA ALA C 1601 31.36 -27.55 26.96
C ALA C 1601 31.95 -28.92 26.67
N SER C 1602 32.72 -29.44 27.61
CA SER C 1602 33.39 -30.72 27.42
C SER C 1602 32.72 -31.88 28.14
N SER C 1603 31.89 -31.60 29.15
CA SER C 1603 31.18 -32.63 29.89
C SER C 1603 32.10 -33.72 30.43
N ASN D 3 25.15 6.03 -19.87
CA ASN D 3 25.14 5.97 -18.42
C ASN D 3 24.89 7.35 -17.81
N PRO D 4 23.63 7.74 -17.70
CA PRO D 4 23.31 9.06 -17.13
C PRO D 4 23.82 9.24 -15.71
N ILE D 5 23.85 8.17 -14.92
CA ILE D 5 24.24 8.29 -13.52
C ILE D 5 25.72 8.63 -13.40
N ARG D 6 26.56 8.03 -14.25
CA ARG D 6 27.96 8.41 -14.29
C ARG D 6 28.13 9.88 -14.69
N ASP D 7 27.31 10.35 -15.63
CA ASP D 7 27.32 11.75 -15.99
C ASP D 7 27.00 12.63 -14.80
N ILE D 8 25.95 12.28 -14.06
CA ILE D 8 25.56 13.05 -12.88
C ILE D 8 26.69 13.05 -11.87
N GLN D 9 27.35 11.90 -11.69
CA GLN D 9 28.46 11.82 -10.74
C GLN D 9 29.59 12.75 -11.14
N ASP D 10 29.95 12.77 -12.43
CA ASP D 10 31.02 13.63 -12.89
C ASP D 10 30.68 15.10 -12.67
N ARG D 11 29.48 15.51 -13.07
CA ARG D 11 29.15 16.93 -12.94
C ARG D 11 28.90 17.32 -11.49
N LEU D 12 28.59 16.35 -10.62
CA LEU D 12 28.52 16.62 -9.18
C LEU D 12 29.91 16.84 -8.60
N LYS D 13 30.87 16.00 -8.99
CA LYS D 13 32.22 16.14 -8.46
C LYS D 13 32.91 17.38 -9.00
N THR D 14 32.53 17.84 -10.18
CA THR D 14 33.12 19.06 -10.75
C THR D 14 32.27 20.30 -10.51
N ALA D 15 31.11 20.17 -9.87
CA ALA D 15 30.25 21.33 -9.66
C ALA D 15 30.79 22.23 -8.56
N LYS D 16 30.86 23.52 -8.85
CA LYS D 16 31.03 24.56 -7.84
C LYS D 16 29.78 25.43 -7.86
N PHE D 17 29.18 25.63 -6.68
CA PHE D 17 27.88 26.28 -6.62
C PHE D 17 27.96 27.77 -6.92
N ASP D 18 29.14 28.37 -6.87
CA ASP D 18 29.28 29.77 -7.26
C ASP D 18 29.07 29.94 -8.75
N ASN D 19 29.56 29.00 -9.55
CA ASN D 19 29.47 29.10 -11.00
C ASN D 19 28.07 28.69 -11.46
N LYS D 20 27.39 29.60 -12.16
CA LYS D 20 26.04 29.30 -12.65
C LYS D 20 26.06 28.27 -13.77
N ASP D 21 27.10 28.28 -14.62
CA ASP D 21 27.16 27.34 -15.74
C ASP D 21 27.23 25.91 -15.25
N ASP D 22 28.04 25.64 -14.22
CA ASP D 22 28.14 24.29 -13.69
C ASP D 22 26.80 23.83 -13.11
N MET D 23 26.11 24.72 -12.39
CA MET D 23 24.82 24.36 -11.84
C MET D 23 23.80 24.09 -12.93
N MET D 24 23.82 24.89 -14.00
CA MET D 24 22.90 24.65 -15.11
C MET D 24 23.19 23.32 -15.78
N ASN D 25 24.47 22.97 -15.95
CA ASN D 25 24.82 21.69 -16.54
C ASN D 25 24.39 20.53 -15.65
N LEU D 26 24.58 20.67 -14.33
CA LEU D 26 24.14 19.63 -13.41
C LEU D 26 22.63 19.46 -13.45
N ALA D 27 21.89 20.57 -13.52
CA ALA D 27 20.44 20.49 -13.66
C ALA D 27 20.05 19.81 -14.96
N SER D 28 20.79 20.09 -16.05
CA SER D 28 20.52 19.43 -17.32
C SER D 28 20.74 17.92 -17.20
N SER D 29 21.81 17.50 -16.54
CA SER D 29 22.05 16.08 -16.36
C SER D 29 20.95 15.43 -15.52
N LEU D 30 20.52 16.09 -14.45
CA LEU D 30 19.45 15.56 -13.61
C LEU D 30 18.16 15.44 -14.39
N TYR D 31 17.83 16.46 -15.19
CA TYR D 31 16.62 16.42 -15.99
C TYR D 31 16.70 15.31 -17.04
N LYS D 32 17.89 15.09 -17.62
CA LYS D 32 18.05 14.02 -18.59
C LYS D 32 17.81 12.66 -17.94
N TYR D 33 18.35 12.47 -16.73
CA TYR D 33 18.09 11.21 -16.02
C TYR D 33 16.60 11.07 -15.70
N GLU D 34 15.95 12.15 -15.30
CA GLU D 34 14.52 12.11 -15.02
C GLU D 34 13.75 11.70 -16.28
N LYS D 35 14.14 12.26 -17.43
CA LYS D 35 13.48 11.91 -18.69
C LYS D 35 13.70 10.44 -19.03
N GLN D 36 14.91 9.92 -18.80
CA GLN D 36 15.15 8.49 -19.05
C GLN D 36 14.29 7.63 -18.13
N LEU D 37 14.12 8.04 -16.87
CA LEU D 37 13.24 7.28 -15.99
C LEU D 37 11.79 7.33 -16.44
N MET D 38 11.33 8.51 -16.90
CA MET D 38 9.93 8.67 -17.28
C MET D 38 9.57 7.78 -18.46
N ASP D 39 10.36 7.87 -19.54
CA ASP D 39 10.14 7.06 -20.73
C ASP D 39 10.93 5.76 -20.56
N SER D 40 10.21 4.64 -20.48
CA SER D 40 10.83 3.34 -20.32
C SER D 40 11.82 3.07 -21.44
N SER D 41 13.06 2.75 -21.06
CA SER D 41 14.14 2.57 -22.03
C SER D 41 15.18 1.64 -21.43
N GLU D 42 16.28 1.46 -22.17
CA GLU D 42 17.40 0.69 -21.65
C GLU D 42 18.10 1.40 -20.50
N ALA D 43 18.07 2.74 -20.50
CA ALA D 43 18.70 3.51 -19.44
C ALA D 43 18.05 3.29 -18.09
N THR D 44 16.83 2.75 -18.06
CA THR D 44 16.20 2.40 -16.79
C THR D 44 16.83 1.18 -16.15
N LEU D 45 17.64 0.42 -16.89
CA LEU D 45 18.36 -0.72 -16.34
C LEU D 45 19.62 -0.30 -15.59
N CYS D 46 19.78 1.00 -15.33
CA CYS D 46 20.89 1.53 -14.54
C CYS D 46 20.53 1.35 -13.07
N GLN D 47 20.96 0.22 -12.51
CA GLN D 47 20.62 -0.14 -11.15
C GLN D 47 21.67 0.28 -10.12
N GLN D 48 22.50 1.26 -10.46
CA GLN D 48 23.57 1.69 -9.57
C GLN D 48 23.14 2.89 -8.74
N GLY D 49 24.01 3.27 -7.80
CA GLY D 49 23.80 4.47 -7.03
C GLY D 49 24.90 5.49 -7.24
N LEU D 50 25.25 6.22 -6.19
CA LEU D 50 26.30 7.23 -6.27
C LEU D 50 27.40 6.89 -5.27
N SER D 51 28.64 7.04 -5.72
CA SER D 51 29.78 6.90 -4.83
C SER D 51 29.92 8.15 -3.96
N ASN D 52 30.52 7.97 -2.79
CA ASN D 52 30.70 9.04 -1.81
C ASN D 52 29.35 9.65 -1.41
N ARG D 53 28.53 8.80 -0.77
CA ARG D 53 27.17 9.21 -0.42
C ARG D 53 27.08 10.48 0.42
N PRO D 54 27.90 10.70 1.45
CA PRO D 54 27.77 11.96 2.21
C PRO D 54 28.00 13.20 1.36
N ASN D 55 29.07 13.22 0.57
CA ASN D 55 29.37 14.39 -0.25
C ASN D 55 28.32 14.58 -1.34
N SER D 56 27.88 13.50 -1.97
CA SER D 56 26.86 13.59 -2.99
C SER D 56 25.55 14.11 -2.40
N PHE D 57 25.18 13.63 -1.22
CA PHE D 57 23.99 14.11 -0.54
C PHE D 57 24.12 15.59 -0.21
N SER D 58 25.29 16.02 0.27
CA SER D 58 25.47 17.43 0.61
C SER D 58 25.33 18.30 -0.64
N GLN D 59 25.96 17.89 -1.74
CA GLN D 59 25.86 18.68 -2.97
C GLN D 59 24.44 18.72 -3.51
N LEU D 60 23.73 17.58 -3.48
CA LEU D 60 22.36 17.56 -3.96
C LEU D 60 21.45 18.43 -3.10
N SER D 61 21.63 18.38 -1.77
CA SER D 61 20.84 19.22 -0.88
C SER D 61 21.13 20.69 -1.09
N GLN D 62 22.40 21.05 -1.32
CA GLN D 62 22.73 22.43 -1.62
C GLN D 62 22.10 22.87 -2.94
N PHE D 63 22.10 21.99 -3.94
CA PHE D 63 21.46 22.31 -5.21
C PHE D 63 19.95 22.52 -5.03
N ARG D 64 19.32 21.73 -4.16
CA ARG D 64 17.89 21.88 -3.94
C ARG D 64 17.57 23.08 -3.05
N ASP D 65 18.55 23.57 -2.30
CA ASP D 65 18.34 24.71 -1.42
C ASP D 65 18.32 26.01 -2.22
ZN ZN E . -46.62 34.09 -50.11
ZN ZN F . -21.25 12.97 -45.07
ZN ZN G . 4.89 0.31 -32.59
ZN ZN H . 22.54 -7.62 -3.57
#